data_3JU3
# 
_entry.id   3JU3 
# 
_audit_conform.dict_name       mmcif_pdbx.dic 
_audit_conform.dict_version    5.398 
_audit_conform.dict_location   http://mmcif.pdb.org/dictionaries/ascii/mmcif_pdbx.dic 
# 
loop_
_database_2.database_id 
_database_2.database_code 
_database_2.pdbx_database_accession 
_database_2.pdbx_DOI 
PDB   3JU3         pdb_00003ju3 10.2210/pdb3ju3/pdb 
RCSB  RCSB055160   ?            ?                   
WWPDB D_1000055160 ?            ?                   
# 
loop_
_pdbx_audit_revision_history.ordinal 
_pdbx_audit_revision_history.data_content_type 
_pdbx_audit_revision_history.major_revision 
_pdbx_audit_revision_history.minor_revision 
_pdbx_audit_revision_history.revision_date 
1 'Structure model' 1 0 2009-09-22 
2 'Structure model' 1 1 2011-07-13 
3 'Structure model' 1 2 2017-11-01 
4 'Structure model' 1 3 2024-11-06 
# 
_pdbx_audit_revision_details.ordinal             1 
_pdbx_audit_revision_details.revision_ordinal    1 
_pdbx_audit_revision_details.data_content_type   'Structure model' 
_pdbx_audit_revision_details.provider            repository 
_pdbx_audit_revision_details.type                'Initial release' 
_pdbx_audit_revision_details.description         ? 
_pdbx_audit_revision_details.details             ? 
# 
loop_
_pdbx_audit_revision_group.ordinal 
_pdbx_audit_revision_group.revision_ordinal 
_pdbx_audit_revision_group.data_content_type 
_pdbx_audit_revision_group.group 
1 2 'Structure model' Advisory                    
2 2 'Structure model' 'Version format compliance' 
3 3 'Structure model' 'Refinement description'    
4 4 'Structure model' 'Data collection'           
5 4 'Structure model' 'Database references'       
6 4 'Structure model' 'Derived calculations'      
7 4 'Structure model' 'Structure summary'         
# 
loop_
_pdbx_audit_revision_category.ordinal 
_pdbx_audit_revision_category.revision_ordinal 
_pdbx_audit_revision_category.data_content_type 
_pdbx_audit_revision_category.category 
1 3 'Structure model' software                  
2 4 'Structure model' chem_comp_atom            
3 4 'Structure model' chem_comp_bond            
4 4 'Structure model' database_2                
5 4 'Structure model' pdbx_entry_details        
6 4 'Structure model' pdbx_modification_feature 
7 4 'Structure model' struct_conn               
8 4 'Structure model' struct_ref_seq_dif        
9 4 'Structure model' struct_site               
# 
loop_
_pdbx_audit_revision_item.ordinal 
_pdbx_audit_revision_item.revision_ordinal 
_pdbx_audit_revision_item.data_content_type 
_pdbx_audit_revision_item.item 
1 4 'Structure model' '_database_2.pdbx_DOI'                
2 4 'Structure model' '_database_2.pdbx_database_accession' 
3 4 'Structure model' '_struct_conn.pdbx_leaving_atom_flag' 
4 4 'Structure model' '_struct_ref_seq_dif.details'         
5 4 'Structure model' '_struct_site.pdbx_auth_asym_id'      
6 4 'Structure model' '_struct_site.pdbx_auth_comp_id'      
7 4 'Structure model' '_struct_site.pdbx_auth_seq_id'       
# 
_pdbx_database_status.status_code                     REL 
_pdbx_database_status.entry_id                        3JU3 
_pdbx_database_status.recvd_initial_deposition_date   2009-09-14 
_pdbx_database_status.deposit_site                    RCSB 
_pdbx_database_status.process_site                    RCSB 
_pdbx_database_status.status_code_sf                  REL 
_pdbx_database_status.status_code_mr                  ? 
_pdbx_database_status.SG_entry                        Y 
_pdbx_database_status.pdb_format_compatible           Y 
_pdbx_database_status.status_code_cs                  ? 
_pdbx_database_status.methods_development_category    ? 
_pdbx_database_status.status_code_nmr_data            ? 
# 
_pdbx_database_related.db_name        TargetDB 
_pdbx_database_related.db_id          APC36729.1 
_pdbx_database_related.details        . 
_pdbx_database_related.content_type   unspecified 
# 
loop_
_audit_author.name 
_audit_author.pdbx_ordinal 
'Chang, C.'                                     1 
'Marshall, N.'                                  2 
'Bearden, J.'                                   3 
'Joachimiak, A.'                                4 
'Midwest Center for Structural Genomics (MCSG)' 5 
# 
_citation.id                        primary 
_citation.title                     
'Crystal structure of alpha chain of probable 2-oxoacid ferredoxin oxidoreductase from Thermoplasma acidophilum' 
_citation.journal_abbrev            'To be Published' 
_citation.journal_volume            ? 
_citation.page_first                ? 
_citation.page_last                 ? 
_citation.year                      ? 
_citation.journal_id_ASTM           ? 
_citation.country                   ? 
_citation.journal_id_ISSN           ? 
_citation.journal_id_CSD            0353 
_citation.book_publisher            ? 
_citation.pdbx_database_id_PubMed   ? 
_citation.pdbx_database_id_DOI      ? 
# 
loop_
_citation_author.citation_id 
_citation_author.name 
_citation_author.ordinal 
_citation_author.identifier_ORCID 
primary 'Chang, C.'      1 ? 
primary 'Marshall, N.'   2 ? 
primary 'Bearden, J.'    3 ? 
primary 'Joachimiak, A.' 4 ? 
# 
loop_
_entity.id 
_entity.type 
_entity.src_method 
_entity.pdbx_description 
_entity.formula_weight 
_entity.pdbx_number_of_molecules 
_entity.pdbx_ec 
_entity.pdbx_mutation 
_entity.pdbx_fragment 
_entity.details 
1 polymer     man 'Probable 2-oxoacid ferredoxin oxidoreductase, alpha chain' 13348.855 1  ? ? 
'sequence database residues 504-618' ? 
2 non-polymer syn 1,2-ETHANEDIOL                                              62.068    1  ? ? ? ? 
3 water       nat water                                                       18.015    89 ? ? ? ? 
# 
_entity_poly.entity_id                      1 
_entity_poly.type                           'polypeptide(L)' 
_entity_poly.nstd_linkage                   no 
_entity_poly.nstd_monomer                   yes 
_entity_poly.pdbx_seq_one_letter_code       
;SNAEKAVLIGEKEADITFVTWGSQKGPILDVIEDLKEEGISANLLYLK(MSE)FSPFPTEFVKNVLSSANLVIDVESNYT
AQAAQ(MSE)IKLYTGIDIKNKILKYNGRH(MSE)TEDEILKSAKEILNK
;
_entity_poly.pdbx_seq_one_letter_code_can   
;SNAEKAVLIGEKEADITFVTWGSQKGPILDVIEDLKEEGISANLLYLKMFSPFPTEFVKNVLSSANLVIDVESNYTAQAA
QMIKLYTGIDIKNKILKYNGRHMTEDEILKSAKEILNK
;
_entity_poly.pdbx_strand_id                 A 
_entity_poly.pdbx_target_identifier         APC36729.1 
# 
loop_
_pdbx_entity_nonpoly.entity_id 
_pdbx_entity_nonpoly.name 
_pdbx_entity_nonpoly.comp_id 
2 1,2-ETHANEDIOL EDO 
3 water          HOH 
# 
loop_
_entity_poly_seq.entity_id 
_entity_poly_seq.num 
_entity_poly_seq.mon_id 
_entity_poly_seq.hetero 
1 1   SER n 
1 2   ASN n 
1 3   ALA n 
1 4   GLU n 
1 5   LYS n 
1 6   ALA n 
1 7   VAL n 
1 8   LEU n 
1 9   ILE n 
1 10  GLY n 
1 11  GLU n 
1 12  LYS n 
1 13  GLU n 
1 14  ALA n 
1 15  ASP n 
1 16  ILE n 
1 17  THR n 
1 18  PHE n 
1 19  VAL n 
1 20  THR n 
1 21  TRP n 
1 22  GLY n 
1 23  SER n 
1 24  GLN n 
1 25  LYS n 
1 26  GLY n 
1 27  PRO n 
1 28  ILE n 
1 29  LEU n 
1 30  ASP n 
1 31  VAL n 
1 32  ILE n 
1 33  GLU n 
1 34  ASP n 
1 35  LEU n 
1 36  LYS n 
1 37  GLU n 
1 38  GLU n 
1 39  GLY n 
1 40  ILE n 
1 41  SER n 
1 42  ALA n 
1 43  ASN n 
1 44  LEU n 
1 45  LEU n 
1 46  TYR n 
1 47  LEU n 
1 48  LYS n 
1 49  MSE n 
1 50  PHE n 
1 51  SER n 
1 52  PRO n 
1 53  PHE n 
1 54  PRO n 
1 55  THR n 
1 56  GLU n 
1 57  PHE n 
1 58  VAL n 
1 59  LYS n 
1 60  ASN n 
1 61  VAL n 
1 62  LEU n 
1 63  SER n 
1 64  SER n 
1 65  ALA n 
1 66  ASN n 
1 67  LEU n 
1 68  VAL n 
1 69  ILE n 
1 70  ASP n 
1 71  VAL n 
1 72  GLU n 
1 73  SER n 
1 74  ASN n 
1 75  TYR n 
1 76  THR n 
1 77  ALA n 
1 78  GLN n 
1 79  ALA n 
1 80  ALA n 
1 81  GLN n 
1 82  MSE n 
1 83  ILE n 
1 84  LYS n 
1 85  LEU n 
1 86  TYR n 
1 87  THR n 
1 88  GLY n 
1 89  ILE n 
1 90  ASP n 
1 91  ILE n 
1 92  LYS n 
1 93  ASN n 
1 94  LYS n 
1 95  ILE n 
1 96  LEU n 
1 97  LYS n 
1 98  TYR n 
1 99  ASN n 
1 100 GLY n 
1 101 ARG n 
1 102 HIS n 
1 103 MSE n 
1 104 THR n 
1 105 GLU n 
1 106 ASP n 
1 107 GLU n 
1 108 ILE n 
1 109 LEU n 
1 110 LYS n 
1 111 SER n 
1 112 ALA n 
1 113 LYS n 
1 114 GLU n 
1 115 ILE n 
1 116 LEU n 
1 117 ASN n 
1 118 LYS n 
# 
_entity_src_gen.entity_id                          1 
_entity_src_gen.pdbx_src_id                        1 
_entity_src_gen.pdbx_alt_source_flag               sample 
_entity_src_gen.pdbx_seq_type                      ? 
_entity_src_gen.pdbx_beg_seq_num                   ? 
_entity_src_gen.pdbx_end_seq_num                   ? 
_entity_src_gen.gene_src_common_name               ? 
_entity_src_gen.gene_src_genus                     ? 
_entity_src_gen.pdbx_gene_src_gene                 Ta0773 
_entity_src_gen.gene_src_species                   ? 
_entity_src_gen.gene_src_strain                    ? 
_entity_src_gen.gene_src_tissue                    ? 
_entity_src_gen.gene_src_tissue_fraction           ? 
_entity_src_gen.gene_src_details                   ? 
_entity_src_gen.pdbx_gene_src_fragment             ? 
_entity_src_gen.pdbx_gene_src_scientific_name      'Thermoplasma acidophilum' 
_entity_src_gen.pdbx_gene_src_ncbi_taxonomy_id     2303 
_entity_src_gen.pdbx_gene_src_variant              ? 
_entity_src_gen.pdbx_gene_src_cell_line            ? 
_entity_src_gen.pdbx_gene_src_atcc                 ? 
_entity_src_gen.pdbx_gene_src_organ                ? 
_entity_src_gen.pdbx_gene_src_organelle            ? 
_entity_src_gen.pdbx_gene_src_cell                 ? 
_entity_src_gen.pdbx_gene_src_cellular_location    ? 
_entity_src_gen.host_org_common_name               ? 
_entity_src_gen.pdbx_host_org_scientific_name      'Escherichia coli' 
_entity_src_gen.pdbx_host_org_ncbi_taxonomy_id     469008 
_entity_src_gen.host_org_genus                     ? 
_entity_src_gen.pdbx_host_org_gene                 ? 
_entity_src_gen.pdbx_host_org_organ                ? 
_entity_src_gen.host_org_species                   ? 
_entity_src_gen.pdbx_host_org_tissue               ? 
_entity_src_gen.pdbx_host_org_tissue_fraction      ? 
_entity_src_gen.pdbx_host_org_strain               'BL21(DE3)magic' 
_entity_src_gen.pdbx_host_org_variant              ? 
_entity_src_gen.pdbx_host_org_cell_line            ? 
_entity_src_gen.pdbx_host_org_atcc                 ? 
_entity_src_gen.pdbx_host_org_culture_collection   ? 
_entity_src_gen.pdbx_host_org_cell                 ? 
_entity_src_gen.pdbx_host_org_organelle            ? 
_entity_src_gen.pdbx_host_org_cellular_location    ? 
_entity_src_gen.pdbx_host_org_vector_type          ? 
_entity_src_gen.pdbx_host_org_vector               pMCSG19 
_entity_src_gen.host_org_details                   ? 
_entity_src_gen.expression_system_id               ? 
_entity_src_gen.plasmid_name                       ? 
_entity_src_gen.plasmid_details                    ? 
_entity_src_gen.pdbx_description                   ? 
# 
loop_
_chem_comp.id 
_chem_comp.type 
_chem_comp.mon_nstd_flag 
_chem_comp.name 
_chem_comp.pdbx_synonyms 
_chem_comp.formula 
_chem_comp.formula_weight 
ALA 'L-peptide linking' y ALANINE          ?                 'C3 H7 N O2'     89.093  
ARG 'L-peptide linking' y ARGININE         ?                 'C6 H15 N4 O2 1' 175.209 
ASN 'L-peptide linking' y ASPARAGINE       ?                 'C4 H8 N2 O3'    132.118 
ASP 'L-peptide linking' y 'ASPARTIC ACID'  ?                 'C4 H7 N O4'     133.103 
EDO non-polymer         . 1,2-ETHANEDIOL   'ETHYLENE GLYCOL' 'C2 H6 O2'       62.068  
GLN 'L-peptide linking' y GLUTAMINE        ?                 'C5 H10 N2 O3'   146.144 
GLU 'L-peptide linking' y 'GLUTAMIC ACID'  ?                 'C5 H9 N O4'     147.129 
GLY 'peptide linking'   y GLYCINE          ?                 'C2 H5 N O2'     75.067  
HIS 'L-peptide linking' y HISTIDINE        ?                 'C6 H10 N3 O2 1' 156.162 
HOH non-polymer         . WATER            ?                 'H2 O'           18.015  
ILE 'L-peptide linking' y ISOLEUCINE       ?                 'C6 H13 N O2'    131.173 
LEU 'L-peptide linking' y LEUCINE          ?                 'C6 H13 N O2'    131.173 
LYS 'L-peptide linking' y LYSINE           ?                 'C6 H15 N2 O2 1' 147.195 
MSE 'L-peptide linking' n SELENOMETHIONINE ?                 'C5 H11 N O2 Se' 196.106 
PHE 'L-peptide linking' y PHENYLALANINE    ?                 'C9 H11 N O2'    165.189 
PRO 'L-peptide linking' y PROLINE          ?                 'C5 H9 N O2'     115.130 
SER 'L-peptide linking' y SERINE           ?                 'C3 H7 N O3'     105.093 
THR 'L-peptide linking' y THREONINE        ?                 'C4 H9 N O3'     119.119 
TRP 'L-peptide linking' y TRYPTOPHAN       ?                 'C11 H12 N2 O2'  204.225 
TYR 'L-peptide linking' y TYROSINE         ?                 'C9 H11 N O3'    181.189 
VAL 'L-peptide linking' y VALINE           ?                 'C5 H11 N O2'    117.146 
# 
loop_
_pdbx_poly_seq_scheme.asym_id 
_pdbx_poly_seq_scheme.entity_id 
_pdbx_poly_seq_scheme.seq_id 
_pdbx_poly_seq_scheme.mon_id 
_pdbx_poly_seq_scheme.ndb_seq_num 
_pdbx_poly_seq_scheme.pdb_seq_num 
_pdbx_poly_seq_scheme.auth_seq_num 
_pdbx_poly_seq_scheme.pdb_mon_id 
_pdbx_poly_seq_scheme.auth_mon_id 
_pdbx_poly_seq_scheme.pdb_strand_id 
_pdbx_poly_seq_scheme.pdb_ins_code 
_pdbx_poly_seq_scheme.hetero 
A 1 1   SER 1   501 ?   ?   ?   A . n 
A 1 2   ASN 2   502 ?   ?   ?   A . n 
A 1 3   ALA 3   503 503 ALA ALA A . n 
A 1 4   GLU 4   504 504 GLU GLU A . n 
A 1 5   LYS 5   505 505 LYS LYS A . n 
A 1 6   ALA 6   506 506 ALA ALA A . n 
A 1 7   VAL 7   507 507 VAL VAL A . n 
A 1 8   LEU 8   508 508 LEU LEU A . n 
A 1 9   ILE 9   509 509 ILE ILE A . n 
A 1 10  GLY 10  510 510 GLY GLY A . n 
A 1 11  GLU 11  511 511 GLU GLU A . n 
A 1 12  LYS 12  512 512 LYS LYS A . n 
A 1 13  GLU 13  513 513 GLU GLU A . n 
A 1 14  ALA 14  514 514 ALA ALA A . n 
A 1 15  ASP 15  515 515 ASP ASP A . n 
A 1 16  ILE 16  516 516 ILE ILE A . n 
A 1 17  THR 17  517 517 THR THR A . n 
A 1 18  PHE 18  518 518 PHE PHE A . n 
A 1 19  VAL 19  519 519 VAL VAL A . n 
A 1 20  THR 20  520 520 THR THR A . n 
A 1 21  TRP 21  521 521 TRP TRP A . n 
A 1 22  GLY 22  522 522 GLY GLY A . n 
A 1 23  SER 23  523 523 SER SER A . n 
A 1 24  GLN 24  524 524 GLN GLN A . n 
A 1 25  LYS 25  525 525 LYS LYS A . n 
A 1 26  GLY 26  526 526 GLY GLY A . n 
A 1 27  PRO 27  527 527 PRO PRO A . n 
A 1 28  ILE 28  528 528 ILE ILE A . n 
A 1 29  LEU 29  529 529 LEU LEU A . n 
A 1 30  ASP 30  530 530 ASP ASP A . n 
A 1 31  VAL 31  531 531 VAL VAL A . n 
A 1 32  ILE 32  532 532 ILE ILE A . n 
A 1 33  GLU 33  533 533 GLU GLU A . n 
A 1 34  ASP 34  534 534 ASP ASP A . n 
A 1 35  LEU 35  535 535 LEU LEU A . n 
A 1 36  LYS 36  536 536 LYS LYS A . n 
A 1 37  GLU 37  537 537 GLU GLU A . n 
A 1 38  GLU 38  538 538 GLU GLU A . n 
A 1 39  GLY 39  539 539 GLY GLY A . n 
A 1 40  ILE 40  540 540 ILE ILE A . n 
A 1 41  SER 41  541 541 SER SER A . n 
A 1 42  ALA 42  542 542 ALA ALA A . n 
A 1 43  ASN 43  543 543 ASN ASN A . n 
A 1 44  LEU 44  544 544 LEU LEU A . n 
A 1 45  LEU 45  545 545 LEU LEU A . n 
A 1 46  TYR 46  546 546 TYR TYR A . n 
A 1 47  LEU 47  547 547 LEU LEU A . n 
A 1 48  LYS 48  548 548 LYS LYS A . n 
A 1 49  MSE 49  549 549 MSE MSE A . n 
A 1 50  PHE 50  550 550 PHE PHE A . n 
A 1 51  SER 51  551 551 SER SER A . n 
A 1 52  PRO 52  552 552 PRO PRO A . n 
A 1 53  PHE 53  553 553 PHE PHE A . n 
A 1 54  PRO 54  554 554 PRO PRO A . n 
A 1 55  THR 55  555 555 THR THR A . n 
A 1 56  GLU 56  556 556 GLU GLU A . n 
A 1 57  PHE 57  557 557 PHE PHE A . n 
A 1 58  VAL 58  558 558 VAL VAL A . n 
A 1 59  LYS 59  559 559 LYS LYS A . n 
A 1 60  ASN 60  560 560 ASN ASN A . n 
A 1 61  VAL 61  561 561 VAL VAL A . n 
A 1 62  LEU 62  562 562 LEU LEU A . n 
A 1 63  SER 63  563 563 SER SER A . n 
A 1 64  SER 64  564 564 SER SER A . n 
A 1 65  ALA 65  565 565 ALA ALA A . n 
A 1 66  ASN 66  566 566 ASN ASN A . n 
A 1 67  LEU 67  567 567 LEU LEU A . n 
A 1 68  VAL 68  568 568 VAL VAL A . n 
A 1 69  ILE 69  569 569 ILE ILE A . n 
A 1 70  ASP 70  570 570 ASP ASP A . n 
A 1 71  VAL 71  571 571 VAL VAL A . n 
A 1 72  GLU 72  572 572 GLU GLU A . n 
A 1 73  SER 73  573 573 SER SER A . n 
A 1 74  ASN 74  574 574 ASN ASN A . n 
A 1 75  TYR 75  575 575 TYR TYR A . n 
A 1 76  THR 76  576 576 THR THR A . n 
A 1 77  ALA 77  577 577 ALA ALA A . n 
A 1 78  GLN 78  578 578 GLN GLN A . n 
A 1 79  ALA 79  579 579 ALA ALA A . n 
A 1 80  ALA 80  580 580 ALA ALA A . n 
A 1 81  GLN 81  581 581 GLN GLN A . n 
A 1 82  MSE 82  582 582 MSE MSE A . n 
A 1 83  ILE 83  583 583 ILE ILE A . n 
A 1 84  LYS 84  584 584 LYS LYS A . n 
A 1 85  LEU 85  585 585 LEU LEU A . n 
A 1 86  TYR 86  586 586 TYR TYR A . n 
A 1 87  THR 87  587 587 THR THR A . n 
A 1 88  GLY 88  588 588 GLY GLY A . n 
A 1 89  ILE 89  589 589 ILE ILE A . n 
A 1 90  ASP 90  590 590 ASP ASP A . n 
A 1 91  ILE 91  591 591 ILE ILE A . n 
A 1 92  LYS 92  592 592 LYS LYS A . n 
A 1 93  ASN 93  593 593 ASN ASN A . n 
A 1 94  LYS 94  594 594 LYS LYS A . n 
A 1 95  ILE 95  595 595 ILE ILE A . n 
A 1 96  LEU 96  596 596 LEU LEU A . n 
A 1 97  LYS 97  597 597 LYS ALA A . n 
A 1 98  TYR 98  598 598 TYR ALA A . n 
A 1 99  ASN 99  599 599 ASN ASN A . n 
A 1 100 GLY 100 600 600 GLY GLY A . n 
A 1 101 ARG 101 601 601 ARG ARG A . n 
A 1 102 HIS 102 602 602 HIS HIS A . n 
A 1 103 MSE 103 603 603 MSE MSE A . n 
A 1 104 THR 104 604 604 THR THR A . n 
A 1 105 GLU 105 605 605 GLU GLU A . n 
A 1 106 ASP 106 606 606 ASP ASP A . n 
A 1 107 GLU 107 607 607 GLU GLU A . n 
A 1 108 ILE 108 608 608 ILE ILE A . n 
A 1 109 LEU 109 609 609 LEU LEU A . n 
A 1 110 LYS 110 610 610 LYS LYS A . n 
A 1 111 SER 111 611 611 SER SER A . n 
A 1 112 ALA 112 612 612 ALA ALA A . n 
A 1 113 LYS 113 613 613 LYS LYS A . n 
A 1 114 GLU 114 614 614 GLU GLU A . n 
A 1 115 ILE 115 615 615 ILE ILE A . n 
A 1 116 LEU 116 616 616 LEU LEU A . n 
A 1 117 ASN 117 617 617 ASN ASN A . n 
A 1 118 LYS 118 618 618 LYS LYS A . n 
# 
loop_
_pdbx_nonpoly_scheme.asym_id 
_pdbx_nonpoly_scheme.entity_id 
_pdbx_nonpoly_scheme.mon_id 
_pdbx_nonpoly_scheme.ndb_seq_num 
_pdbx_nonpoly_scheme.pdb_seq_num 
_pdbx_nonpoly_scheme.auth_seq_num 
_pdbx_nonpoly_scheme.pdb_mon_id 
_pdbx_nonpoly_scheme.auth_mon_id 
_pdbx_nonpoly_scheme.pdb_strand_id 
_pdbx_nonpoly_scheme.pdb_ins_code 
B 2 EDO 1  701 701 EDO EDO A . 
C 3 HOH 1  1   1   HOH HOH A . 
C 3 HOH 2  2   2   HOH HOH A . 
C 3 HOH 3  3   3   HOH HOH A . 
C 3 HOH 4  4   4   HOH HOH A . 
C 3 HOH 5  5   5   HOH HOH A . 
C 3 HOH 6  6   6   HOH HOH A . 
C 3 HOH 7  7   7   HOH HOH A . 
C 3 HOH 8  8   8   HOH HOH A . 
C 3 HOH 9  9   9   HOH HOH A . 
C 3 HOH 10 10  10  HOH HOH A . 
C 3 HOH 11 11  11  HOH HOH A . 
C 3 HOH 12 12  12  HOH HOH A . 
C 3 HOH 13 13  13  HOH HOH A . 
C 3 HOH 14 14  14  HOH HOH A . 
C 3 HOH 15 15  15  HOH HOH A . 
C 3 HOH 16 16  16  HOH HOH A . 
C 3 HOH 17 17  17  HOH HOH A . 
C 3 HOH 18 18  18  HOH HOH A . 
C 3 HOH 19 19  19  HOH HOH A . 
C 3 HOH 20 20  20  HOH HOH A . 
C 3 HOH 21 21  21  HOH HOH A . 
C 3 HOH 22 22  22  HOH HOH A . 
C 3 HOH 23 23  23  HOH HOH A . 
C 3 HOH 24 24  24  HOH HOH A . 
C 3 HOH 25 25  25  HOH HOH A . 
C 3 HOH 26 26  26  HOH HOH A . 
C 3 HOH 27 27  27  HOH HOH A . 
C 3 HOH 28 28  28  HOH HOH A . 
C 3 HOH 29 29  29  HOH HOH A . 
C 3 HOH 30 30  30  HOH HOH A . 
C 3 HOH 31 31  31  HOH HOH A . 
C 3 HOH 32 32  32  HOH HOH A . 
C 3 HOH 33 33  33  HOH HOH A . 
C 3 HOH 34 34  34  HOH HOH A . 
C 3 HOH 35 35  35  HOH HOH A . 
C 3 HOH 36 36  36  HOH HOH A . 
C 3 HOH 37 37  37  HOH HOH A . 
C 3 HOH 38 38  38  HOH HOH A . 
C 3 HOH 39 39  39  HOH HOH A . 
C 3 HOH 40 40  40  HOH HOH A . 
C 3 HOH 41 41  41  HOH HOH A . 
C 3 HOH 42 42  42  HOH HOH A . 
C 3 HOH 43 43  43  HOH HOH A . 
C 3 HOH 44 44  44  HOH HOH A . 
C 3 HOH 45 45  45  HOH HOH A . 
C 3 HOH 46 46  46  HOH HOH A . 
C 3 HOH 47 47  47  HOH HOH A . 
C 3 HOH 48 48  48  HOH HOH A . 
C 3 HOH 49 49  49  HOH HOH A . 
C 3 HOH 50 50  50  HOH HOH A . 
C 3 HOH 51 51  51  HOH HOH A . 
C 3 HOH 52 52  52  HOH HOH A . 
C 3 HOH 53 53  53  HOH HOH A . 
C 3 HOH 54 54  54  HOH HOH A . 
C 3 HOH 55 55  55  HOH HOH A . 
C 3 HOH 56 56  56  HOH HOH A . 
C 3 HOH 57 57  57  HOH HOH A . 
C 3 HOH 58 58  58  HOH HOH A . 
C 3 HOH 59 59  59  HOH HOH A . 
C 3 HOH 60 60  60  HOH HOH A . 
C 3 HOH 61 61  61  HOH HOH A . 
C 3 HOH 62 62  62  HOH HOH A . 
C 3 HOH 63 63  63  HOH HOH A . 
C 3 HOH 64 64  64  HOH HOH A . 
C 3 HOH 65 65  65  HOH HOH A . 
C 3 HOH 66 66  66  HOH HOH A . 
C 3 HOH 67 67  67  HOH HOH A . 
C 3 HOH 68 68  68  HOH HOH A . 
C 3 HOH 69 69  69  HOH HOH A . 
C 3 HOH 70 70  70  HOH HOH A . 
C 3 HOH 71 71  71  HOH HOH A . 
C 3 HOH 72 72  72  HOH HOH A . 
C 3 HOH 73 73  73  HOH HOH A . 
C 3 HOH 74 74  74  HOH HOH A . 
C 3 HOH 75 75  75  HOH HOH A . 
C 3 HOH 76 76  76  HOH HOH A . 
C 3 HOH 77 77  77  HOH HOH A . 
C 3 HOH 78 78  78  HOH HOH A . 
C 3 HOH 79 79  79  HOH HOH A . 
C 3 HOH 80 80  80  HOH HOH A . 
C 3 HOH 81 81  81  HOH HOH A . 
C 3 HOH 82 82  82  HOH HOH A . 
C 3 HOH 83 83  83  HOH HOH A . 
C 3 HOH 84 84  84  HOH HOH A . 
C 3 HOH 85 85  85  HOH HOH A . 
C 3 HOH 86 86  86  HOH HOH A . 
C 3 HOH 87 87  87  HOH HOH A . 
C 3 HOH 88 88  88  HOH HOH A . 
C 3 HOH 89 89  89  HOH HOH A . 
# 
loop_
_pdbx_unobs_or_zero_occ_atoms.id 
_pdbx_unobs_or_zero_occ_atoms.PDB_model_num 
_pdbx_unobs_or_zero_occ_atoms.polymer_flag 
_pdbx_unobs_or_zero_occ_atoms.occupancy_flag 
_pdbx_unobs_or_zero_occ_atoms.auth_asym_id 
_pdbx_unobs_or_zero_occ_atoms.auth_comp_id 
_pdbx_unobs_or_zero_occ_atoms.auth_seq_id 
_pdbx_unobs_or_zero_occ_atoms.PDB_ins_code 
_pdbx_unobs_or_zero_occ_atoms.auth_atom_id 
_pdbx_unobs_or_zero_occ_atoms.label_alt_id 
_pdbx_unobs_or_zero_occ_atoms.label_asym_id 
_pdbx_unobs_or_zero_occ_atoms.label_comp_id 
_pdbx_unobs_or_zero_occ_atoms.label_seq_id 
_pdbx_unobs_or_zero_occ_atoms.label_atom_id 
1  1 Y 1 A LYS 597 ? CG  ? A LYS 97 CG  
2  1 Y 1 A LYS 597 ? CD  ? A LYS 97 CD  
3  1 Y 1 A LYS 597 ? CE  ? A LYS 97 CE  
4  1 Y 1 A LYS 597 ? NZ  ? A LYS 97 NZ  
5  1 Y 1 A TYR 598 ? CG  ? A TYR 98 CG  
6  1 Y 1 A TYR 598 ? CD1 ? A TYR 98 CD1 
7  1 Y 1 A TYR 598 ? CD2 ? A TYR 98 CD2 
8  1 Y 1 A TYR 598 ? CE1 ? A TYR 98 CE1 
9  1 Y 1 A TYR 598 ? CE2 ? A TYR 98 CE2 
10 1 Y 1 A TYR 598 ? CZ  ? A TYR 98 CZ  
11 1 Y 1 A TYR 598 ? OH  ? A TYR 98 OH  
# 
loop_
_software.name 
_software.classification 
_software.version 
_software.citation_id 
_software.pdbx_ordinal 
SBC-Collect 'data collection' .        ? 1  
HKL-3000    phasing           .        ? 2  
SHELXD      phasing           .        ? 3  
SHELXE      'model building'  .        ? 4  
MLPHARE     phasing           .        ? 5  
DM          'model building'  .        ? 6  
RESOLVE     'model building'  .        ? 7  
Coot        'model building'  .        ? 8  
ARP/wARP    'model building'  .        ? 9  
REFMAC      refinement        5.5.0102 ? 10 
HKL-3000    'data reduction'  .        ? 11 
HKL-3000    'data scaling'    .        ? 12 
DM          phasing           .        ? 13 
RESOLVE     phasing           .        ? 14 
# 
_cell.entry_id           3JU3 
_cell.length_a           44.429 
_cell.length_b           65.528 
_cell.length_c           72.185 
_cell.angle_alpha        90.00 
_cell.angle_beta         90.00 
_cell.angle_gamma        90.00 
_cell.Z_PDB              8 
_cell.pdbx_unique_axis   ? 
_cell.length_a_esd       ? 
_cell.length_b_esd       ? 
_cell.length_c_esd       ? 
_cell.angle_alpha_esd    ? 
_cell.angle_beta_esd     ? 
_cell.angle_gamma_esd    ? 
# 
_symmetry.entry_id                         3JU3 
_symmetry.space_group_name_H-M             'I 2 2 2' 
_symmetry.pdbx_full_space_group_name_H-M   ? 
_symmetry.cell_setting                     ? 
_symmetry.Int_Tables_number                23 
_symmetry.space_group_name_Hall            ? 
# 
_exptl.entry_id          3JU3 
_exptl.method            'X-RAY DIFFRACTION' 
_exptl.crystals_number   1 
# 
_exptl_crystal.id                    1 
_exptl_crystal.density_meas          ? 
_exptl_crystal.density_Matthews      1.97 
_exptl_crystal.density_percent_sol   37.50 
_exptl_crystal.description           ? 
_exptl_crystal.F_000                 ? 
_exptl_crystal.preparation           ? 
# 
_exptl_crystal_grow.crystal_id      1 
_exptl_crystal_grow.method          'VAPOR DIFFUSION, SITTING DROP' 
_exptl_crystal_grow.temp            289 
_exptl_crystal_grow.temp_details    ? 
_exptl_crystal_grow.pH              7.0 
_exptl_crystal_grow.pdbx_details    '2.1M DL-Malic acid pH 7.0, VAPOR DIFFUSION, SITTING DROP, temperature 289K' 
_exptl_crystal_grow.pdbx_pH_range   ? 
# 
_diffrn.id                     1 
_diffrn.ambient_temp           100 
_diffrn.ambient_temp_details   ? 
_diffrn.crystal_id             1 
# 
_diffrn_detector.diffrn_id              1 
_diffrn_detector.detector               CCD 
_diffrn_detector.type                   'ADSC QUANTUM 315r' 
_diffrn_detector.pdbx_collection_date   2009-06-04 
_diffrn_detector.details                ? 
# 
_diffrn_radiation.diffrn_id                        1 
_diffrn_radiation.wavelength_id                    1 
_diffrn_radiation.pdbx_monochromatic_or_laue_m_l   M 
_diffrn_radiation.monochromator                    'Si(111) double crystal' 
_diffrn_radiation.pdbx_diffrn_protocol             'SINGLE WAVELENGTH' 
_diffrn_radiation.pdbx_scattering_type             x-ray 
# 
_diffrn_radiation_wavelength.id           1 
_diffrn_radiation_wavelength.wavelength   0.97940 
_diffrn_radiation_wavelength.wt           1.0 
# 
_diffrn_source.diffrn_id                   1 
_diffrn_source.source                      SYNCHROTRON 
_diffrn_source.type                        'APS BEAMLINE 19-ID' 
_diffrn_source.pdbx_synchrotron_site       APS 
_diffrn_source.pdbx_synchrotron_beamline   19-ID 
_diffrn_source.pdbx_wavelength             ? 
_diffrn_source.pdbx_wavelength_list        0.97940 
# 
_reflns.entry_id                     3JU3 
_reflns.observed_criterion_sigma_I   -3 
_reflns.observed_criterion_sigma_F   ? 
_reflns.d_resolution_low             50 
_reflns.d_resolution_high            1.9 
_reflns.number_obs                   8590 
_reflns.number_all                   8637 
_reflns.percent_possible_obs         99.5 
_reflns.pdbx_Rmerge_I_obs            0.072 
_reflns.pdbx_Rsym_value              ? 
_reflns.pdbx_netI_over_sigmaI        41.64 
_reflns.B_iso_Wilson_estimate        26.8 
_reflns.pdbx_redundancy              6.9 
_reflns.R_free_details               ? 
_reflns.limit_h_max                  ? 
_reflns.limit_h_min                  ? 
_reflns.limit_k_max                  ? 
_reflns.limit_k_min                  ? 
_reflns.limit_l_max                  ? 
_reflns.limit_l_min                  ? 
_reflns.observed_criterion_F_max     ? 
_reflns.observed_criterion_F_min     ? 
_reflns.pdbx_chi_squared             ? 
_reflns.pdbx_scaling_rejects         ? 
_reflns.pdbx_ordinal                 1 
_reflns.pdbx_diffrn_id               1 
# 
_reflns_shell.d_res_high             1.90 
_reflns_shell.d_res_low              1.92 
_reflns_shell.percent_possible_all   100.0 
_reflns_shell.Rmerge_I_obs           0.463 
_reflns_shell.pdbx_Rsym_value        ? 
_reflns_shell.meanI_over_sigI_obs    4.33 
_reflns_shell.pdbx_redundancy        6.4 
_reflns_shell.percent_possible_obs   ? 
_reflns_shell.number_unique_all      229 
_reflns_shell.number_measured_all    ? 
_reflns_shell.number_measured_obs    ? 
_reflns_shell.number_unique_obs      ? 
_reflns_shell.pdbx_chi_squared       ? 
_reflns_shell.pdbx_ordinal           1 
_reflns_shell.pdbx_diffrn_id         1 
# 
_refine.entry_id                                 3JU3 
_refine.ls_number_reflns_obs                     8179 
_refine.ls_number_reflns_all                     8586 
_refine.pdbx_ls_sigma_I                          ? 
_refine.pdbx_ls_sigma_F                          0 
_refine.pdbx_data_cutoff_high_absF               ? 
_refine.pdbx_data_cutoff_low_absF                ? 
_refine.pdbx_data_cutoff_high_rms_absF           ? 
_refine.ls_d_res_low                             48.51 
_refine.ls_d_res_high                            1.90 
_refine.ls_percent_reflns_obs                    99.36 
_refine.ls_R_factor_obs                          0.19958 
_refine.ls_R_factor_all                          0.19958 
_refine.ls_R_factor_R_work                       0.19765 
_refine.ls_R_factor_R_free                       0.23631 
_refine.ls_R_factor_R_free_error                 ? 
_refine.ls_R_factor_R_free_error_details         ? 
_refine.ls_percent_reflns_R_free                 4.7 
_refine.ls_number_reflns_R_free                  407 
_refine.ls_number_parameters                     ? 
_refine.ls_number_restraints                     ? 
_refine.occupancy_min                            ? 
_refine.occupancy_max                            ? 
_refine.correlation_coeff_Fo_to_Fc               0.954 
_refine.correlation_coeff_Fo_to_Fc_free          0.942 
_refine.B_iso_mean                               22.587 
_refine.aniso_B[1][1]                            0.45 
_refine.aniso_B[2][2]                            -1.98 
_refine.aniso_B[3][3]                            1.53 
_refine.aniso_B[1][2]                            0.00 
_refine.aniso_B[1][3]                            0.00 
_refine.aniso_B[2][3]                            0.00 
_refine.solvent_model_details                    MASK 
_refine.solvent_model_param_ksol                 ? 
_refine.solvent_model_param_bsol                 ? 
_refine.pdbx_solvent_vdw_probe_radii             1.40 
_refine.pdbx_solvent_ion_probe_radii             0.80 
_refine.pdbx_solvent_shrinkage_radii             0.80 
_refine.pdbx_ls_cross_valid_method               THROUGHOUT 
_refine.details                                  'HYDROGENS HAVE BEEN ADDED IN THE RIDING POSITIONS' 
_refine.pdbx_starting_model                      ? 
_refine.pdbx_method_to_determine_struct          SAD 
_refine.pdbx_isotropic_thermal_model             ? 
_refine.pdbx_stereochemistry_target_values       'MAXIMUM LIKELIHOOD' 
_refine.pdbx_stereochem_target_val_spec_case     ? 
_refine.pdbx_R_Free_selection_details            RANDOM 
_refine.pdbx_overall_ESU_R                       0.197 
_refine.pdbx_overall_ESU_R_Free                  0.164 
_refine.overall_SU_ML                            0.130 
_refine.overall_SU_B                             9.606 
_refine.ls_redundancy_reflns_obs                 ? 
_refine.B_iso_min                                ? 
_refine.B_iso_max                                ? 
_refine.overall_SU_R_Cruickshank_DPI             ? 
_refine.overall_SU_R_free                        ? 
_refine.ls_wR_factor_R_free                      ? 
_refine.ls_wR_factor_R_work                      ? 
_refine.overall_FOM_free_R_set                   ? 
_refine.overall_FOM_work_R_set                   ? 
_refine.pdbx_overall_phase_error                 ? 
_refine.pdbx_refine_id                           'X-RAY DIFFRACTION' 
_refine.pdbx_TLS_residual_ADP_flag               'LIKELY RESIDUAL' 
_refine.pdbx_diffrn_id                           1 
_refine.pdbx_overall_SU_R_free_Cruickshank_DPI   ? 
_refine.pdbx_overall_SU_R_Blow_DPI               ? 
_refine.pdbx_overall_SU_R_free_Blow_DPI          ? 
# 
_refine_hist.pdbx_refine_id                   'X-RAY DIFFRACTION' 
_refine_hist.cycle_id                         LAST 
_refine_hist.pdbx_number_atoms_protein        903 
_refine_hist.pdbx_number_atoms_nucleic_acid   0 
_refine_hist.pdbx_number_atoms_ligand         4 
_refine_hist.number_atoms_solvent             89 
_refine_hist.number_atoms_total               996 
_refine_hist.d_res_high                       1.90 
_refine_hist.d_res_low                        48.51 
# 
loop_
_refine_ls_restr.type 
_refine_ls_restr.dev_ideal 
_refine_ls_restr.dev_ideal_target 
_refine_ls_restr.weight 
_refine_ls_restr.number 
_refine_ls_restr.pdbx_refine_id 
_refine_ls_restr.pdbx_restraint_function 
r_bond_refined_d             0.015  0.022  ? 982  'X-RAY DIFFRACTION' ? 
r_bond_other_d               ?      ?      ? ?    'X-RAY DIFFRACTION' ? 
r_angle_refined_deg          1.514  1.983  ? 1336 'X-RAY DIFFRACTION' ? 
r_angle_other_deg            ?      ?      ? ?    'X-RAY DIFFRACTION' ? 
r_dihedral_angle_1_deg       6.411  5.000  ? 129  'X-RAY DIFFRACTION' ? 
r_dihedral_angle_2_deg       41.541 27.381 ? 42   'X-RAY DIFFRACTION' ? 
r_dihedral_angle_3_deg       15.509 15.000 ? 189  'X-RAY DIFFRACTION' ? 
r_dihedral_angle_4_deg       8.283  15.000 ? 1    'X-RAY DIFFRACTION' ? 
r_chiral_restr               0.107  0.200  ? 155  'X-RAY DIFFRACTION' ? 
r_gen_planes_refined         0.007  0.021  ? 737  'X-RAY DIFFRACTION' ? 
r_gen_planes_other           ?      ?      ? ?    'X-RAY DIFFRACTION' ? 
r_nbd_refined                ?      ?      ? ?    'X-RAY DIFFRACTION' ? 
r_nbd_other                  ?      ?      ? ?    'X-RAY DIFFRACTION' ? 
r_nbtor_refined              ?      ?      ? ?    'X-RAY DIFFRACTION' ? 
r_nbtor_other                ?      ?      ? ?    'X-RAY DIFFRACTION' ? 
r_xyhbond_nbd_refined        ?      ?      ? ?    'X-RAY DIFFRACTION' ? 
r_xyhbond_nbd_other          ?      ?      ? ?    'X-RAY DIFFRACTION' ? 
r_metal_ion_refined          ?      ?      ? ?    'X-RAY DIFFRACTION' ? 
r_metal_ion_other            ?      ?      ? ?    'X-RAY DIFFRACTION' ? 
r_symmetry_vdw_refined       ?      ?      ? ?    'X-RAY DIFFRACTION' ? 
r_symmetry_vdw_other         ?      ?      ? ?    'X-RAY DIFFRACTION' ? 
r_symmetry_hbond_refined     ?      ?      ? ?    'X-RAY DIFFRACTION' ? 
r_symmetry_hbond_other       ?      ?      ? ?    'X-RAY DIFFRACTION' ? 
r_symmetry_metal_ion_refined ?      ?      ? ?    'X-RAY DIFFRACTION' ? 
r_symmetry_metal_ion_other   ?      ?      ? ?    'X-RAY DIFFRACTION' ? 
r_mcbond_it                  1.033  1.500  ? 619  'X-RAY DIFFRACTION' ? 
r_mcbond_other               ?      ?      ? ?    'X-RAY DIFFRACTION' ? 
r_mcangle_it                 1.772  2.000  ? 1011 'X-RAY DIFFRACTION' ? 
r_scbond_it                  2.146  3.000  ? 363  'X-RAY DIFFRACTION' ? 
r_scangle_it                 3.374  4.500  ? 325  'X-RAY DIFFRACTION' ? 
r_rigid_bond_restr           ?      ?      ? ?    'X-RAY DIFFRACTION' ? 
r_sphericity_free            ?      ?      ? ?    'X-RAY DIFFRACTION' ? 
r_sphericity_bonded          ?      ?      ? ?    'X-RAY DIFFRACTION' ? 
# 
_refine_ls_shell.pdbx_total_number_of_bins_used   20 
_refine_ls_shell.d_res_high                       1.899 
_refine_ls_shell.d_res_low                        1.948 
_refine_ls_shell.number_reflns_R_work             590 
_refine_ls_shell.R_factor_R_work                  0.252 
_refine_ls_shell.percent_reflns_obs               99.04 
_refine_ls_shell.R_factor_R_free                  0.281 
_refine_ls_shell.R_factor_R_free_error            ? 
_refine_ls_shell.percent_reflns_R_free            ? 
_refine_ls_shell.number_reflns_R_free             31 
_refine_ls_shell.number_reflns_all                ? 
_refine_ls_shell.R_factor_all                     ? 
_refine_ls_shell.number_reflns_obs                621 
_refine_ls_shell.redundancy_reflns_obs            ? 
_refine_ls_shell.pdbx_refine_id                   'X-RAY DIFFRACTION' 
# 
_struct.entry_id                  3JU3 
_struct.title                     
'Crystal structure of alpha chain of probable 2-oxoacid ferredoxin oxidoreductase from Thermoplasma acidophilum' 
_struct.pdbx_model_details        ? 
_struct.pdbx_CASP_flag            ? 
_struct.pdbx_model_type_details   ? 
# 
_struct_keywords.entry_id        3JU3 
_struct_keywords.pdbx_keywords   OXIDOREDUCTASE 
_struct_keywords.text            
;Thermoplasma acidophilum, probable 2-oxoacid ferredoxin oxidoreductase, Structural Genomics, PSI-2, Protein Structure Initiative, Midwest Center for Structural Genomics, MCSG, OXIDOREDUCTASE
;
# 
loop_
_struct_asym.id 
_struct_asym.pdbx_blank_PDB_chainid_flag 
_struct_asym.pdbx_modified 
_struct_asym.entity_id 
_struct_asym.details 
A N N 1 ? 
B N N 2 ? 
C N N 3 ? 
# 
_struct_ref.id                         1 
_struct_ref.db_name                    UNP 
_struct_ref.db_code                    Q9HK35_THEAC 
_struct_ref.pdbx_db_accession          Q9HK35 
_struct_ref.entity_id                  1 
_struct_ref.pdbx_seq_one_letter_code   
;EKAVLIGEKEADITFVTWGSQKGPILDVIEDLKEEGISANLLYLKMFSPFPTEFVKNVLSSANLVIDVESNYTAQAAQMI
KLYTGIDIKNKILKYNGRHMTEDEILKSAKEILNK
;
_struct_ref.pdbx_align_begin           504 
_struct_ref.pdbx_db_isoform            ? 
# 
_struct_ref_seq.align_id                      1 
_struct_ref_seq.ref_id                        1 
_struct_ref_seq.pdbx_PDB_id_code              3JU3 
_struct_ref_seq.pdbx_strand_id                A 
_struct_ref_seq.seq_align_beg                 4 
_struct_ref_seq.pdbx_seq_align_beg_ins_code   ? 
_struct_ref_seq.seq_align_end                 118 
_struct_ref_seq.pdbx_seq_align_end_ins_code   ? 
_struct_ref_seq.pdbx_db_accession             Q9HK35 
_struct_ref_seq.db_align_beg                  504 
_struct_ref_seq.pdbx_db_align_beg_ins_code    ? 
_struct_ref_seq.db_align_end                  618 
_struct_ref_seq.pdbx_db_align_end_ins_code    ? 
_struct_ref_seq.pdbx_auth_seq_align_beg       504 
_struct_ref_seq.pdbx_auth_seq_align_end       618 
# 
loop_
_struct_ref_seq_dif.align_id 
_struct_ref_seq_dif.pdbx_pdb_id_code 
_struct_ref_seq_dif.mon_id 
_struct_ref_seq_dif.pdbx_pdb_strand_id 
_struct_ref_seq_dif.seq_num 
_struct_ref_seq_dif.pdbx_pdb_ins_code 
_struct_ref_seq_dif.pdbx_seq_db_name 
_struct_ref_seq_dif.pdbx_seq_db_accession_code 
_struct_ref_seq_dif.db_mon_id 
_struct_ref_seq_dif.pdbx_seq_db_seq_num 
_struct_ref_seq_dif.details 
_struct_ref_seq_dif.pdbx_auth_seq_num 
_struct_ref_seq_dif.pdbx_ordinal 
1 3JU3 SER A 1 ? UNP Q9HK35 ? ? 'expression tag' 501 1 
1 3JU3 ASN A 2 ? UNP Q9HK35 ? ? 'expression tag' 502 2 
1 3JU3 ALA A 3 ? UNP Q9HK35 ? ? 'expression tag' 503 3 
# 
_pdbx_struct_assembly.id                   1 
_pdbx_struct_assembly.details              author_and_software_defined_assembly 
_pdbx_struct_assembly.method_details       PISA 
_pdbx_struct_assembly.oligomeric_details   tetrameric 
_pdbx_struct_assembly.oligomeric_count     4 
# 
loop_
_pdbx_struct_assembly_prop.biol_id 
_pdbx_struct_assembly_prop.type 
_pdbx_struct_assembly_prop.value 
_pdbx_struct_assembly_prop.details 
1 'ABSA (A^2)' 14920 ? 
1 MORE         -95   ? 
1 'SSA (A^2)'  22190 ? 
# 
_pdbx_struct_assembly_gen.assembly_id       1 
_pdbx_struct_assembly_gen.oper_expression   1,2,3,4 
_pdbx_struct_assembly_gen.asym_id_list      A,B,C 
# 
loop_
_pdbx_struct_oper_list.id 
_pdbx_struct_oper_list.type 
_pdbx_struct_oper_list.name 
_pdbx_struct_oper_list.symmetry_operation 
_pdbx_struct_oper_list.matrix[1][1] 
_pdbx_struct_oper_list.matrix[1][2] 
_pdbx_struct_oper_list.matrix[1][3] 
_pdbx_struct_oper_list.vector[1] 
_pdbx_struct_oper_list.matrix[2][1] 
_pdbx_struct_oper_list.matrix[2][2] 
_pdbx_struct_oper_list.matrix[2][3] 
_pdbx_struct_oper_list.vector[2] 
_pdbx_struct_oper_list.matrix[3][1] 
_pdbx_struct_oper_list.matrix[3][2] 
_pdbx_struct_oper_list.matrix[3][3] 
_pdbx_struct_oper_list.vector[3] 
1 'identity operation'         1_555 x,y,z       1.0000000000  0.0000000000  0.0000000000  0.0000000000   0.0000000000  1.0000000000  0.0000000000  0.0000000000  0.0000000000  0.0000000000  1.0000000000  0.0000000000  
2 'crystal symmetry operation' 2_665 -x+1,-y+1,z -0.9498987580 0.0504469655  -0.3084598081 -17.0288817494 0.0504469655  -0.9492049254 -0.3105883342 11.2697336390 -0.3084598081 -0.3105883342 0.8991036834  -0.9227920592 
3 'crystal symmetry operation' 3_656 -x+1,y,-z+1 0.9486729835  -0.0992638447 0.3002769714  -3.6643729541  -0.0992638447 -0.9949435791 -0.0152958690 6.4366844472  0.3002769714  -0.0152958690 -0.9537294044 25.9080627691 
4 'crystal symmetry operation' 4_566 x,-y+1,-z+1 -0.9987742255 0.0488168792  0.0081828367  -21.2149833032 0.0488168792  0.9441485044  0.3258842032  -3.0715974950 0.0081828367  0.3258842032  -0.9453742789 21.5023952834 
# 
_struct_biol.id        1 
_struct_biol.details   ? 
# 
loop_
_struct_conf.conf_type_id 
_struct_conf.id 
_struct_conf.pdbx_PDB_helix_id 
_struct_conf.beg_label_comp_id 
_struct_conf.beg_label_asym_id 
_struct_conf.beg_label_seq_id 
_struct_conf.pdbx_beg_PDB_ins_code 
_struct_conf.end_label_comp_id 
_struct_conf.end_label_asym_id 
_struct_conf.end_label_seq_id 
_struct_conf.pdbx_end_PDB_ins_code 
_struct_conf.beg_auth_comp_id 
_struct_conf.beg_auth_asym_id 
_struct_conf.beg_auth_seq_id 
_struct_conf.end_auth_comp_id 
_struct_conf.end_auth_asym_id 
_struct_conf.end_auth_seq_id 
_struct_conf.pdbx_PDB_helix_class 
_struct_conf.details 
_struct_conf.pdbx_PDB_helix_length 
HELX_P HELX_P1 1 GLN A 24  ? GLU A 38  ? GLN A 524 GLU A 538 1 ? 15 
HELX_P HELX_P2 2 PRO A 54  ? SER A 63  ? PRO A 554 SER A 563 1 ? 10 
HELX_P HELX_P3 3 ALA A 79  ? GLY A 88  ? ALA A 579 GLY A 588 1 ? 10 
HELX_P HELX_P4 4 THR A 104 ? LYS A 118 ? THR A 604 LYS A 618 1 ? 15 
# 
_struct_conf_type.id          HELX_P 
_struct_conf_type.criteria    ? 
_struct_conf_type.reference   ? 
# 
loop_
_struct_conn.id 
_struct_conn.conn_type_id 
_struct_conn.pdbx_leaving_atom_flag 
_struct_conn.pdbx_PDB_id 
_struct_conn.ptnr1_label_asym_id 
_struct_conn.ptnr1_label_comp_id 
_struct_conn.ptnr1_label_seq_id 
_struct_conn.ptnr1_label_atom_id 
_struct_conn.pdbx_ptnr1_label_alt_id 
_struct_conn.pdbx_ptnr1_PDB_ins_code 
_struct_conn.pdbx_ptnr1_standard_comp_id 
_struct_conn.ptnr1_symmetry 
_struct_conn.ptnr2_label_asym_id 
_struct_conn.ptnr2_label_comp_id 
_struct_conn.ptnr2_label_seq_id 
_struct_conn.ptnr2_label_atom_id 
_struct_conn.pdbx_ptnr2_label_alt_id 
_struct_conn.pdbx_ptnr2_PDB_ins_code 
_struct_conn.ptnr1_auth_asym_id 
_struct_conn.ptnr1_auth_comp_id 
_struct_conn.ptnr1_auth_seq_id 
_struct_conn.ptnr2_auth_asym_id 
_struct_conn.ptnr2_auth_comp_id 
_struct_conn.ptnr2_auth_seq_id 
_struct_conn.ptnr2_symmetry 
_struct_conn.pdbx_ptnr3_label_atom_id 
_struct_conn.pdbx_ptnr3_label_seq_id 
_struct_conn.pdbx_ptnr3_label_comp_id 
_struct_conn.pdbx_ptnr3_label_asym_id 
_struct_conn.pdbx_ptnr3_label_alt_id 
_struct_conn.pdbx_ptnr3_PDB_ins_code 
_struct_conn.details 
_struct_conn.pdbx_dist_value 
_struct_conn.pdbx_value_order 
_struct_conn.pdbx_role 
covale1 covale both ? A LYS 48  C ? ? ? 1_555 A MSE 49  N ? ? A LYS 548 A MSE 549 1_555 ? ? ? ? ? ? ? 1.316 ? ? 
covale2 covale both ? A MSE 49  C ? ? ? 1_555 A PHE 50  N ? ? A MSE 549 A PHE 550 1_555 ? ? ? ? ? ? ? 1.310 ? ? 
covale3 covale both ? A GLN 81  C ? ? ? 1_555 A MSE 82  N ? ? A GLN 581 A MSE 582 1_555 ? ? ? ? ? ? ? 1.311 ? ? 
covale4 covale both ? A MSE 82  C ? ? ? 1_555 A ILE 83  N ? ? A MSE 582 A ILE 583 1_555 ? ? ? ? ? ? ? 1.333 ? ? 
covale5 covale both ? A HIS 102 C ? ? ? 1_555 A MSE 103 N ? ? A HIS 602 A MSE 603 1_555 ? ? ? ? ? ? ? 1.331 ? ? 
covale6 covale both ? A MSE 103 C ? ? ? 1_555 A THR 104 N ? ? A MSE 603 A THR 604 1_555 ? ? ? ? ? ? ? 1.335 ? ? 
# 
_struct_conn_type.id          covale 
_struct_conn_type.criteria    ? 
_struct_conn_type.reference   ? 
# 
loop_
_pdbx_modification_feature.ordinal 
_pdbx_modification_feature.label_comp_id 
_pdbx_modification_feature.label_asym_id 
_pdbx_modification_feature.label_seq_id 
_pdbx_modification_feature.label_alt_id 
_pdbx_modification_feature.modified_residue_label_comp_id 
_pdbx_modification_feature.modified_residue_label_asym_id 
_pdbx_modification_feature.modified_residue_label_seq_id 
_pdbx_modification_feature.modified_residue_label_alt_id 
_pdbx_modification_feature.auth_comp_id 
_pdbx_modification_feature.auth_asym_id 
_pdbx_modification_feature.auth_seq_id 
_pdbx_modification_feature.PDB_ins_code 
_pdbx_modification_feature.symmetry 
_pdbx_modification_feature.modified_residue_auth_comp_id 
_pdbx_modification_feature.modified_residue_auth_asym_id 
_pdbx_modification_feature.modified_residue_auth_seq_id 
_pdbx_modification_feature.modified_residue_PDB_ins_code 
_pdbx_modification_feature.modified_residue_symmetry 
_pdbx_modification_feature.comp_id_linking_atom 
_pdbx_modification_feature.modified_residue_id_linking_atom 
_pdbx_modification_feature.modified_residue_id 
_pdbx_modification_feature.ref_pcm_id 
_pdbx_modification_feature.ref_comp_id 
_pdbx_modification_feature.type 
_pdbx_modification_feature.category 
1 MSE A 49  ? . . . . MSE A 549 ? 1_555 . . . . . . . MET 1 MSE Selenomethionine 'Named protein modification' 
2 MSE A 82  ? . . . . MSE A 582 ? 1_555 . . . . . . . MET 1 MSE Selenomethionine 'Named protein modification' 
3 MSE A 103 ? . . . . MSE A 603 ? 1_555 . . . . . . . MET 1 MSE Selenomethionine 'Named protein modification' 
# 
loop_
_struct_mon_prot_cis.pdbx_id 
_struct_mon_prot_cis.label_comp_id 
_struct_mon_prot_cis.label_seq_id 
_struct_mon_prot_cis.label_asym_id 
_struct_mon_prot_cis.label_alt_id 
_struct_mon_prot_cis.pdbx_PDB_ins_code 
_struct_mon_prot_cis.auth_comp_id 
_struct_mon_prot_cis.auth_seq_id 
_struct_mon_prot_cis.auth_asym_id 
_struct_mon_prot_cis.pdbx_label_comp_id_2 
_struct_mon_prot_cis.pdbx_label_seq_id_2 
_struct_mon_prot_cis.pdbx_label_asym_id_2 
_struct_mon_prot_cis.pdbx_PDB_ins_code_2 
_struct_mon_prot_cis.pdbx_auth_comp_id_2 
_struct_mon_prot_cis.pdbx_auth_seq_id_2 
_struct_mon_prot_cis.pdbx_auth_asym_id_2 
_struct_mon_prot_cis.pdbx_PDB_model_num 
_struct_mon_prot_cis.pdbx_omega_angle 
1 SER 51 A . ? SER 551 A PRO 52 A ? PRO 552 A 1 -23.26 
2 SER 51 A . ? SER 551 A PRO 52 A ? PRO 552 A 1 -5.82  
# 
_struct_sheet.id               A 
_struct_sheet.type             ? 
_struct_sheet.number_strands   3 
_struct_sheet.details          ? 
# 
loop_
_struct_sheet_order.sheet_id 
_struct_sheet_order.range_id_1 
_struct_sheet_order.range_id_2 
_struct_sheet_order.offset 
_struct_sheet_order.sense 
A 1 2 ? anti-parallel 
A 2 3 ? parallel      
# 
loop_
_struct_sheet_range.sheet_id 
_struct_sheet_range.id 
_struct_sheet_range.beg_label_comp_id 
_struct_sheet_range.beg_label_asym_id 
_struct_sheet_range.beg_label_seq_id 
_struct_sheet_range.pdbx_beg_PDB_ins_code 
_struct_sheet_range.end_label_comp_id 
_struct_sheet_range.end_label_asym_id 
_struct_sheet_range.end_label_seq_id 
_struct_sheet_range.pdbx_end_PDB_ins_code 
_struct_sheet_range.beg_auth_comp_id 
_struct_sheet_range.beg_auth_asym_id 
_struct_sheet_range.beg_auth_seq_id 
_struct_sheet_range.end_auth_comp_id 
_struct_sheet_range.end_auth_asym_id 
_struct_sheet_range.end_auth_seq_id 
A 1 ALA A 6  ? ILE A 9  ? ALA A 506 ILE A 509 
A 2 ALA A 42 ? LEU A 47 ? ALA A 542 LEU A 547 
A 3 ILE A 16 ? TRP A 21 ? ILE A 516 TRP A 521 
# 
loop_
_pdbx_struct_sheet_hbond.sheet_id 
_pdbx_struct_sheet_hbond.range_id_1 
_pdbx_struct_sheet_hbond.range_id_2 
_pdbx_struct_sheet_hbond.range_1_label_atom_id 
_pdbx_struct_sheet_hbond.range_1_label_comp_id 
_pdbx_struct_sheet_hbond.range_1_label_asym_id 
_pdbx_struct_sheet_hbond.range_1_label_seq_id 
_pdbx_struct_sheet_hbond.range_1_PDB_ins_code 
_pdbx_struct_sheet_hbond.range_1_auth_atom_id 
_pdbx_struct_sheet_hbond.range_1_auth_comp_id 
_pdbx_struct_sheet_hbond.range_1_auth_asym_id 
_pdbx_struct_sheet_hbond.range_1_auth_seq_id 
_pdbx_struct_sheet_hbond.range_2_label_atom_id 
_pdbx_struct_sheet_hbond.range_2_label_comp_id 
_pdbx_struct_sheet_hbond.range_2_label_asym_id 
_pdbx_struct_sheet_hbond.range_2_label_seq_id 
_pdbx_struct_sheet_hbond.range_2_PDB_ins_code 
_pdbx_struct_sheet_hbond.range_2_auth_atom_id 
_pdbx_struct_sheet_hbond.range_2_auth_comp_id 
_pdbx_struct_sheet_hbond.range_2_auth_asym_id 
_pdbx_struct_sheet_hbond.range_2_auth_seq_id 
A 1 2 N ILE A 9  ? N ILE A 509 O LEU A 44 ? O LEU A 544 
A 2 3 O LEU A 45 ? O LEU A 545 N PHE A 18 ? N PHE A 518 
# 
_struct_site.id                   AC1 
_struct_site.pdbx_evidence_code   Software 
_struct_site.pdbx_auth_asym_id    A 
_struct_site.pdbx_auth_comp_id    EDO 
_struct_site.pdbx_auth_seq_id     701 
_struct_site.pdbx_auth_ins_code   ? 
_struct_site.pdbx_num_residues    5 
_struct_site.details              'BINDING SITE FOR RESIDUE EDO A 701' 
# 
loop_
_struct_site_gen.id 
_struct_site_gen.site_id 
_struct_site_gen.pdbx_num_res 
_struct_site_gen.label_comp_id 
_struct_site_gen.label_asym_id 
_struct_site_gen.label_seq_id 
_struct_site_gen.pdbx_auth_ins_code 
_struct_site_gen.auth_comp_id 
_struct_site_gen.auth_asym_id 
_struct_site_gen.auth_seq_id 
_struct_site_gen.label_atom_id 
_struct_site_gen.label_alt_id 
_struct_site_gen.symmetry 
_struct_site_gen.details 
1 AC1 5 SER A 23  ? SER A 523 . ? 1_555 ? 
2 AC1 5 GLN A 24  ? GLN A 524 . ? 1_555 ? 
3 AC1 5 ARG A 101 ? ARG A 601 . ? 3_656 ? 
4 AC1 5 HIS A 102 ? HIS A 602 . ? 3_656 ? 
5 AC1 5 THR A 104 ? THR A 604 . ? 3_656 ? 
# 
_pdbx_entry_details.entry_id                   3JU3 
_pdbx_entry_details.compound_details           ? 
_pdbx_entry_details.source_details             ? 
_pdbx_entry_details.nonpolymer_details         ? 
_pdbx_entry_details.sequence_details           ? 
_pdbx_entry_details.has_ligand_of_interest     ? 
_pdbx_entry_details.has_protein_modification   Y 
# 
loop_
_pdbx_validate_close_contact.id 
_pdbx_validate_close_contact.PDB_model_num 
_pdbx_validate_close_contact.auth_atom_id_1 
_pdbx_validate_close_contact.auth_asym_id_1 
_pdbx_validate_close_contact.auth_comp_id_1 
_pdbx_validate_close_contact.auth_seq_id_1 
_pdbx_validate_close_contact.PDB_ins_code_1 
_pdbx_validate_close_contact.label_alt_id_1 
_pdbx_validate_close_contact.auth_atom_id_2 
_pdbx_validate_close_contact.auth_asym_id_2 
_pdbx_validate_close_contact.auth_comp_id_2 
_pdbx_validate_close_contact.auth_seq_id_2 
_pdbx_validate_close_contact.PDB_ins_code_2 
_pdbx_validate_close_contact.label_alt_id_2 
_pdbx_validate_close_contact.dist 
1 1 O  A HOH 17  ? ? O A HOH 38 ? ? 1.87 
2 1 OH A TYR 546 ? ? O A HOH 32 ? ? 2.17 
# 
_pdbx_validate_symm_contact.id                1 
_pdbx_validate_symm_contact.PDB_model_num     1 
_pdbx_validate_symm_contact.auth_atom_id_1    O 
_pdbx_validate_symm_contact.auth_asym_id_1    A 
_pdbx_validate_symm_contact.auth_comp_id_1    MSE 
_pdbx_validate_symm_contact.auth_seq_id_1     549 
_pdbx_validate_symm_contact.PDB_ins_code_1    ? 
_pdbx_validate_symm_contact.label_alt_id_1    ? 
_pdbx_validate_symm_contact.site_symmetry_1   1_555 
_pdbx_validate_symm_contact.auth_atom_id_2    O 
_pdbx_validate_symm_contact.auth_asym_id_2    A 
_pdbx_validate_symm_contact.auth_comp_id_2    MSE 
_pdbx_validate_symm_contact.auth_seq_id_2     549 
_pdbx_validate_symm_contact.PDB_ins_code_2    ? 
_pdbx_validate_symm_contact.label_alt_id_2    ? 
_pdbx_validate_symm_contact.site_symmetry_2   2_665 
_pdbx_validate_symm_contact.dist              1.72 
# 
_pdbx_SG_project.id                    1 
_pdbx_SG_project.project_name          'PSI, Protein Structure Initiative' 
_pdbx_SG_project.full_name_of_center   'Midwest Center for Structural Genomics' 
_pdbx_SG_project.initial_of_center     MCSG 
# 
loop_
_pdbx_struct_mod_residue.id 
_pdbx_struct_mod_residue.label_asym_id 
_pdbx_struct_mod_residue.label_comp_id 
_pdbx_struct_mod_residue.label_seq_id 
_pdbx_struct_mod_residue.auth_asym_id 
_pdbx_struct_mod_residue.auth_comp_id 
_pdbx_struct_mod_residue.auth_seq_id 
_pdbx_struct_mod_residue.PDB_ins_code 
_pdbx_struct_mod_residue.parent_comp_id 
_pdbx_struct_mod_residue.details 
1 A MSE 49  A MSE 549 ? MET SELENOMETHIONINE 
2 A MSE 82  A MSE 582 ? MET SELENOMETHIONINE 
3 A MSE 103 A MSE 603 ? MET SELENOMETHIONINE 
# 
loop_
_pdbx_refine_tls.pdbx_refine_id 
_pdbx_refine_tls.id 
_pdbx_refine_tls.details 
_pdbx_refine_tls.method 
_pdbx_refine_tls.origin_x 
_pdbx_refine_tls.origin_y 
_pdbx_refine_tls.origin_z 
_pdbx_refine_tls.T[1][1] 
_pdbx_refine_tls.T[2][2] 
_pdbx_refine_tls.T[3][3] 
_pdbx_refine_tls.T[1][2] 
_pdbx_refine_tls.T[1][3] 
_pdbx_refine_tls.T[2][3] 
_pdbx_refine_tls.L[1][1] 
_pdbx_refine_tls.L[2][2] 
_pdbx_refine_tls.L[3][3] 
_pdbx_refine_tls.L[1][2] 
_pdbx_refine_tls.L[1][3] 
_pdbx_refine_tls.L[2][3] 
_pdbx_refine_tls.S[1][1] 
_pdbx_refine_tls.S[1][2] 
_pdbx_refine_tls.S[1][3] 
_pdbx_refine_tls.S[2][1] 
_pdbx_refine_tls.S[2][2] 
_pdbx_refine_tls.S[2][3] 
_pdbx_refine_tls.S[3][1] 
_pdbx_refine_tls.S[3][2] 
_pdbx_refine_tls.S[3][3] 
'X-RAY DIFFRACTION' 1 ? refined 6.3121   -1.9024  -5.1426 0.0505 0.0983 0.0265 -0.0147 0.0355  0.0063  9.4826  3.7460  2.0805  -2.9679 4.2319  -0.2903 -0.0562 0.6620  0.0598  -0.2461 0.0580  -0.0985 -0.1185 0.4076  -0.0018 
'X-RAY DIFFRACTION' 2 ? refined 11.4351  -1.0019  5.6413  0.0775 0.0889 0.0324 0.0332  -0.0194 -0.0505 16.8619 4.6837  1.9691  -7.9402 -0.8009 0.4293  -0.3969 -0.6922 0.3597  0.3786  0.4437  -0.1969 -0.1753 0.2158  -0.0468 
'X-RAY DIFFRACTION' 3 ? refined 6.8043   -1.9195  -2.5541 0.0587 0.1051 0.0732 -0.0194 0.0338  0.0039  12.9184 4.4850  3.9782  -7.0015 6.7825  -2.7716 -0.1692 -0.3061 -0.0365 -0.0377 0.2561  -0.0078 -0.2565 0.0197  -0.0869 
'X-RAY DIFFRACTION' 4 ? refined -12.2206 18.2187  -9.7773 0.0197 0.0643 0.0719 -0.0062 0.0005  0.0519  6.6175  3.4396  3.1500  -2.3422 -1.0210 1.0447  0.1064  0.6063  0.4702  -0.2263 -0.1706 -0.1261 -0.0098 -0.0024 0.0642  
'X-RAY DIFFRACTION' 5 ? refined -16.8665 14.1229  2.8796  0.0398 0.1166 0.0200 0.0496  -0.0220 -0.0494 7.2005  12.6867 1.3205  -5.6512 0.8224  -2.4359 -0.4067 -0.6803 0.1505  0.4697  0.4552  -0.0005 -0.0753 -0.0863 -0.0485 
'X-RAY DIFFRACTION' 6 ? refined -8.2928  -7.0778  -5.6798 0.1602 0.1574 0.4855 -0.0418 0.0517  0.0285  6.8695  -0.0034 16.4386 -0.0567 3.3089  -1.1208 0.0546  -0.2125 -0.7022 0.1002  0.0784  0.4498  -0.1300 -0.7352 -0.1331 
'X-RAY DIFFRACTION' 7 ? refined -3.6370  -12.9547 -6.5301 0.1976 0.1536 0.5442 0.0031  -0.0166 0.0860  2.3124  26.5530 15.7543 14.5551 10.6365 9.0494  0.4793  -0.3829 -0.6605 -0.2366 -0.1638 -0.1182 1.1618  -0.8967 -0.3155 
'X-RAY DIFFRACTION' 8 ? refined -2.0371  -11.1510 5.9295  0.0468 0.1951 0.2469 -0.0368 0.0388  0.1917  15.4458 11.2301 26.1219 -5.5071 -5.9359 4.4322  -0.0824 -0.6596 -1.3476 0.2073  0.2742  0.7301  0.9711  -0.9305 -0.1917 
'X-RAY DIFFRACTION' 9 ? refined 6.6039   -8.7249  10.6384 0.3573 0.5728 0.1639 -0.1401 0.1472  0.0488  7.4579  11.9506 12.1059 -2.6511 0.1918  8.8430  1.0141  -1.8982 0.2682  0.2565  -0.4089 -0.5698 -0.2940 -0.6966 -0.6052 
# 
loop_
_pdbx_refine_tls_group.pdbx_refine_id 
_pdbx_refine_tls_group.id 
_pdbx_refine_tls_group.refine_tls_id 
_pdbx_refine_tls_group.beg_auth_asym_id 
_pdbx_refine_tls_group.beg_auth_seq_id 
_pdbx_refine_tls_group.beg_label_asym_id 
_pdbx_refine_tls_group.beg_label_seq_id 
_pdbx_refine_tls_group.end_auth_asym_id 
_pdbx_refine_tls_group.end_auth_seq_id 
_pdbx_refine_tls_group.end_label_asym_id 
_pdbx_refine_tls_group.end_label_seq_id 
_pdbx_refine_tls_group.selection 
_pdbx_refine_tls_group.selection_details 
'X-RAY DIFFRACTION' 1 1 A 504 ? ? A 522 ? ? ? ? 
'X-RAY DIFFRACTION' 2 2 A 523 ? ? A 538 ? ? ? ? 
'X-RAY DIFFRACTION' 3 3 A 539 ? ? A 548 ? ? ? ? 
'X-RAY DIFFRACTION' 4 4 A 549 ? ? A 565 ? ? ? ? 
'X-RAY DIFFRACTION' 5 5 A 566 ? ? A 576 ? ? ? ? 
'X-RAY DIFFRACTION' 6 6 A 578 ? ? A 587 ? ? ? ? 
'X-RAY DIFFRACTION' 7 7 A 588 ? ? A 591 ? ? ? ? 
'X-RAY DIFFRACTION' 8 8 A 592 ? ? A 598 ? ? ? ? 
'X-RAY DIFFRACTION' 9 9 A 602 ? ? A 616 ? ? ? ? 
# 
loop_
_pdbx_unobs_or_zero_occ_residues.id 
_pdbx_unobs_or_zero_occ_residues.PDB_model_num 
_pdbx_unobs_or_zero_occ_residues.polymer_flag 
_pdbx_unobs_or_zero_occ_residues.occupancy_flag 
_pdbx_unobs_or_zero_occ_residues.auth_asym_id 
_pdbx_unobs_or_zero_occ_residues.auth_comp_id 
_pdbx_unobs_or_zero_occ_residues.auth_seq_id 
_pdbx_unobs_or_zero_occ_residues.PDB_ins_code 
_pdbx_unobs_or_zero_occ_residues.label_asym_id 
_pdbx_unobs_or_zero_occ_residues.label_comp_id 
_pdbx_unobs_or_zero_occ_residues.label_seq_id 
1 1 Y 1 A SER 501 ? A SER 1 
2 1 Y 1 A ASN 502 ? A ASN 2 
# 
loop_
_chem_comp_atom.comp_id 
_chem_comp_atom.atom_id 
_chem_comp_atom.type_symbol 
_chem_comp_atom.pdbx_aromatic_flag 
_chem_comp_atom.pdbx_stereo_config 
_chem_comp_atom.pdbx_ordinal 
ALA N    N  N N 1   
ALA CA   C  N S 2   
ALA C    C  N N 3   
ALA O    O  N N 4   
ALA CB   C  N N 5   
ALA OXT  O  N N 6   
ALA H    H  N N 7   
ALA H2   H  N N 8   
ALA HA   H  N N 9   
ALA HB1  H  N N 10  
ALA HB2  H  N N 11  
ALA HB3  H  N N 12  
ALA HXT  H  N N 13  
ARG N    N  N N 14  
ARG CA   C  N S 15  
ARG C    C  N N 16  
ARG O    O  N N 17  
ARG CB   C  N N 18  
ARG CG   C  N N 19  
ARG CD   C  N N 20  
ARG NE   N  N N 21  
ARG CZ   C  N N 22  
ARG NH1  N  N N 23  
ARG NH2  N  N N 24  
ARG OXT  O  N N 25  
ARG H    H  N N 26  
ARG H2   H  N N 27  
ARG HA   H  N N 28  
ARG HB2  H  N N 29  
ARG HB3  H  N N 30  
ARG HG2  H  N N 31  
ARG HG3  H  N N 32  
ARG HD2  H  N N 33  
ARG HD3  H  N N 34  
ARG HE   H  N N 35  
ARG HH11 H  N N 36  
ARG HH12 H  N N 37  
ARG HH21 H  N N 38  
ARG HH22 H  N N 39  
ARG HXT  H  N N 40  
ASN N    N  N N 41  
ASN CA   C  N S 42  
ASN C    C  N N 43  
ASN O    O  N N 44  
ASN CB   C  N N 45  
ASN CG   C  N N 46  
ASN OD1  O  N N 47  
ASN ND2  N  N N 48  
ASN OXT  O  N N 49  
ASN H    H  N N 50  
ASN H2   H  N N 51  
ASN HA   H  N N 52  
ASN HB2  H  N N 53  
ASN HB3  H  N N 54  
ASN HD21 H  N N 55  
ASN HD22 H  N N 56  
ASN HXT  H  N N 57  
ASP N    N  N N 58  
ASP CA   C  N S 59  
ASP C    C  N N 60  
ASP O    O  N N 61  
ASP CB   C  N N 62  
ASP CG   C  N N 63  
ASP OD1  O  N N 64  
ASP OD2  O  N N 65  
ASP OXT  O  N N 66  
ASP H    H  N N 67  
ASP H2   H  N N 68  
ASP HA   H  N N 69  
ASP HB2  H  N N 70  
ASP HB3  H  N N 71  
ASP HD2  H  N N 72  
ASP HXT  H  N N 73  
EDO C1   C  N N 74  
EDO O1   O  N N 75  
EDO C2   C  N N 76  
EDO O2   O  N N 77  
EDO H11  H  N N 78  
EDO H12  H  N N 79  
EDO HO1  H  N N 80  
EDO H21  H  N N 81  
EDO H22  H  N N 82  
EDO HO2  H  N N 83  
GLN N    N  N N 84  
GLN CA   C  N S 85  
GLN C    C  N N 86  
GLN O    O  N N 87  
GLN CB   C  N N 88  
GLN CG   C  N N 89  
GLN CD   C  N N 90  
GLN OE1  O  N N 91  
GLN NE2  N  N N 92  
GLN OXT  O  N N 93  
GLN H    H  N N 94  
GLN H2   H  N N 95  
GLN HA   H  N N 96  
GLN HB2  H  N N 97  
GLN HB3  H  N N 98  
GLN HG2  H  N N 99  
GLN HG3  H  N N 100 
GLN HE21 H  N N 101 
GLN HE22 H  N N 102 
GLN HXT  H  N N 103 
GLU N    N  N N 104 
GLU CA   C  N S 105 
GLU C    C  N N 106 
GLU O    O  N N 107 
GLU CB   C  N N 108 
GLU CG   C  N N 109 
GLU CD   C  N N 110 
GLU OE1  O  N N 111 
GLU OE2  O  N N 112 
GLU OXT  O  N N 113 
GLU H    H  N N 114 
GLU H2   H  N N 115 
GLU HA   H  N N 116 
GLU HB2  H  N N 117 
GLU HB3  H  N N 118 
GLU HG2  H  N N 119 
GLU HG3  H  N N 120 
GLU HE2  H  N N 121 
GLU HXT  H  N N 122 
GLY N    N  N N 123 
GLY CA   C  N N 124 
GLY C    C  N N 125 
GLY O    O  N N 126 
GLY OXT  O  N N 127 
GLY H    H  N N 128 
GLY H2   H  N N 129 
GLY HA2  H  N N 130 
GLY HA3  H  N N 131 
GLY HXT  H  N N 132 
HIS N    N  N N 133 
HIS CA   C  N S 134 
HIS C    C  N N 135 
HIS O    O  N N 136 
HIS CB   C  N N 137 
HIS CG   C  Y N 138 
HIS ND1  N  Y N 139 
HIS CD2  C  Y N 140 
HIS CE1  C  Y N 141 
HIS NE2  N  Y N 142 
HIS OXT  O  N N 143 
HIS H    H  N N 144 
HIS H2   H  N N 145 
HIS HA   H  N N 146 
HIS HB2  H  N N 147 
HIS HB3  H  N N 148 
HIS HD1  H  N N 149 
HIS HD2  H  N N 150 
HIS HE1  H  N N 151 
HIS HE2  H  N N 152 
HIS HXT  H  N N 153 
HOH O    O  N N 154 
HOH H1   H  N N 155 
HOH H2   H  N N 156 
ILE N    N  N N 157 
ILE CA   C  N S 158 
ILE C    C  N N 159 
ILE O    O  N N 160 
ILE CB   C  N S 161 
ILE CG1  C  N N 162 
ILE CG2  C  N N 163 
ILE CD1  C  N N 164 
ILE OXT  O  N N 165 
ILE H    H  N N 166 
ILE H2   H  N N 167 
ILE HA   H  N N 168 
ILE HB   H  N N 169 
ILE HG12 H  N N 170 
ILE HG13 H  N N 171 
ILE HG21 H  N N 172 
ILE HG22 H  N N 173 
ILE HG23 H  N N 174 
ILE HD11 H  N N 175 
ILE HD12 H  N N 176 
ILE HD13 H  N N 177 
ILE HXT  H  N N 178 
LEU N    N  N N 179 
LEU CA   C  N S 180 
LEU C    C  N N 181 
LEU O    O  N N 182 
LEU CB   C  N N 183 
LEU CG   C  N N 184 
LEU CD1  C  N N 185 
LEU CD2  C  N N 186 
LEU OXT  O  N N 187 
LEU H    H  N N 188 
LEU H2   H  N N 189 
LEU HA   H  N N 190 
LEU HB2  H  N N 191 
LEU HB3  H  N N 192 
LEU HG   H  N N 193 
LEU HD11 H  N N 194 
LEU HD12 H  N N 195 
LEU HD13 H  N N 196 
LEU HD21 H  N N 197 
LEU HD22 H  N N 198 
LEU HD23 H  N N 199 
LEU HXT  H  N N 200 
LYS N    N  N N 201 
LYS CA   C  N S 202 
LYS C    C  N N 203 
LYS O    O  N N 204 
LYS CB   C  N N 205 
LYS CG   C  N N 206 
LYS CD   C  N N 207 
LYS CE   C  N N 208 
LYS NZ   N  N N 209 
LYS OXT  O  N N 210 
LYS H    H  N N 211 
LYS H2   H  N N 212 
LYS HA   H  N N 213 
LYS HB2  H  N N 214 
LYS HB3  H  N N 215 
LYS HG2  H  N N 216 
LYS HG3  H  N N 217 
LYS HD2  H  N N 218 
LYS HD3  H  N N 219 
LYS HE2  H  N N 220 
LYS HE3  H  N N 221 
LYS HZ1  H  N N 222 
LYS HZ2  H  N N 223 
LYS HZ3  H  N N 224 
LYS HXT  H  N N 225 
MSE N    N  N N 226 
MSE CA   C  N S 227 
MSE C    C  N N 228 
MSE O    O  N N 229 
MSE OXT  O  N N 230 
MSE CB   C  N N 231 
MSE CG   C  N N 232 
MSE SE   SE N N 233 
MSE CE   C  N N 234 
MSE H    H  N N 235 
MSE H2   H  N N 236 
MSE HA   H  N N 237 
MSE HXT  H  N N 238 
MSE HB2  H  N N 239 
MSE HB3  H  N N 240 
MSE HG2  H  N N 241 
MSE HG3  H  N N 242 
MSE HE1  H  N N 243 
MSE HE2  H  N N 244 
MSE HE3  H  N N 245 
PHE N    N  N N 246 
PHE CA   C  N S 247 
PHE C    C  N N 248 
PHE O    O  N N 249 
PHE CB   C  N N 250 
PHE CG   C  Y N 251 
PHE CD1  C  Y N 252 
PHE CD2  C  Y N 253 
PHE CE1  C  Y N 254 
PHE CE2  C  Y N 255 
PHE CZ   C  Y N 256 
PHE OXT  O  N N 257 
PHE H    H  N N 258 
PHE H2   H  N N 259 
PHE HA   H  N N 260 
PHE HB2  H  N N 261 
PHE HB3  H  N N 262 
PHE HD1  H  N N 263 
PHE HD2  H  N N 264 
PHE HE1  H  N N 265 
PHE HE2  H  N N 266 
PHE HZ   H  N N 267 
PHE HXT  H  N N 268 
PRO N    N  N N 269 
PRO CA   C  N S 270 
PRO C    C  N N 271 
PRO O    O  N N 272 
PRO CB   C  N N 273 
PRO CG   C  N N 274 
PRO CD   C  N N 275 
PRO OXT  O  N N 276 
PRO H    H  N N 277 
PRO HA   H  N N 278 
PRO HB2  H  N N 279 
PRO HB3  H  N N 280 
PRO HG2  H  N N 281 
PRO HG3  H  N N 282 
PRO HD2  H  N N 283 
PRO HD3  H  N N 284 
PRO HXT  H  N N 285 
SER N    N  N N 286 
SER CA   C  N S 287 
SER C    C  N N 288 
SER O    O  N N 289 
SER CB   C  N N 290 
SER OG   O  N N 291 
SER OXT  O  N N 292 
SER H    H  N N 293 
SER H2   H  N N 294 
SER HA   H  N N 295 
SER HB2  H  N N 296 
SER HB3  H  N N 297 
SER HG   H  N N 298 
SER HXT  H  N N 299 
THR N    N  N N 300 
THR CA   C  N S 301 
THR C    C  N N 302 
THR O    O  N N 303 
THR CB   C  N R 304 
THR OG1  O  N N 305 
THR CG2  C  N N 306 
THR OXT  O  N N 307 
THR H    H  N N 308 
THR H2   H  N N 309 
THR HA   H  N N 310 
THR HB   H  N N 311 
THR HG1  H  N N 312 
THR HG21 H  N N 313 
THR HG22 H  N N 314 
THR HG23 H  N N 315 
THR HXT  H  N N 316 
TRP N    N  N N 317 
TRP CA   C  N S 318 
TRP C    C  N N 319 
TRP O    O  N N 320 
TRP CB   C  N N 321 
TRP CG   C  Y N 322 
TRP CD1  C  Y N 323 
TRP CD2  C  Y N 324 
TRP NE1  N  Y N 325 
TRP CE2  C  Y N 326 
TRP CE3  C  Y N 327 
TRP CZ2  C  Y N 328 
TRP CZ3  C  Y N 329 
TRP CH2  C  Y N 330 
TRP OXT  O  N N 331 
TRP H    H  N N 332 
TRP H2   H  N N 333 
TRP HA   H  N N 334 
TRP HB2  H  N N 335 
TRP HB3  H  N N 336 
TRP HD1  H  N N 337 
TRP HE1  H  N N 338 
TRP HE3  H  N N 339 
TRP HZ2  H  N N 340 
TRP HZ3  H  N N 341 
TRP HH2  H  N N 342 
TRP HXT  H  N N 343 
TYR N    N  N N 344 
TYR CA   C  N S 345 
TYR C    C  N N 346 
TYR O    O  N N 347 
TYR CB   C  N N 348 
TYR CG   C  Y N 349 
TYR CD1  C  Y N 350 
TYR CD2  C  Y N 351 
TYR CE1  C  Y N 352 
TYR CE2  C  Y N 353 
TYR CZ   C  Y N 354 
TYR OH   O  N N 355 
TYR OXT  O  N N 356 
TYR H    H  N N 357 
TYR H2   H  N N 358 
TYR HA   H  N N 359 
TYR HB2  H  N N 360 
TYR HB3  H  N N 361 
TYR HD1  H  N N 362 
TYR HD2  H  N N 363 
TYR HE1  H  N N 364 
TYR HE2  H  N N 365 
TYR HH   H  N N 366 
TYR HXT  H  N N 367 
VAL N    N  N N 368 
VAL CA   C  N S 369 
VAL C    C  N N 370 
VAL O    O  N N 371 
VAL CB   C  N N 372 
VAL CG1  C  N N 373 
VAL CG2  C  N N 374 
VAL OXT  O  N N 375 
VAL H    H  N N 376 
VAL H2   H  N N 377 
VAL HA   H  N N 378 
VAL HB   H  N N 379 
VAL HG11 H  N N 380 
VAL HG12 H  N N 381 
VAL HG13 H  N N 382 
VAL HG21 H  N N 383 
VAL HG22 H  N N 384 
VAL HG23 H  N N 385 
VAL HXT  H  N N 386 
# 
loop_
_chem_comp_bond.comp_id 
_chem_comp_bond.atom_id_1 
_chem_comp_bond.atom_id_2 
_chem_comp_bond.value_order 
_chem_comp_bond.pdbx_aromatic_flag 
_chem_comp_bond.pdbx_stereo_config 
_chem_comp_bond.pdbx_ordinal 
ALA N   CA   sing N N 1   
ALA N   H    sing N N 2   
ALA N   H2   sing N N 3   
ALA CA  C    sing N N 4   
ALA CA  CB   sing N N 5   
ALA CA  HA   sing N N 6   
ALA C   O    doub N N 7   
ALA C   OXT  sing N N 8   
ALA CB  HB1  sing N N 9   
ALA CB  HB2  sing N N 10  
ALA CB  HB3  sing N N 11  
ALA OXT HXT  sing N N 12  
ARG N   CA   sing N N 13  
ARG N   H    sing N N 14  
ARG N   H2   sing N N 15  
ARG CA  C    sing N N 16  
ARG CA  CB   sing N N 17  
ARG CA  HA   sing N N 18  
ARG C   O    doub N N 19  
ARG C   OXT  sing N N 20  
ARG CB  CG   sing N N 21  
ARG CB  HB2  sing N N 22  
ARG CB  HB3  sing N N 23  
ARG CG  CD   sing N N 24  
ARG CG  HG2  sing N N 25  
ARG CG  HG3  sing N N 26  
ARG CD  NE   sing N N 27  
ARG CD  HD2  sing N N 28  
ARG CD  HD3  sing N N 29  
ARG NE  CZ   sing N N 30  
ARG NE  HE   sing N N 31  
ARG CZ  NH1  sing N N 32  
ARG CZ  NH2  doub N N 33  
ARG NH1 HH11 sing N N 34  
ARG NH1 HH12 sing N N 35  
ARG NH2 HH21 sing N N 36  
ARG NH2 HH22 sing N N 37  
ARG OXT HXT  sing N N 38  
ASN N   CA   sing N N 39  
ASN N   H    sing N N 40  
ASN N   H2   sing N N 41  
ASN CA  C    sing N N 42  
ASN CA  CB   sing N N 43  
ASN CA  HA   sing N N 44  
ASN C   O    doub N N 45  
ASN C   OXT  sing N N 46  
ASN CB  CG   sing N N 47  
ASN CB  HB2  sing N N 48  
ASN CB  HB3  sing N N 49  
ASN CG  OD1  doub N N 50  
ASN CG  ND2  sing N N 51  
ASN ND2 HD21 sing N N 52  
ASN ND2 HD22 sing N N 53  
ASN OXT HXT  sing N N 54  
ASP N   CA   sing N N 55  
ASP N   H    sing N N 56  
ASP N   H2   sing N N 57  
ASP CA  C    sing N N 58  
ASP CA  CB   sing N N 59  
ASP CA  HA   sing N N 60  
ASP C   O    doub N N 61  
ASP C   OXT  sing N N 62  
ASP CB  CG   sing N N 63  
ASP CB  HB2  sing N N 64  
ASP CB  HB3  sing N N 65  
ASP CG  OD1  doub N N 66  
ASP CG  OD2  sing N N 67  
ASP OD2 HD2  sing N N 68  
ASP OXT HXT  sing N N 69  
EDO C1  O1   sing N N 70  
EDO C1  C2   sing N N 71  
EDO C1  H11  sing N N 72  
EDO C1  H12  sing N N 73  
EDO O1  HO1  sing N N 74  
EDO C2  O2   sing N N 75  
EDO C2  H21  sing N N 76  
EDO C2  H22  sing N N 77  
EDO O2  HO2  sing N N 78  
GLN N   CA   sing N N 79  
GLN N   H    sing N N 80  
GLN N   H2   sing N N 81  
GLN CA  C    sing N N 82  
GLN CA  CB   sing N N 83  
GLN CA  HA   sing N N 84  
GLN C   O    doub N N 85  
GLN C   OXT  sing N N 86  
GLN CB  CG   sing N N 87  
GLN CB  HB2  sing N N 88  
GLN CB  HB3  sing N N 89  
GLN CG  CD   sing N N 90  
GLN CG  HG2  sing N N 91  
GLN CG  HG3  sing N N 92  
GLN CD  OE1  doub N N 93  
GLN CD  NE2  sing N N 94  
GLN NE2 HE21 sing N N 95  
GLN NE2 HE22 sing N N 96  
GLN OXT HXT  sing N N 97  
GLU N   CA   sing N N 98  
GLU N   H    sing N N 99  
GLU N   H2   sing N N 100 
GLU CA  C    sing N N 101 
GLU CA  CB   sing N N 102 
GLU CA  HA   sing N N 103 
GLU C   O    doub N N 104 
GLU C   OXT  sing N N 105 
GLU CB  CG   sing N N 106 
GLU CB  HB2  sing N N 107 
GLU CB  HB3  sing N N 108 
GLU CG  CD   sing N N 109 
GLU CG  HG2  sing N N 110 
GLU CG  HG3  sing N N 111 
GLU CD  OE1  doub N N 112 
GLU CD  OE2  sing N N 113 
GLU OE2 HE2  sing N N 114 
GLU OXT HXT  sing N N 115 
GLY N   CA   sing N N 116 
GLY N   H    sing N N 117 
GLY N   H2   sing N N 118 
GLY CA  C    sing N N 119 
GLY CA  HA2  sing N N 120 
GLY CA  HA3  sing N N 121 
GLY C   O    doub N N 122 
GLY C   OXT  sing N N 123 
GLY OXT HXT  sing N N 124 
HIS N   CA   sing N N 125 
HIS N   H    sing N N 126 
HIS N   H2   sing N N 127 
HIS CA  C    sing N N 128 
HIS CA  CB   sing N N 129 
HIS CA  HA   sing N N 130 
HIS C   O    doub N N 131 
HIS C   OXT  sing N N 132 
HIS CB  CG   sing N N 133 
HIS CB  HB2  sing N N 134 
HIS CB  HB3  sing N N 135 
HIS CG  ND1  sing Y N 136 
HIS CG  CD2  doub Y N 137 
HIS ND1 CE1  doub Y N 138 
HIS ND1 HD1  sing N N 139 
HIS CD2 NE2  sing Y N 140 
HIS CD2 HD2  sing N N 141 
HIS CE1 NE2  sing Y N 142 
HIS CE1 HE1  sing N N 143 
HIS NE2 HE2  sing N N 144 
HIS OXT HXT  sing N N 145 
HOH O   H1   sing N N 146 
HOH O   H2   sing N N 147 
ILE N   CA   sing N N 148 
ILE N   H    sing N N 149 
ILE N   H2   sing N N 150 
ILE CA  C    sing N N 151 
ILE CA  CB   sing N N 152 
ILE CA  HA   sing N N 153 
ILE C   O    doub N N 154 
ILE C   OXT  sing N N 155 
ILE CB  CG1  sing N N 156 
ILE CB  CG2  sing N N 157 
ILE CB  HB   sing N N 158 
ILE CG1 CD1  sing N N 159 
ILE CG1 HG12 sing N N 160 
ILE CG1 HG13 sing N N 161 
ILE CG2 HG21 sing N N 162 
ILE CG2 HG22 sing N N 163 
ILE CG2 HG23 sing N N 164 
ILE CD1 HD11 sing N N 165 
ILE CD1 HD12 sing N N 166 
ILE CD1 HD13 sing N N 167 
ILE OXT HXT  sing N N 168 
LEU N   CA   sing N N 169 
LEU N   H    sing N N 170 
LEU N   H2   sing N N 171 
LEU CA  C    sing N N 172 
LEU CA  CB   sing N N 173 
LEU CA  HA   sing N N 174 
LEU C   O    doub N N 175 
LEU C   OXT  sing N N 176 
LEU CB  CG   sing N N 177 
LEU CB  HB2  sing N N 178 
LEU CB  HB3  sing N N 179 
LEU CG  CD1  sing N N 180 
LEU CG  CD2  sing N N 181 
LEU CG  HG   sing N N 182 
LEU CD1 HD11 sing N N 183 
LEU CD1 HD12 sing N N 184 
LEU CD1 HD13 sing N N 185 
LEU CD2 HD21 sing N N 186 
LEU CD2 HD22 sing N N 187 
LEU CD2 HD23 sing N N 188 
LEU OXT HXT  sing N N 189 
LYS N   CA   sing N N 190 
LYS N   H    sing N N 191 
LYS N   H2   sing N N 192 
LYS CA  C    sing N N 193 
LYS CA  CB   sing N N 194 
LYS CA  HA   sing N N 195 
LYS C   O    doub N N 196 
LYS C   OXT  sing N N 197 
LYS CB  CG   sing N N 198 
LYS CB  HB2  sing N N 199 
LYS CB  HB3  sing N N 200 
LYS CG  CD   sing N N 201 
LYS CG  HG2  sing N N 202 
LYS CG  HG3  sing N N 203 
LYS CD  CE   sing N N 204 
LYS CD  HD2  sing N N 205 
LYS CD  HD3  sing N N 206 
LYS CE  NZ   sing N N 207 
LYS CE  HE2  sing N N 208 
LYS CE  HE3  sing N N 209 
LYS NZ  HZ1  sing N N 210 
LYS NZ  HZ2  sing N N 211 
LYS NZ  HZ3  sing N N 212 
LYS OXT HXT  sing N N 213 
MSE N   CA   sing N N 214 
MSE N   H    sing N N 215 
MSE N   H2   sing N N 216 
MSE CA  C    sing N N 217 
MSE CA  CB   sing N N 218 
MSE CA  HA   sing N N 219 
MSE C   O    doub N N 220 
MSE C   OXT  sing N N 221 
MSE OXT HXT  sing N N 222 
MSE CB  CG   sing N N 223 
MSE CB  HB2  sing N N 224 
MSE CB  HB3  sing N N 225 
MSE CG  SE   sing N N 226 
MSE CG  HG2  sing N N 227 
MSE CG  HG3  sing N N 228 
MSE SE  CE   sing N N 229 
MSE CE  HE1  sing N N 230 
MSE CE  HE2  sing N N 231 
MSE CE  HE3  sing N N 232 
PHE N   CA   sing N N 233 
PHE N   H    sing N N 234 
PHE N   H2   sing N N 235 
PHE CA  C    sing N N 236 
PHE CA  CB   sing N N 237 
PHE CA  HA   sing N N 238 
PHE C   O    doub N N 239 
PHE C   OXT  sing N N 240 
PHE CB  CG   sing N N 241 
PHE CB  HB2  sing N N 242 
PHE CB  HB3  sing N N 243 
PHE CG  CD1  doub Y N 244 
PHE CG  CD2  sing Y N 245 
PHE CD1 CE1  sing Y N 246 
PHE CD1 HD1  sing N N 247 
PHE CD2 CE2  doub Y N 248 
PHE CD2 HD2  sing N N 249 
PHE CE1 CZ   doub Y N 250 
PHE CE1 HE1  sing N N 251 
PHE CE2 CZ   sing Y N 252 
PHE CE2 HE2  sing N N 253 
PHE CZ  HZ   sing N N 254 
PHE OXT HXT  sing N N 255 
PRO N   CA   sing N N 256 
PRO N   CD   sing N N 257 
PRO N   H    sing N N 258 
PRO CA  C    sing N N 259 
PRO CA  CB   sing N N 260 
PRO CA  HA   sing N N 261 
PRO C   O    doub N N 262 
PRO C   OXT  sing N N 263 
PRO CB  CG   sing N N 264 
PRO CB  HB2  sing N N 265 
PRO CB  HB3  sing N N 266 
PRO CG  CD   sing N N 267 
PRO CG  HG2  sing N N 268 
PRO CG  HG3  sing N N 269 
PRO CD  HD2  sing N N 270 
PRO CD  HD3  sing N N 271 
PRO OXT HXT  sing N N 272 
SER N   CA   sing N N 273 
SER N   H    sing N N 274 
SER N   H2   sing N N 275 
SER CA  C    sing N N 276 
SER CA  CB   sing N N 277 
SER CA  HA   sing N N 278 
SER C   O    doub N N 279 
SER C   OXT  sing N N 280 
SER CB  OG   sing N N 281 
SER CB  HB2  sing N N 282 
SER CB  HB3  sing N N 283 
SER OG  HG   sing N N 284 
SER OXT HXT  sing N N 285 
THR N   CA   sing N N 286 
THR N   H    sing N N 287 
THR N   H2   sing N N 288 
THR CA  C    sing N N 289 
THR CA  CB   sing N N 290 
THR CA  HA   sing N N 291 
THR C   O    doub N N 292 
THR C   OXT  sing N N 293 
THR CB  OG1  sing N N 294 
THR CB  CG2  sing N N 295 
THR CB  HB   sing N N 296 
THR OG1 HG1  sing N N 297 
THR CG2 HG21 sing N N 298 
THR CG2 HG22 sing N N 299 
THR CG2 HG23 sing N N 300 
THR OXT HXT  sing N N 301 
TRP N   CA   sing N N 302 
TRP N   H    sing N N 303 
TRP N   H2   sing N N 304 
TRP CA  C    sing N N 305 
TRP CA  CB   sing N N 306 
TRP CA  HA   sing N N 307 
TRP C   O    doub N N 308 
TRP C   OXT  sing N N 309 
TRP CB  CG   sing N N 310 
TRP CB  HB2  sing N N 311 
TRP CB  HB3  sing N N 312 
TRP CG  CD1  doub Y N 313 
TRP CG  CD2  sing Y N 314 
TRP CD1 NE1  sing Y N 315 
TRP CD1 HD1  sing N N 316 
TRP CD2 CE2  doub Y N 317 
TRP CD2 CE3  sing Y N 318 
TRP NE1 CE2  sing Y N 319 
TRP NE1 HE1  sing N N 320 
TRP CE2 CZ2  sing Y N 321 
TRP CE3 CZ3  doub Y N 322 
TRP CE3 HE3  sing N N 323 
TRP CZ2 CH2  doub Y N 324 
TRP CZ2 HZ2  sing N N 325 
TRP CZ3 CH2  sing Y N 326 
TRP CZ3 HZ3  sing N N 327 
TRP CH2 HH2  sing N N 328 
TRP OXT HXT  sing N N 329 
TYR N   CA   sing N N 330 
TYR N   H    sing N N 331 
TYR N   H2   sing N N 332 
TYR CA  C    sing N N 333 
TYR CA  CB   sing N N 334 
TYR CA  HA   sing N N 335 
TYR C   O    doub N N 336 
TYR C   OXT  sing N N 337 
TYR CB  CG   sing N N 338 
TYR CB  HB2  sing N N 339 
TYR CB  HB3  sing N N 340 
TYR CG  CD1  doub Y N 341 
TYR CG  CD2  sing Y N 342 
TYR CD1 CE1  sing Y N 343 
TYR CD1 HD1  sing N N 344 
TYR CD2 CE2  doub Y N 345 
TYR CD2 HD2  sing N N 346 
TYR CE1 CZ   doub Y N 347 
TYR CE1 HE1  sing N N 348 
TYR CE2 CZ   sing Y N 349 
TYR CE2 HE2  sing N N 350 
TYR CZ  OH   sing N N 351 
TYR OH  HH   sing N N 352 
TYR OXT HXT  sing N N 353 
VAL N   CA   sing N N 354 
VAL N   H    sing N N 355 
VAL N   H2   sing N N 356 
VAL CA  C    sing N N 357 
VAL CA  CB   sing N N 358 
VAL CA  HA   sing N N 359 
VAL C   O    doub N N 360 
VAL C   OXT  sing N N 361 
VAL CB  CG1  sing N N 362 
VAL CB  CG2  sing N N 363 
VAL CB  HB   sing N N 364 
VAL CG1 HG11 sing N N 365 
VAL CG1 HG12 sing N N 366 
VAL CG1 HG13 sing N N 367 
VAL CG2 HG21 sing N N 368 
VAL CG2 HG22 sing N N 369 
VAL CG2 HG23 sing N N 370 
VAL OXT HXT  sing N N 371 
# 
_atom_sites.entry_id                    3JU3 
_atom_sites.fract_transf_matrix[1][1]   0.00055722 
_atom_sites.fract_transf_matrix[1][2]   0.02219150 
_atom_sites.fract_transf_matrix[1][3]   0.00371981 
_atom_sites.fract_transf_matrix[2][1]   -0.01506390 
_atom_sites.fract_transf_matrix[2][2]   0.00076734 
_atom_sites.fract_transf_matrix[2][3]   -0.00232124 
_atom_sites.fract_transf_matrix[3][1]   -0.00219257 
_atom_sites.fract_transf_matrix[3][2]   -0.00220770 
_atom_sites.fract_transf_matrix[3][3]   0.01349905 
_atom_sites.fract_transf_vector[1]      0.381419 
_atom_sites.fract_transf_vector[2]      0.366356 
_atom_sites.fract_transf_vector[3]      0.328210 
# 
loop_
_atom_type.symbol 
C  
N  
O  
SE 
# 
loop_
_atom_site.group_PDB 
_atom_site.id 
_atom_site.type_symbol 
_atom_site.label_atom_id 
_atom_site.label_alt_id 
_atom_site.label_comp_id 
_atom_site.label_asym_id 
_atom_site.label_entity_id 
_atom_site.label_seq_id 
_atom_site.pdbx_PDB_ins_code 
_atom_site.Cartn_x 
_atom_site.Cartn_y 
_atom_site.Cartn_z 
_atom_site.occupancy 
_atom_site.B_iso_or_equiv 
_atom_site.pdbx_formal_charge 
_atom_site.auth_seq_id 
_atom_site.auth_comp_id 
_atom_site.auth_asym_id 
_atom_site.auth_atom_id 
_atom_site.pdbx_PDB_model_num 
ATOM   1    N  N   . ALA A 1 3   ? 2.433   5.058   -14.739 1.00 42.69 ? 503 ALA A N   1 
ATOM   2    C  CA  . ALA A 1 3   ? 2.438   4.966   -13.228 1.00 41.58 ? 503 ALA A CA  1 
ATOM   3    C  C   . ALA A 1 3   ? 2.110   6.279   -12.526 1.00 40.59 ? 503 ALA A C   1 
ATOM   4    O  O   . ALA A 1 3   ? 2.708   6.665   -11.496 1.00 43.16 ? 503 ALA A O   1 
ATOM   5    C  CB  . ALA A 1 3   ? 3.719   4.376   -12.725 1.00 42.08 ? 503 ALA A CB  1 
ATOM   6    N  N   . GLU A 1 4   ? 1.114   6.971   -13.049 1.00 37.91 ? 504 GLU A N   1 
ATOM   7    C  CA  . GLU A 1 4   ? 0.514   7.987   -12.222 1.00 35.06 ? 504 GLU A CA  1 
ATOM   8    C  C   . GLU A 1 4   ? -0.352  7.330   -11.112 1.00 33.31 ? 504 GLU A C   1 
ATOM   9    O  O   . GLU A 1 4   ? -0.718  8.017   -10.161 1.00 34.14 ? 504 GLU A O   1 
ATOM   10   C  CB  . GLU A 1 4   ? -0.269  8.986   -13.055 1.00 35.33 ? 504 GLU A CB  1 
ATOM   11   C  CG  . GLU A 1 4   ? 0.588   9.728   -14.076 1.00 34.80 ? 504 GLU A CG  1 
ATOM   12   C  CD  . GLU A 1 4   ? 0.373   9.249   -15.515 1.00 37.19 ? 504 GLU A CD  1 
ATOM   13   O  OE1 . GLU A 1 4   ? 0.522   8.033   -15.788 1.00 38.31 ? 504 GLU A OE1 1 
ATOM   14   O  OE2 . GLU A 1 4   ? 0.058   10.104  -16.376 1.00 35.01 ? 504 GLU A OE2 1 
ATOM   15   N  N   . LYS A 1 5   ? -0.605  6.017   -11.213 1.00 28.37 ? 505 LYS A N   1 
ATOM   16   C  CA  . LYS A 1 5   ? -1.597  5.315   -10.389 1.00 26.45 ? 505 LYS A CA  1 
ATOM   17   C  C   . LYS A 1 5   ? -1.040  4.260   -9.442  1.00 24.28 ? 505 LYS A C   1 
ATOM   18   O  O   . LYS A 1 5   ? -1.696  3.858   -8.486  1.00 25.03 ? 505 LYS A O   1 
ATOM   19   C  CB  . LYS A 1 5   ? -2.592  4.623   -11.294 1.00 24.93 ? 505 LYS A CB  1 
ATOM   20   C  CG  . LYS A 1 5   ? -3.365  5.518   -12.229 1.00 26.78 ? 505 LYS A CG  1 
ATOM   21   C  CD  . LYS A 1 5   ? -4.511  4.697   -12.852 1.00 24.73 ? 505 LYS A CD  1 
ATOM   22   C  CE  . LYS A 1 5   ? -4.939  5.259   -14.152 1.00 30.50 ? 505 LYS A CE  1 
ATOM   23   N  NZ  . LYS A 1 5   ? -5.589  6.572   -13.990 1.00 32.56 ? 505 LYS A NZ  1 
ATOM   24   N  N   . ALA A 1 6   ? 0.130   3.747   -9.772  1.00 23.29 ? 506 ALA A N   1 
ATOM   25   C  CA  . ALA A 1 6   ? 0.844   2.790   -8.931  1.00 22.42 ? 506 ALA A CA  1 
ATOM   26   C  C   . ALA A 1 6   ? 2.332   2.969   -9.189  1.00 22.07 ? 506 ALA A C   1 
ATOM   27   O  O   . ALA A 1 6   ? 2.742   3.195   -10.331 1.00 22.00 ? 506 ALA A O   1 
ATOM   28   C  CB  . ALA A 1 6   ? 0.434   1.371   -9.244  1.00 21.78 ? 506 ALA A CB  1 
ATOM   29   N  N   . VAL A 1 7   ? 3.136   2.844   -8.151  1.00 19.86 ? 507 VAL A N   1 
ATOM   30   C  CA  . VAL A 1 7   ? 4.567   2.980   -8.332  1.00 20.36 ? 507 VAL A CA  1 
ATOM   31   C  C   . VAL A 1 7   ? 5.236   1.788   -7.674  1.00 19.55 ? 507 VAL A C   1 
ATOM   32   O  O   . VAL A 1 7   ? 4.757   1.305   -6.646  1.00 19.34 ? 507 VAL A O   1 
ATOM   33   C  CB  . VAL A 1 7   ? 5.086   4.339   -7.789  1.00 20.46 ? 507 VAL A CB  1 
ATOM   34   C  CG1 . VAL A 1 7   ? 4.602   4.618   -6.363  1.00 20.24 ? 507 VAL A CG1 1 
ATOM   35   C  CG2 . VAL A 1 7   ? 6.604   4.420   -7.874  1.00 25.30 ? 507 VAL A CG2 1 
ATOM   36   N  N   . LEU A 1 8   ? 6.315   1.298   -8.254  1.00 18.83 ? 508 LEU A N   1 
ATOM   37   C  CA  . LEU A 1 8   ? 7.075   0.237   -7.611  1.00 18.87 ? 508 LEU A CA  1 
ATOM   38   C  C   . LEU A 1 8   ? 8.276   0.917   -6.981  1.00 19.51 ? 508 LEU A C   1 
ATOM   39   O  O   . LEU A 1 8   ? 9.105   1.448   -7.707  1.00 18.87 ? 508 LEU A O   1 
ATOM   40   C  CB  . LEU A 1 8   ? 7.560   -0.791  -8.640  1.00 18.70 ? 508 LEU A CB  1 
ATOM   41   C  CG  . LEU A 1 8   ? 8.347   -1.959  -8.044  1.00 18.88 ? 508 LEU A CG  1 
ATOM   42   C  CD1 . LEU A 1 8   ? 7.507   -2.788  -7.065  1.00 19.06 ? 508 LEU A CD1 1 
ATOM   43   C  CD2 . LEU A 1 8   ? 8.926   -2.832  -9.139  1.00 22.31 ? 508 LEU A CD2 1 
ATOM   44   N  N   . ILE A 1 9   ? 8.365   0.912   -5.652  1.00 18.57 ? 509 ILE A N   1 
ATOM   45   C  CA  . ILE A 1 9   ? 9.478   1.544   -4.968  1.00 18.90 ? 509 ILE A CA  1 
ATOM   46   C  C   . ILE A 1 9   ? 10.490  0.464   -4.575  1.00 19.68 ? 509 ILE A C   1 
ATOM   47   O  O   . ILE A 1 9   ? 10.130  -0.563  -3.998  1.00 19.05 ? 509 ILE A O   1 
ATOM   48   C  CB  . ILE A 1 9   ? 9.005   2.307   -3.708  1.00 20.33 ? 509 ILE A CB  1 
ATOM   49   C  CG1 . ILE A 1 9   ? 7.876   3.329   -4.090  1.00 20.42 ? 509 ILE A CG1 1 
ATOM   50   C  CG2 . ILE A 1 9   ? 10.204  2.899   -2.951  1.00 18.76 ? 509 ILE A CG2 1 
ATOM   51   C  CD1 . ILE A 1 9   ? 7.296   4.091   -2.912  1.00 22.09 ? 509 ILE A CD1 1 
ATOM   52   N  N   . GLY A 1 10  ? 11.742  0.730   -4.885  1.00 20.05 ? 510 GLY A N   1 
ATOM   53   C  CA  . GLY A 1 10  ? 12.839  -0.192  -4.649  1.00 22.49 ? 510 GLY A CA  1 
ATOM   54   C  C   . GLY A 1 10  ? 13.301  -0.863  -5.929  1.00 23.49 ? 510 GLY A C   1 
ATOM   55   O  O   . GLY A 1 10  ? 13.094  -0.376  -7.042  1.00 24.33 ? 510 GLY A O   1 
ATOM   56   N  N   . GLU A 1 11  ? 13.911  -2.013  -5.748  1.00 25.22 ? 511 GLU A N   1 
ATOM   57   C  CA  . GLU A 1 11  ? 14.484  -2.783  -6.815  1.00 27.71 ? 511 GLU A CA  1 
ATOM   58   C  C   . GLU A 1 11  ? 13.457  -3.635  -7.539  1.00 27.62 ? 511 GLU A C   1 
ATOM   59   O  O   . GLU A 1 11  ? 12.580  -4.200  -6.897  1.00 28.49 ? 511 GLU A O   1 
ATOM   60   C  CB  . GLU A 1 11  ? 15.544  -3.676  -6.198  1.00 28.82 ? 511 GLU A CB  1 
ATOM   61   C  CG  . GLU A 1 11  ? 16.665  -2.903  -5.533  1.00 33.17 ? 511 GLU A CG  1 
ATOM   62   C  CD  . GLU A 1 11  ? 17.401  -1.960  -6.482  1.00 38.08 ? 511 GLU A CD  1 
ATOM   63   O  OE1 . GLU A 1 11  ? 17.887  -2.420  -7.547  1.00 39.69 ? 511 GLU A OE1 1 
ATOM   64   O  OE2 . GLU A 1 11  ? 17.496  -0.750  -6.149  1.00 41.74 ? 511 GLU A OE2 1 
ATOM   65   N  N   . LYS A 1 12  ? 13.584  -3.747  -8.866  1.00 27.74 ? 512 LYS A N   1 
ATOM   66   C  CA  . LYS A 1 12  ? 12.635  -4.516  -9.688  1.00 27.37 ? 512 LYS A CA  1 
ATOM   67   C  C   . LYS A 1 12  ? 12.456  -5.948  -9.209  1.00 26.32 ? 512 LYS A C   1 
ATOM   68   O  O   . LYS A 1 12  ? 11.328  -6.423  -9.119  1.00 28.14 ? 512 LYS A O   1 
ATOM   69   C  CB  . LYS A 1 12  ? 13.037  -4.541  -11.157 1.00 27.89 ? 512 LYS A CB  1 
ATOM   70   C  CG  . LYS A 1 12  ? 13.124  -3.180  -11.825 1.00 31.56 ? 512 LYS A CG  1 
ATOM   71   C  CD  . LYS A 1 12  ? 11.743  -2.584  -12.048 1.00 33.93 ? 512 LYS A CD  1 
ATOM   72   C  CE  . LYS A 1 12  ? 11.744  -1.122  -11.643 1.00 35.03 ? 512 LYS A CE  1 
ATOM   73   N  NZ  . LYS A 1 12  ? 10.420  -0.505  -11.883 1.00 35.25 ? 512 LYS A NZ  1 
ATOM   74   N  N   A GLU A 1 13  ? 13.568  -6.634  -8.966  0.50 25.11 ? 513 GLU A N   1 
ATOM   75   N  N   B GLU A 1 13  ? 13.560  -6.622  -8.899  0.50 25.44 ? 513 GLU A N   1 
ATOM   76   C  CA  A GLU A 1 13  ? 13.569  -7.983  -8.418  0.50 23.66 ? 513 GLU A CA  1 
ATOM   77   C  CA  B GLU A 1 13  ? 13.541  -8.017  -8.461  0.50 24.33 ? 513 GLU A CA  1 
ATOM   78   C  C   A GLU A 1 13  ? 13.774  -7.795  -6.938  0.50 22.56 ? 513 GLU A C   1 
ATOM   79   C  C   B GLU A 1 13  ? 13.947  -8.063  -6.991  0.50 23.21 ? 513 GLU A C   1 
ATOM   80   O  O   A GLU A 1 13  ? 14.537  -6.907  -6.538  0.50 21.47 ? 513 GLU A O   1 
ATOM   81   O  O   B GLU A 1 13  ? 15.034  -7.611  -6.644  0.50 23.07 ? 513 GLU A O   1 
ATOM   82   C  CB  A GLU A 1 13  ? 14.734  -8.797  -8.986  0.50 23.94 ? 513 GLU A CB  1 
ATOM   83   C  CB  B GLU A 1 13  ? 14.526  -8.849  -9.289  0.50 24.81 ? 513 GLU A CB  1 
ATOM   84   C  CG  A GLU A 1 13  ? 15.078  -10.080 -8.211  0.50 24.09 ? 513 GLU A CG  1 
ATOM   85   C  CG  B GLU A 1 13  ? 14.676  -8.424  -10.761 0.50 25.50 ? 513 GLU A CG  1 
ATOM   86   C  CD  A GLU A 1 13  ? 14.410  -11.339 -8.775  0.50 24.39 ? 513 GLU A CD  1 
ATOM   87   C  CD  B GLU A 1 13  ? 13.831  -9.251  -11.732 0.50 26.91 ? 513 GLU A CD  1 
ATOM   88   O  OE1 A GLU A 1 13  ? 13.356  -11.230 -9.447  0.50 24.39 ? 513 GLU A OE1 1 
ATOM   89   O  OE1 B GLU A 1 13  ? 12.724  -9.691  -11.344 0.50 26.60 ? 513 GLU A OE1 1 
ATOM   90   O  OE2 A GLU A 1 13  ? 14.948  -12.442 -8.547  0.50 22.06 ? 513 GLU A OE2 1 
ATOM   91   O  OE2 B GLU A 1 13  ? 14.279  -9.452  -12.892 0.50 26.70 ? 513 GLU A OE2 1 
ATOM   92   N  N   . ALA A 1 14  ? 13.080  -8.592  -6.132  1.00 21.28 ? 514 ALA A N   1 
ATOM   93   C  CA  . ALA A 1 14  ? 13.330  -8.599  -4.691  1.00 20.13 ? 514 ALA A CA  1 
ATOM   94   C  C   . ALA A 1 14  ? 12.835  -9.882  -4.105  1.00 18.84 ? 514 ALA A C   1 
ATOM   95   O  O   . ALA A 1 14  ? 11.975  -10.517 -4.680  1.00 19.87 ? 514 ALA A O   1 
ATOM   96   C  CB  . ALA A 1 14  ? 12.646  -7.423  -4.026  1.00 19.73 ? 514 ALA A CB  1 
ATOM   97   N  N   . ASP A 1 15  ? 13.407  -10.282 -2.985  1.00 17.69 ? 515 ASP A N   1 
ATOM   98   C  CA  . ASP A 1 15  ? 12.960  -11.449 -2.252  1.00 17.20 ? 515 ASP A CA  1 
ATOM   99   C  C   . ASP A 1 15  ? 11.464  -11.378 -1.874  1.00 17.54 ? 515 ASP A C   1 
ATOM   100  O  O   . ASP A 1 15  ? 10.774  -12.388 -1.904  1.00 16.51 ? 515 ASP A O   1 
ATOM   101  C  CB  . ASP A 1 15  ? 13.802  -11.610 -0.983  1.00 16.59 ? 515 ASP A CB  1 
ATOM   102  C  CG  . ASP A 1 15  ? 15.280  -11.925 -1.290  1.00 19.55 ? 515 ASP A CG  1 
ATOM   103  O  OD1 . ASP A 1 15  ? 15.568  -12.696 -2.221  1.00 19.22 ? 515 ASP A OD1 1 
ATOM   104  O  OD2 . ASP A 1 15  ? 16.165  -11.371 -0.613  1.00 17.17 ? 515 ASP A OD2 1 
ATOM   105  N  N   . ILE A 1 16  ? 11.013  -10.184 -1.472  1.00 17.60 ? 516 ILE A N   1 
ATOM   106  C  CA  . ILE A 1 16  ? 9.641   -9.904  -1.015  1.00 17.40 ? 516 ILE A CA  1 
ATOM   107  C  C   . ILE A 1 16  ? 9.112   -8.675  -1.766  1.00 18.34 ? 516 ILE A C   1 
ATOM   108  O  O   . ILE A 1 16  ? 9.809   -7.645  -1.856  1.00 17.55 ? 516 ILE A O   1 
ATOM   109  C  CB  . ILE A 1 16  ? 9.594   -9.568  0.504   1.00 17.66 ? 516 ILE A CB  1 
ATOM   110  C  CG1 . ILE A 1 16  ? 9.989   -10.797 1.355   1.00 17.58 ? 516 ILE A CG1 1 
ATOM   111  C  CG2 . ILE A 1 16  ? 8.162   -9.036  0.901   1.00 19.92 ? 516 ILE A CG2 1 
ATOM   112  C  CD1 . ILE A 1 16  ? 10.423  -10.476 2.800   1.00 17.20 ? 516 ILE A CD1 1 
ATOM   113  N  N   . THR A 1 17  ? 7.878   -8.766  -2.274  1.00 17.14 ? 517 THR A N   1 
ATOM   114  C  CA  . THR A 1 17  ? 7.194   -7.605  -2.813  1.00 17.03 ? 517 THR A CA  1 
ATOM   115  C  C   . THR A 1 17  ? 5.988   -7.285  -1.933  1.00 17.10 ? 517 THR A C   1 
ATOM   116  O  O   . THR A 1 17  ? 4.972   -8.003  -1.945  1.00 17.25 ? 517 THR A O   1 
ATOM   117  C  CB  . THR A 1 17  ? 6.743   -7.902  -4.273  1.00 18.86 ? 517 THR A CB  1 
ATOM   118  O  OG1 . THR A 1 17  ? 7.912   -8.015  -5.081  1.00 17.76 ? 517 THR A OG1 1 
ATOM   119  C  CG2 . THR A 1 17  ? 5.812   -6.784  -4.863  1.00 17.42 ? 517 THR A CG2 1 
ATOM   120  N  N   . PHE A 1 18  ? 6.113   -6.235  -1.147  1.00 17.03 ? 518 PHE A N   1 
ATOM   121  C  CA  . PHE A 1 18  ? 4.997   -5.739  -0.347  1.00 16.75 ? 518 PHE A CA  1 
ATOM   122  C  C   . PHE A 1 18  ? 4.028   -5.000  -1.271  1.00 17.62 ? 518 PHE A C   1 
ATOM   123  O  O   . PHE A 1 18  ? 4.447   -4.421  -2.270  1.00 17.77 ? 518 PHE A O   1 
ATOM   124  C  CB  . PHE A 1 18  ? 5.492   -4.772  0.733   1.00 15.21 ? 518 PHE A CB  1 
ATOM   125  C  CG  . PHE A 1 18  ? 6.282   -5.432  1.839   1.00 16.79 ? 518 PHE A CG  1 
ATOM   126  C  CD1 . PHE A 1 18  ? 5.633   -6.209  2.786   1.00 15.13 ? 518 PHE A CD1 1 
ATOM   127  C  CD2 . PHE A 1 18  ? 7.673   -5.262  1.942   1.00 17.11 ? 518 PHE A CD2 1 
ATOM   128  C  CE1 . PHE A 1 18  ? 6.350   -6.815  3.840   1.00 18.92 ? 518 PHE A CE1 1 
ATOM   129  C  CE2 . PHE A 1 18  ? 8.406   -5.888  2.992   1.00 14.53 ? 518 PHE A CE2 1 
ATOM   130  C  CZ  . PHE A 1 18  ? 7.748   -6.635  3.922   1.00 18.33 ? 518 PHE A CZ  1 
ATOM   131  N  N   . VAL A 1 19  ? 2.726   -5.048  -0.952  1.00 17.92 ? 519 VAL A N   1 
ATOM   132  C  CA  . VAL A 1 19  ? 1.715   -4.237  -1.644  1.00 17.78 ? 519 VAL A CA  1 
ATOM   133  C  C   . VAL A 1 19  ? 0.935   -3.517  -0.563  1.00 18.56 ? 519 VAL A C   1 
ATOM   134  O  O   . VAL A 1 19  ? 0.488   -4.156  0.409   1.00 18.70 ? 519 VAL A O   1 
ATOM   135  C  CB  . VAL A 1 19  ? 0.741   -5.091  -2.446  1.00 18.61 ? 519 VAL A CB  1 
ATOM   136  C  CG1 . VAL A 1 19  ? -0.236  -4.182  -3.270  1.00 16.40 ? 519 VAL A CG1 1 
ATOM   137  C  CG2 . VAL A 1 19  ? 1.473   -6.013  -3.372  1.00 17.00 ? 519 VAL A CG2 1 
ATOM   138  N  N   . THR A 1 20  ? 0.772   -2.203  -0.708  1.00 18.14 ? 520 THR A N   1 
ATOM   139  C  CA  . THR A 1 20  ? -0.109  -1.481  0.161   1.00 18.39 ? 520 THR A CA  1 
ATOM   140  C  C   . THR A 1 20  ? -0.592  -0.186  -0.506  1.00 18.87 ? 520 THR A C   1 
ATOM   141  O  O   . THR A 1 20  ? -0.261  0.092   -1.676  1.00 18.26 ? 520 THR A O   1 
ATOM   142  C  CB  . THR A 1 20  ? 0.528   -1.231  1.572   1.00 19.15 ? 520 THR A CB  1 
ATOM   143  O  OG1 . THR A 1 20  ? -0.522  -1.095  2.561   1.00 20.39 ? 520 THR A OG1 1 
ATOM   144  C  CG2 . THR A 1 20  ? 1.404   0.040   1.572   1.00 18.95 ? 520 THR A CG2 1 
ATOM   145  N  N   . TRP A 1 21  ? -1.383  0.569   0.240   1.00 17.58 ? 521 TRP A N   1 
ATOM   146  C  CA  . TRP A 1 21  ? -1.952  1.823   -0.202  1.00 18.28 ? 521 TRP A CA  1 
ATOM   147  C  C   . TRP A 1 21  ? -2.121  2.594   1.107   1.00 18.73 ? 521 TRP A C   1 
ATOM   148  O  O   . TRP A 1 21  ? -2.055  2.030   2.198   1.00 18.59 ? 521 TRP A O   1 
ATOM   149  C  CB  . TRP A 1 21  ? -3.313  1.599   -0.895  1.00 17.53 ? 521 TRP A CB  1 
ATOM   150  C  CG  . TRP A 1 21  ? -4.347  1.004   0.048   1.00 19.06 ? 521 TRP A CG  1 
ATOM   151  C  CD1 . TRP A 1 21  ? -4.454  -0.310  0.448   1.00 20.30 ? 521 TRP A CD1 1 
ATOM   152  C  CD2 . TRP A 1 21  ? -5.340  1.717   0.775   1.00 15.86 ? 521 TRP A CD2 1 
ATOM   153  N  NE1 . TRP A 1 21  ? -5.483  -0.446  1.345   1.00 17.87 ? 521 TRP A NE1 1 
ATOM   154  C  CE2 . TRP A 1 21  ? -6.042  0.786   1.556   1.00 17.25 ? 521 TRP A CE2 1 
ATOM   155  C  CE3 . TRP A 1 21  ? -5.730  3.065   0.814   1.00 18.91 ? 521 TRP A CE3 1 
ATOM   156  C  CZ2 . TRP A 1 21  ? -7.115  1.148   2.368   1.00 15.10 ? 521 TRP A CZ2 1 
ATOM   157  C  CZ3 . TRP A 1 21  ? -6.793  3.424   1.620   1.00 18.81 ? 521 TRP A CZ3 1 
ATOM   158  C  CH2 . TRP A 1 21  ? -7.459  2.467   2.411   1.00 15.78 ? 521 TRP A CH2 1 
ATOM   159  N  N   . GLY A 1 22  ? -2.369  3.881   1.001   1.00 19.22 ? 522 GLY A N   1 
ATOM   160  C  CA  . GLY A 1 22  ? -2.742  4.642   2.182   1.00 19.70 ? 522 GLY A CA  1 
ATOM   161  C  C   . GLY A 1 22  ? -1.690  4.687   3.253   1.00 20.41 ? 522 GLY A C   1 
ATOM   162  O  O   . GLY A 1 22  ? -0.511  4.858   2.968   1.00 20.52 ? 522 GLY A O   1 
ATOM   163  N  N   . SER A 1 23  ? -2.125  4.502   4.505   1.00 21.22 ? 523 SER A N   1 
ATOM   164  C  CA  . SER A 1 23  ? -1.317  4.919   5.638   1.00 21.59 ? 523 SER A CA  1 
ATOM   165  C  C   . SER A 1 23  ? -0.111  4.002   5.971   1.00 21.79 ? 523 SER A C   1 
ATOM   166  O  O   . SER A 1 23  ? 0.826   4.448   6.641   1.00 20.76 ? 523 SER A O   1 
ATOM   167  C  CB  . SER A 1 23  ? -2.213  5.091   6.870   1.00 22.17 ? 523 SER A CB  1 
ATOM   168  O  OG  . SER A 1 23  ? -2.590  3.799   7.342   1.00 23.47 ? 523 SER A OG  1 
ATOM   169  N  N   . GLN A 1 24  ? -0.122  2.750   5.503   1.00 20.69 ? 524 GLN A N   1 
ATOM   170  C  CA  . GLN A 1 24  ? 0.934   1.790   5.892   1.00 20.89 ? 524 GLN A CA  1 
ATOM   171  C  C   . GLN A 1 24  ? 2.186   1.927   5.021   1.00 20.82 ? 524 GLN A C   1 
ATOM   172  O  O   . GLN A 1 24  ? 3.198   1.210   5.218   1.00 20.12 ? 524 GLN A O   1 
ATOM   173  C  CB  . GLN A 1 24  ? 0.398   0.355   5.857   1.00 21.46 ? 524 GLN A CB  1 
ATOM   174  C  CG  . GLN A 1 24  ? -0.630  0.082   6.938   1.00 22.83 ? 524 GLN A CG  1 
ATOM   175  C  CD  . GLN A 1 24  ? -0.100  0.478   8.330   1.00 26.12 ? 524 GLN A CD  1 
ATOM   176  O  OE1 . GLN A 1 24  ? -0.601  1.408   8.937   1.00 30.02 ? 524 GLN A OE1 1 
ATOM   177  N  NE2 . GLN A 1 24  ? 0.935   -0.206  8.798   1.00 23.29 ? 524 GLN A NE2 1 
ATOM   178  N  N   . LYS A 1 25  ? 2.164   2.906   4.108   1.00 21.43 ? 525 LYS A N   1 
ATOM   179  C  CA  . LYS A 1 25  ? 3.311   3.096   3.218   1.00 22.12 ? 525 LYS A CA  1 
ATOM   180  C  C   . LYS A 1 25  ? 4.565   3.251   4.045   1.00 22.65 ? 525 LYS A C   1 
ATOM   181  O  O   . LYS A 1 25  ? 5.556   2.557   3.797   1.00 24.60 ? 525 LYS A O   1 
ATOM   182  C  CB  . LYS A 1 25  ? 3.173   4.287   2.258   1.00 20.59 ? 525 LYS A CB  1 
ATOM   183  C  CG  . LYS A 1 25  ? 4.396   4.429   1.399   1.00 23.27 ? 525 LYS A CG  1 
ATOM   184  C  CD  . LYS A 1 25  ? 4.314   5.497   0.316   1.00 27.59 ? 525 LYS A CD  1 
ATOM   185  C  CE  . LYS A 1 25  ? 4.975   6.790   0.765   1.00 27.88 ? 525 LYS A CE  1 
ATOM   186  N  NZ  . LYS A 1 25  ? 5.117   7.777   -0.349  1.00 28.71 ? 525 LYS A NZ  1 
ATOM   187  N  N   . GLY A 1 26  ? 4.554   4.183   4.983   1.00 22.08 ? 526 GLY A N   1 
ATOM   188  C  CA  . GLY A 1 26  ? 5.792   4.516   5.736   1.00 22.05 ? 526 GLY A CA  1 
ATOM   189  C  C   . GLY A 1 26  ? 6.336   3.357   6.588   1.00 21.59 ? 526 GLY A C   1 
ATOM   190  O  O   . GLY A 1 26  ? 7.527   3.055   6.564   1.00 22.67 ? 526 GLY A O   1 
ATOM   191  N  N   . PRO A 1 27  ? 5.464   2.696   7.347   1.00 21.32 ? 527 PRO A N   1 
ATOM   192  C  CA  . PRO A 1 27  ? 5.865   1.505   8.071   1.00 21.21 ? 527 PRO A CA  1 
ATOM   193  C  C   . PRO A 1 27  ? 6.563   0.435   7.176   1.00 21.24 ? 527 PRO A C   1 
ATOM   194  O  O   . PRO A 1 27  ? 7.590   -0.133  7.565   1.00 21.27 ? 527 PRO A O   1 
ATOM   195  C  CB  . PRO A 1 27  ? 4.528   0.992   8.599   1.00 21.64 ? 527 PRO A CB  1 
ATOM   196  C  CG  . PRO A 1 27  ? 3.798   2.259   8.963   1.00 22.14 ? 527 PRO A CG  1 
ATOM   197  C  CD  . PRO A 1 27  ? 4.088   3.111   7.705   1.00 21.28 ? 527 PRO A CD  1 
ATOM   198  N  N   A ILE A 1 28  ? 6.002   0.161   6.005   0.50 21.00 ? 528 ILE A N   1 
ATOM   199  N  N   B ILE A 1 28  ? 6.014   0.185   5.993   0.50 20.67 ? 528 ILE A N   1 
ATOM   200  C  CA  A ILE A 1 28  ? 6.612   -0.805  5.086   0.50 21.03 ? 528 ILE A CA  1 
ATOM   201  C  CA  B ILE A 1 28  ? 6.583   -0.807  5.070   0.50 20.41 ? 528 ILE A CA  1 
ATOM   202  C  C   A ILE A 1 28  ? 8.015   -0.361  4.631   0.50 21.10 ? 528 ILE A C   1 
ATOM   203  C  C   B ILE A 1 28  ? 7.955   -0.386  4.475   0.50 20.80 ? 528 ILE A C   1 
ATOM   204  O  O   A ILE A 1 28  ? 8.955   -1.163  4.617   0.50 21.15 ? 528 ILE A O   1 
ATOM   205  O  O   B ILE A 1 28  ? 8.821   -1.235  4.209   0.50 21.09 ? 528 ILE A O   1 
ATOM   206  C  CB  A ILE A 1 28  ? 5.737   -1.034  3.854   0.50 20.76 ? 528 ILE A CB  1 
ATOM   207  C  CB  B ILE A 1 28  ? 5.583   -1.143  3.952   0.50 19.72 ? 528 ILE A CB  1 
ATOM   208  C  CG1 A ILE A 1 28  ? 4.438   -1.723  4.261   0.50 21.64 ? 528 ILE A CG1 1 
ATOM   209  C  CG1 B ILE A 1 28  ? 4.332   -1.799  4.558   0.50 19.03 ? 528 ILE A CG1 1 
ATOM   210  C  CG2 A ILE A 1 28  ? 6.503   -1.891  2.815   0.50 20.80 ? 528 ILE A CG2 1 
ATOM   211  C  CG2 B ILE A 1 28  ? 6.243   -2.066  2.914   0.50 20.05 ? 528 ILE A CG2 1 
ATOM   212  C  CD1 A ILE A 1 28  ? 3.665   -2.223  3.099   0.50 21.69 ? 528 ILE A CD1 1 
ATOM   213  C  CD1 B ILE A 1 28  ? 4.648   -2.934  5.495   0.50 13.88 ? 528 ILE A CD1 1 
ATOM   214  N  N   . LEU A 1 29  ? 8.150   0.914   4.284   1.00 20.39 ? 529 LEU A N   1 
ATOM   215  C  CA  . LEU A 1 29  ? 9.406   1.429   3.774   1.00 21.17 ? 529 LEU A CA  1 
ATOM   216  C  C   . LEU A 1 29  ? 10.548  1.281   4.786   1.00 21.81 ? 529 LEU A C   1 
ATOM   217  O  O   . LEU A 1 29  ? 11.690  0.960   4.402   1.00 22.17 ? 529 LEU A O   1 
ATOM   218  C  CB  . LEU A 1 29  ? 9.264   2.861   3.259   1.00 20.65 ? 529 LEU A CB  1 
ATOM   219  C  CG  . LEU A 1 29  ? 8.533   3.078   1.930   1.00 21.97 ? 529 LEU A CG  1 
ATOM   220  C  CD1 . LEU A 1 29  ? 8.413   4.573   1.660   1.00 20.39 ? 529 LEU A CD1 1 
ATOM   221  C  CD2 . LEU A 1 29  ? 9.240   2.383   0.723   1.00 21.95 ? 529 LEU A CD2 1 
ATOM   222  N  N   . ASP A 1 30  ? 10.241  1.488   6.064   1.00 21.77 ? 530 ASP A N   1 
ATOM   223  C  CA  . ASP A 1 30  ? 11.181  1.159   7.133   1.00 21.63 ? 530 ASP A CA  1 
ATOM   224  C  C   . ASP A 1 30  ? 11.480  -0.342  7.275   1.00 20.63 ? 530 ASP A C   1 
ATOM   225  O  O   . ASP A 1 30  ? 12.611  -0.700  7.603   1.00 19.24 ? 530 ASP A O   1 
ATOM   226  C  CB  . ASP A 1 30  ? 10.669  1.665   8.485   1.00 21.81 ? 530 ASP A CB  1 
ATOM   227  C  CG  . ASP A 1 30  ? 10.569  3.172   8.552   1.00 25.16 ? 530 ASP A CG  1 
ATOM   228  O  OD1 . ASP A 1 30  ? 11.191  3.890   7.727   1.00 28.28 ? 530 ASP A OD1 1 
ATOM   229  O  OD2 . ASP A 1 30  ? 9.840   3.639   9.447   1.00 26.89 ? 530 ASP A OD2 1 
ATOM   230  N  N   . VAL A 1 31  ? 10.477  -1.210  7.082   1.00 19.69 ? 531 VAL A N   1 
ATOM   231  C  CA  . VAL A 1 31  ? 10.711  -2.650  7.171   1.00 20.63 ? 531 VAL A CA  1 
ATOM   232  C  C   . VAL A 1 31  ? 11.656  -3.085  6.052   1.00 21.35 ? 531 VAL A C   1 
ATOM   233  O  O   . VAL A 1 31  ? 12.519  -3.979  6.255   1.00 21.56 ? 531 VAL A O   1 
ATOM   234  C  CB  . VAL A 1 31  ? 9.409   -3.471  7.125   1.00 20.56 ? 531 VAL A CB  1 
ATOM   235  C  CG1 . VAL A 1 31  ? 9.715   -4.992  7.118   1.00 19.90 ? 531 VAL A CG1 1 
ATOM   236  C  CG2 . VAL A 1 31  ? 8.572   -3.151  8.320   1.00 20.16 ? 531 VAL A CG2 1 
ATOM   237  N  N   . ILE A 1 32  ? 11.480  -2.472  4.885   1.00 21.38 ? 532 ILE A N   1 
ATOM   238  C  CA  . ILE A 1 32  ? 12.416  -2.620  3.758   1.00 21.84 ? 532 ILE A CA  1 
ATOM   239  C  C   . ILE A 1 32  ? 13.867  -2.319  4.182   1.00 22.42 ? 532 ILE A C   1 
ATOM   240  O  O   . ILE A 1 32  ? 14.795  -3.104  3.857   1.00 22.67 ? 532 ILE A O   1 
ATOM   241  C  CB  . ILE A 1 32  ? 11.941  -1.834  2.514   1.00 21.32 ? 532 ILE A CB  1 
ATOM   242  C  CG1 . ILE A 1 32  ? 10.704  -2.554  1.940   1.00 19.90 ? 532 ILE A CG1 1 
ATOM   243  C  CG2 . ILE A 1 32  ? 13.070  -1.689  1.435   1.00 20.41 ? 532 ILE A CG2 1 
ATOM   244  C  CD1 . ILE A 1 32  ? 9.969   -1.834  0.906   1.00 22.05 ? 532 ILE A CD1 1 
ATOM   245  N  N   A GLU A 1 33  ? 14.081  -1.217  4.901   0.50 22.55 ? 533 GLU A N   1 
ATOM   246  N  N   B GLU A 1 33  ? 14.063  -1.228  4.919   0.50 22.90 ? 533 GLU A N   1 
ATOM   247  C  CA  A GLU A 1 33  ? 15.447  -0.844  5.291   0.50 22.25 ? 533 GLU A CA  1 
ATOM   248  C  CA  B GLU A 1 33  ? 15.408  -0.824  5.322   0.50 22.99 ? 533 GLU A CA  1 
ATOM   249  C  C   A GLU A 1 33  ? 16.025  -1.817  6.313   0.50 22.67 ? 533 GLU A C   1 
ATOM   250  C  C   B GLU A 1 33  ? 16.008  -1.819  6.301   0.50 23.08 ? 533 GLU A C   1 
ATOM   251  O  O   A GLU A 1 33  ? 17.176  -2.219  6.188   0.50 21.60 ? 533 GLU A O   1 
ATOM   252  O  O   B GLU A 1 33  ? 17.152  -2.229  6.144   0.50 21.97 ? 533 GLU A O   1 
ATOM   253  C  CB  A GLU A 1 33  ? 15.548  0.606   5.788   0.50 22.52 ? 533 GLU A CB  1 
ATOM   254  C  CB  B GLU A 1 33  ? 15.419  0.582   5.919   0.50 23.61 ? 533 GLU A CB  1 
ATOM   255  C  CG  A GLU A 1 33  ? 15.273  1.675   4.724   0.50 21.31 ? 533 GLU A CG  1 
ATOM   256  C  CG  B GLU A 1 33  ? 16.783  1.236   5.878   0.50 24.56 ? 533 GLU A CG  1 
ATOM   257  C  CD  A GLU A 1 33  ? 16.036  1.456   3.406   0.50 21.43 ? 533 GLU A CD  1 
ATOM   258  C  CD  B GLU A 1 33  ? 17.193  1.639   4.465   0.50 26.54 ? 533 GLU A CD  1 
ATOM   259  O  OE1 A GLU A 1 33  ? 17.214  1.877   3.304   0.50 23.15 ? 533 GLU A OE1 1 
ATOM   260  O  OE1 B GLU A 1 33  ? 16.481  1.266   3.501   0.50 27.80 ? 533 GLU A OE1 1 
ATOM   261  O  OE2 A GLU A 1 33  ? 15.452  0.881   2.461   0.50 17.42 ? 533 GLU A OE2 1 
ATOM   262  O  OE2 B GLU A 1 33  ? 18.225  2.330   4.314   0.50 25.86 ? 533 GLU A OE2 1 
ATOM   263  N  N   . ASP A 1 34  ? 15.213  -2.206  7.301   1.00 23.12 ? 534 ASP A N   1 
ATOM   264  C  CA  . ASP A 1 34  ? 15.595  -3.241  8.273   1.00 23.80 ? 534 ASP A CA  1 
ATOM   265  C  C   . ASP A 1 34  ? 15.961  -4.593  7.614   1.00 23.52 ? 534 ASP A C   1 
ATOM   266  O  O   . ASP A 1 34  ? 16.925  -5.255  8.021   1.00 23.57 ? 534 ASP A O   1 
ATOM   267  C  CB  . ASP A 1 34  ? 14.472  -3.441  9.290   1.00 23.68 ? 534 ASP A CB  1 
ATOM   268  C  CG  . ASP A 1 34  ? 14.133  -2.178  10.029  1.00 26.14 ? 534 ASP A CG  1 
ATOM   269  O  OD1 . ASP A 1 34  ? 15.046  -1.389  10.346  1.00 27.70 ? 534 ASP A OD1 1 
ATOM   270  O  OD2 . ASP A 1 34  ? 12.939  -1.969  10.313  1.00 30.98 ? 534 ASP A OD2 1 
ATOM   271  N  N   . LEU A 1 35  ? 15.192  -5.004  6.611   1.00 22.51 ? 535 LEU A N   1 
ATOM   272  C  CA  . LEU A 1 35  ? 15.481  -6.254  5.886   1.00 21.36 ? 535 LEU A CA  1 
ATOM   273  C  C   . LEU A 1 35  ? 16.875  -6.268  5.212   1.00 21.39 ? 535 LEU A C   1 
ATOM   274  O  O   . LEU A 1 35  ? 17.571  -7.282  5.230   1.00 20.26 ? 535 LEU A O   1 
ATOM   275  C  CB  . LEU A 1 35  ? 14.343  -6.567  4.882   1.00 19.80 ? 535 LEU A CB  1 
ATOM   276  C  CG  . LEU A 1 35  ? 13.041  -7.112  5.490   1.00 19.19 ? 535 LEU A CG  1 
ATOM   277  C  CD1 . LEU A 1 35  ? 11.932  -7.038  4.420   1.00 15.65 ? 535 LEU A CD1 1 
ATOM   278  C  CD2 . LEU A 1 35  ? 13.200  -8.553  6.029   1.00 18.44 ? 535 LEU A CD2 1 
ATOM   279  N  N   . LYS A 1 36  ? 17.269  -5.141  4.618   1.00 22.11 ? 536 LYS A N   1 
ATOM   280  C  CA  . LYS A 1 36  ? 18.576  -5.006  3.979   1.00 23.03 ? 536 LYS A CA  1 
ATOM   281  C  C   . LYS A 1 36  ? 19.690  -5.403  4.949   1.00 23.47 ? 536 LYS A C   1 
ATOM   282  O  O   . LYS A 1 36  ? 20.688  -6.019  4.553   1.00 21.97 ? 536 LYS A O   1 
ATOM   283  C  CB  . LYS A 1 36  ? 18.780  -3.547  3.531   1.00 23.80 ? 536 LYS A CB  1 
ATOM   284  C  CG  . LYS A 1 36  ? 18.172  -3.228  2.213   1.00 24.09 ? 536 LYS A CG  1 
ATOM   285  C  CD  . LYS A 1 36  ? 18.214  -1.743  1.942   1.00 28.82 ? 536 LYS A CD  1 
ATOM   286  C  CE  . LYS A 1 36  ? 17.202  -1.372  0.852   1.00 31.30 ? 536 LYS A CE  1 
ATOM   287  N  NZ  . LYS A 1 36  ? 17.315  0.082   0.510   1.00 34.55 ? 536 LYS A NZ  1 
ATOM   288  N  N   . GLU A 1 37  ? 19.490  -5.063  6.227   1.00 24.02 ? 537 GLU A N   1 
ATOM   289  C  CA  . GLU A 1 37  ? 20.476  -5.324  7.276   1.00 24.83 ? 537 GLU A CA  1 
ATOM   290  C  C   . GLU A 1 37  ? 20.737  -6.810  7.444   1.00 24.39 ? 537 GLU A C   1 
ATOM   291  O  O   . GLU A 1 37  ? 21.815  -7.189  7.851   1.00 24.27 ? 537 GLU A O   1 
ATOM   292  C  CB  . GLU A 1 37  ? 20.056  -4.690  8.608   1.00 25.07 ? 537 GLU A CB  1 
ATOM   293  C  CG  . GLU A 1 37  ? 20.213  -3.177  8.588   1.00 28.12 ? 537 GLU A CG  1 
ATOM   294  C  CD  . GLU A 1 37  ? 19.840  -2.470  9.896   1.00 33.00 ? 537 GLU A CD  1 
ATOM   295  O  OE1 . GLU A 1 37  ? 19.836  -3.092  10.991  1.00 34.90 ? 537 GLU A OE1 1 
ATOM   296  O  OE2 . GLU A 1 37  ? 19.595  -1.253  9.823   1.00 33.48 ? 537 GLU A OE2 1 
ATOM   297  N  N   . GLU A 1 38  ? 19.734  -7.626  7.136   1.00 23.61 ? 538 GLU A N   1 
ATOM   298  C  CA  . GLU A 1 38  ? 19.838  -9.070  7.209   1.00 23.68 ? 538 GLU A CA  1 
ATOM   299  C  C   . GLU A 1 38  ? 20.075  -9.679  5.843   1.00 22.08 ? 538 GLU A C   1 
ATOM   300  O  O   . GLU A 1 38  ? 19.978  -10.910 5.690   1.00 21.55 ? 538 GLU A O   1 
ATOM   301  C  CB  . GLU A 1 38  ? 18.540  -9.675  7.750   1.00 24.81 ? 538 GLU A CB  1 
ATOM   302  C  CG  . GLU A 1 38  ? 18.370  -9.568  9.199   1.00 27.93 ? 538 GLU A CG  1 
ATOM   303  C  CD  . GLU A 1 38  ? 17.073  -10.176 9.620   1.00 31.36 ? 538 GLU A CD  1 
ATOM   304  O  OE1 . GLU A 1 38  ? 17.036  -11.413 9.832   1.00 34.09 ? 538 GLU A OE1 1 
ATOM   305  O  OE2 . GLU A 1 38  ? 16.092  -9.418  9.725   1.00 31.51 ? 538 GLU A OE2 1 
ATOM   306  N  N   . GLY A 1 39  ? 20.378  -8.830  4.859   1.00 20.12 ? 539 GLY A N   1 
ATOM   307  C  CA  . GLY A 1 39  ? 20.609  -9.301  3.482   1.00 18.50 ? 539 GLY A CA  1 
ATOM   308  C  C   . GLY A 1 39  ? 19.373  -9.764  2.738   1.00 17.24 ? 539 GLY A C   1 
ATOM   309  O  O   . GLY A 1 39  ? 19.482  -10.521 1.739   1.00 15.84 ? 539 GLY A O   1 
ATOM   310  N  N   . ILE A 1 40  ? 18.205  -9.257  3.159   1.00 15.60 ? 540 ILE A N   1 
ATOM   311  C  CA  . ILE A 1 40  ? 16.959  -9.580  2.463   1.00 15.92 ? 540 ILE A CA  1 
ATOM   312  C  C   . ILE A 1 40  ? 16.470  -8.381  1.667   1.00 16.16 ? 540 ILE A C   1 
ATOM   313  O  O   . ILE A 1 40  ? 16.353  -7.296  2.214   1.00 15.85 ? 540 ILE A O   1 
ATOM   314  C  CB  . ILE A 1 40  ? 15.876  -10.007 3.426   1.00 16.24 ? 540 ILE A CB  1 
ATOM   315  C  CG1 . ILE A 1 40  ? 16.280  -11.319 4.092   1.00 16.42 ? 540 ILE A CG1 1 
ATOM   316  C  CG2 . ILE A 1 40  ? 14.550  -10.160 2.696   1.00 14.17 ? 540 ILE A CG2 1 
ATOM   317  C  CD1 . ILE A 1 40  ? 15.426  -11.659 5.303   1.00 17.24 ? 540 ILE A CD1 1 
ATOM   318  N  N   . SER A 1 41  ? 16.188  -8.582  0.384   1.00 15.79 ? 541 SER A N   1 
ATOM   319  C  CA  . SER A 1 41  ? 15.712  -7.467  -0.446  1.00 16.69 ? 541 SER A CA  1 
ATOM   320  C  C   . SER A 1 41  ? 14.186  -7.432  -0.522  1.00 16.77 ? 541 SER A C   1 
ATOM   321  O  O   . SER A 1 41  ? 13.519  -8.455  -0.510  1.00 17.33 ? 541 SER A O   1 
ATOM   322  C  CB  . SER A 1 41  ? 16.316  -7.525  -1.855  1.00 16.90 ? 541 SER A CB  1 
ATOM   323  O  OG  . SER A 1 41  ? 15.933  -8.743  -2.467  1.00 18.99 ? 541 SER A OG  1 
ATOM   324  N  N   . ALA A 1 42  ? 13.625  -6.237  -0.639  1.00 16.89 ? 542 ALA A N   1 
ATOM   325  C  CA  . ALA A 1 42  ? 12.179  -6.141  -0.671  1.00 16.85 ? 542 ALA A CA  1 
ATOM   326  C  C   . ALA A 1 42  ? 11.868  -4.906  -1.475  1.00 16.59 ? 542 ALA A C   1 
ATOM   327  O  O   . ALA A 1 42  ? 12.650  -3.933  -1.461  1.00 17.37 ? 542 ALA A O   1 
ATOM   328  C  CB  . ALA A 1 42  ? 11.621  -6.075  0.742   1.00 16.55 ? 542 ALA A CB  1 
ATOM   329  N  N   . ASN A 1 43  ? 10.765  -4.944  -2.215  1.00 14.85 ? 543 ASN A N   1 
ATOM   330  C  CA  . ASN A 1 43  ? 10.305  -3.738  -2.868  1.00 14.31 ? 543 ASN A CA  1 
ATOM   331  C  C   . ASN A 1 43  ? 8.836   -3.495  -2.467  1.00 14.17 ? 543 ASN A C   1 
ATOM   332  O  O   . ASN A 1 43  ? 8.265   -4.292  -1.701  1.00 13.24 ? 543 ASN A O   1 
ATOM   333  C  CB  . ASN A 1 43  ? 10.557  -3.783  -4.398  1.00 13.70 ? 543 ASN A CB  1 
ATOM   334  C  CG  . ASN A 1 43  ? 9.908   -4.996  -5.076  1.00 15.36 ? 543 ASN A CG  1 
ATOM   335  O  OD1 . ASN A 1 43  ? 9.020   -5.622  -4.507  1.00 14.30 ? 543 ASN A OD1 1 
ATOM   336  N  ND2 . ASN A 1 43  ? 10.353  -5.327  -6.285  1.00 12.27 ? 543 ASN A ND2 1 
ATOM   337  N  N   . LEU A 1 44  ? 8.244   -2.378  -2.906  1.00 12.97 ? 544 LEU A N   1 
ATOM   338  C  CA  . LEU A 1 44  ? 6.881   -2.028  -2.476  1.00 12.65 ? 544 LEU A CA  1 
ATOM   339  C  C   . LEU A 1 44  ? 6.092   -1.573  -3.688  1.00 13.06 ? 544 LEU A C   1 
ATOM   340  O  O   . LEU A 1 44  ? 6.472   -0.594  -4.351  1.00 11.92 ? 544 LEU A O   1 
ATOM   341  C  CB  . LEU A 1 44  ? 6.880   -0.931  -1.378  1.00 13.10 ? 544 LEU A CB  1 
ATOM   342  C  CG  . LEU A 1 44  ? 5.495   -0.283  -1.109  1.00 10.36 ? 544 LEU A CG  1 
ATOM   343  C  CD1 . LEU A 1 44  ? 4.460   -1.288  -0.605  1.00 10.81 ? 544 LEU A CD1 1 
ATOM   344  C  CD2 . LEU A 1 44  ? 5.568   0.885   -0.145  1.00 14.61 ? 544 LEU A CD2 1 
ATOM   345  N  N   . LEU A 1 45  ? 5.011   -2.296  -3.998  1.00 12.03 ? 545 LEU A N   1 
ATOM   346  C  CA  . LEU A 1 45  ? 4.084   -1.834  -5.025  1.00 12.34 ? 545 LEU A CA  1 
ATOM   347  C  C   . LEU A 1 45  ? 3.072   -1.004  -4.251  1.00 12.06 ? 545 LEU A C   1 
ATOM   348  O  O   . LEU A 1 45  ? 2.354   -1.520  -3.420  1.00 12.01 ? 545 LEU A O   1 
ATOM   349  C  CB  . LEU A 1 45  ? 3.420   -3.000  -5.748  1.00 11.43 ? 545 LEU A CB  1 
ATOM   350  C  CG  . LEU A 1 45  ? 2.200   -2.728  -6.633  1.00 12.40 ? 545 LEU A CG  1 
ATOM   351  C  CD1 . LEU A 1 45  ? 2.654   -1.888  -7.765  1.00 13.62 ? 545 LEU A CD1 1 
ATOM   352  C  CD2 . LEU A 1 45  ? 1.624   -4.065  -7.189  1.00 14.93 ? 545 LEU A CD2 1 
ATOM   353  N  N   . TYR A 1 46  ? 3.053   0.288   -4.524  1.00 12.38 ? 546 TYR A N   1 
ATOM   354  C  CA  . TYR A 1 46  ? 2.218   1.224   -3.793  1.00 12.66 ? 546 TYR A CA  1 
ATOM   355  C  C   . TYR A 1 46  ? 1.108   1.691   -4.727  1.00 12.56 ? 546 TYR A C   1 
ATOM   356  O  O   . TYR A 1 46  ? 1.378   2.268   -5.783  1.00 11.11 ? 546 TYR A O   1 
ATOM   357  C  CB  . TYR A 1 46  ? 3.077   2.407   -3.360  1.00 12.01 ? 546 TYR A CB  1 
ATOM   358  C  CG  . TYR A 1 46  ? 2.344   3.468   -2.620  1.00 16.18 ? 546 TYR A CG  1 
ATOM   359  C  CD1 . TYR A 1 46  ? 1.757   3.221   -1.388  1.00 16.40 ? 546 TYR A CD1 1 
ATOM   360  C  CD2 . TYR A 1 46  ? 2.244   4.735   -3.153  1.00 18.02 ? 546 TYR A CD2 1 
ATOM   361  C  CE1 . TYR A 1 46  ? 1.087   4.218   -0.735  1.00 18.61 ? 546 TYR A CE1 1 
ATOM   362  C  CE2 . TYR A 1 46  ? 1.580   5.701   -2.532  1.00 18.27 ? 546 TYR A CE2 1 
ATOM   363  C  CZ  . TYR A 1 46  ? 1.010   5.454   -1.329  1.00 20.22 ? 546 TYR A CZ  1 
ATOM   364  O  OH  . TYR A 1 46  ? 0.387   6.508   -0.734  1.00 23.58 ? 546 TYR A OH  1 
ATOM   365  N  N   . LEU A 1 47  ? -0.134  1.439   -4.322  1.00 13.67 ? 547 LEU A N   1 
ATOM   366  C  CA  . LEU A 1 47  ? -1.286  1.887   -5.092  1.00 13.94 ? 547 LEU A CA  1 
ATOM   367  C  C   . LEU A 1 47  ? -1.703  3.268   -4.594  1.00 14.27 ? 547 LEU A C   1 
ATOM   368  O  O   . LEU A 1 47  ? -1.952  3.468   -3.399  1.00 11.63 ? 547 LEU A O   1 
ATOM   369  C  CB  . LEU A 1 47  ? -2.433  0.892   -4.967  1.00 14.23 ? 547 LEU A CB  1 
ATOM   370  C  CG  . LEU A 1 47  ? -1.986  -0.548  -5.290  1.00 16.57 ? 547 LEU A CG  1 
ATOM   371  C  CD1 . LEU A 1 47  ? -3.102  -1.594  -5.098  1.00 17.94 ? 547 LEU A CD1 1 
ATOM   372  C  CD2 . LEU A 1 47  ? -1.342  -0.670  -6.709  1.00 13.93 ? 547 LEU A CD2 1 
ATOM   373  N  N   . LYS A 1 48  ? -1.738  4.215   -5.514  1.00 14.62 ? 548 LYS A N   1 
ATOM   374  C  CA  . LYS A 1 48  ? -2.099  5.581   -5.191  1.00 18.20 ? 548 LYS A CA  1 
ATOM   375  C  C   . LYS A 1 48  ? -3.633  5.751   -5.238  1.00 19.32 ? 548 LYS A C   1 
ATOM   376  O  O   . LYS A 1 48  ? -4.306  5.272   -6.151  1.00 20.62 ? 548 LYS A O   1 
ATOM   377  C  CB  . LYS A 1 48  ? -1.453  6.513   -6.218  1.00 17.67 ? 548 LYS A CB  1 
ATOM   378  C  CG  . LYS A 1 48  ? 0.040   6.430   -6.194  1.00 19.33 ? 548 LYS A CG  1 
ATOM   379  C  CD  . LYS A 1 48  ? 0.588   7.486   -7.105  1.00 21.35 ? 548 LYS A CD  1 
ATOM   380  C  CE  . LYS A 1 48  ? 2.062   7.477   -7.114  1.00 18.67 ? 548 LYS A CE  1 
ATOM   381  N  NZ  . LYS A 1 48  ? 2.443   8.430   -8.173  1.00 21.41 ? 548 LYS A NZ  1 
HETATM 382  N  N   . MSE A 1 49  ? -4.166  6.467   -4.271  1.00 21.35 ? 549 MSE A N   1 
HETATM 383  C  CA  . MSE A 1 49  ? -5.613  6.628   -4.149  1.00 23.09 ? 549 MSE A CA  1 
HETATM 384  C  C   . MSE A 1 49  ? -6.209  7.600   -5.170  1.00 25.14 ? 549 MSE A C   1 
HETATM 385  O  O   . MSE A 1 49  ? -7.046  7.210   -5.979  1.00 26.60 ? 549 MSE A O   1 
HETATM 386  C  CB  . MSE A 1 49  ? -5.980  7.061   -2.740  1.00 23.19 ? 549 MSE A CB  1 
HETATM 387  C  CG  . MSE A 1 49  ? -5.996  5.909   -1.749  1.00 22.84 ? 549 MSE A CG  1 
HETATM 388  SE SE  . MSE A 1 49  ? -6.146  6.664   0.033   0.75 29.50 ? 549 MSE A SE  1 
HETATM 389  C  CE  . MSE A 1 49  ? -4.903  8.169   -0.360  1.00 26.15 ? 549 MSE A CE  1 
ATOM   390  N  N   . PHE A 1 50  ? -5.830  8.854   -5.163  1.00 24.92 ? 550 PHE A N   1 
ATOM   391  C  CA  . PHE A 1 50  ? -6.631  9.808   -5.970  1.00 25.42 ? 550 PHE A CA  1 
ATOM   392  C  C   . PHE A 1 50  ? -5.833  10.359  -7.146  1.00 25.75 ? 550 PHE A C   1 
ATOM   393  O  O   . PHE A 1 50  ? -6.123  11.413  -7.675  1.00 25.68 ? 550 PHE A O   1 
ATOM   394  C  CB  . PHE A 1 50  ? -7.158  10.931  -5.076  1.00 24.57 ? 550 PHE A CB  1 
ATOM   395  C  CG  . PHE A 1 50  ? -8.010  10.430  -3.937  1.00 23.48 ? 550 PHE A CG  1 
ATOM   396  C  CD1 . PHE A 1 50  ? -9.324  10.008  -4.185  1.00 23.91 ? 550 PHE A CD1 1 
ATOM   397  C  CD2 . PHE A 1 50  ? -7.498  10.333  -2.655  1.00 24.85 ? 550 PHE A CD2 1 
ATOM   398  C  CE1 . PHE A 1 50  ? -10.122 9.518   -3.158  1.00 25.58 ? 550 PHE A CE1 1 
ATOM   399  C  CE2 . PHE A 1 50  ? -8.279  9.852   -1.601  1.00 22.17 ? 550 PHE A CE2 1 
ATOM   400  C  CZ  . PHE A 1 50  ? -9.597  9.450   -1.850  1.00 22.83 ? 550 PHE A CZ  1 
ATOM   401  N  N   A SER A 1 51  ? -4.828  9.611   -7.559  0.50 26.32 ? 551 SER A N   1 
ATOM   402  N  N   B SER A 1 51  ? -4.842  9.583   -7.569  0.50 26.33 ? 551 SER A N   1 
ATOM   403  C  CA  A SER A 1 51  ? -3.909  10.072  -8.583  0.50 26.07 ? 551 SER A CA  1 
ATOM   404  C  CA  B SER A 1 51  ? -3.860  10.021  -8.565  0.50 25.96 ? 551 SER A CA  1 
ATOM   405  C  C   A SER A 1 51  ? -4.194  9.461   -9.951  0.50 25.77 ? 551 SER A C   1 
ATOM   406  C  C   B SER A 1 51  ? -3.992  9.380   -9.963  0.50 25.87 ? 551 SER A C   1 
ATOM   407  O  O   A SER A 1 51  ? -4.778  8.378   -10.030 0.50 26.41 ? 551 SER A O   1 
ATOM   408  O  O   B SER A 1 51  ? -4.235  8.176   -10.077 0.50 26.95 ? 551 SER A O   1 
ATOM   409  C  CB  A SER A 1 51  ? -2.545  9.615   -8.191  0.50 26.03 ? 551 SER A CB  1 
ATOM   410  C  CB  B SER A 1 51  ? -2.463  9.831   -7.989  0.50 26.13 ? 551 SER A CB  1 
ATOM   411  O  OG  A SER A 1 51  ? -2.499  8.256   -8.508  0.50 26.24 ? 551 SER A OG  1 
ATOM   412  O  OG  B SER A 1 51  ? -2.292  10.662  -6.846  0.50 24.40 ? 551 SER A OG  1 
ATOM   413  N  N   . PRO A 1 52  ? -3.870  10.196  -11.037 1.00 25.29 ? 552 PRO A N   1 
ATOM   414  C  CA  . PRO A 1 52  ? -3.741  11.665  -11.012 1.00 23.33 ? 552 PRO A CA  1 
ATOM   415  C  C   . PRO A 1 52  ? -5.116  12.206  -10.648 1.00 21.74 ? 552 PRO A C   1 
ATOM   416  O  O   . PRO A 1 52  ? -6.141  11.548  -10.907 1.00 22.25 ? 552 PRO A O   1 
ATOM   417  C  CB  . PRO A 1 52  ? -3.488  12.021  -12.469 1.00 23.56 ? 552 PRO A CB  1 
ATOM   418  C  CG  . PRO A 1 52  ? -4.167  10.898  -13.226 1.00 26.00 ? 552 PRO A CG  1 
ATOM   419  C  CD  . PRO A 1 52  ? -3.824  9.685   -12.415 1.00 24.80 ? 552 PRO A CD  1 
ATOM   420  N  N   . PHE A 1 53  ? -5.143  13.341  -9.990  1.00 18.18 ? 553 PHE A N   1 
ATOM   421  C  CA  . PHE A 1 53  ? -6.396  13.926  -9.539  1.00 18.51 ? 553 PHE A CA  1 
ATOM   422  C  C   . PHE A 1 53  ? -7.202  14.509  -10.693 1.00 18.00 ? 553 PHE A C   1 
ATOM   423  O  O   . PHE A 1 53  ? -6.599  15.055  -11.612 1.00 17.12 ? 553 PHE A O   1 
ATOM   424  C  CB  . PHE A 1 53  ? -6.101  15.033  -8.529  1.00 17.88 ? 553 PHE A CB  1 
ATOM   425  C  CG  . PHE A 1 53  ? -7.293  15.486  -7.800  1.00 18.07 ? 553 PHE A CG  1 
ATOM   426  C  CD1 . PHE A 1 53  ? -7.807  14.729  -6.748  1.00 19.21 ? 553 PHE A CD1 1 
ATOM   427  C  CD2 . PHE A 1 53  ? -7.945  16.656  -8.190  1.00 18.74 ? 553 PHE A CD2 1 
ATOM   428  C  CE1 . PHE A 1 53  ? -8.980  15.132  -6.087  1.00 20.57 ? 553 PHE A CE1 1 
ATOM   429  C  CE2 . PHE A 1 53  ? -9.078  17.080  -7.531  1.00 19.48 ? 553 PHE A CE2 1 
ATOM   430  C  CZ  . PHE A 1 53  ? -9.583  16.333  -6.449  1.00 18.34 ? 553 PHE A CZ  1 
ATOM   431  N  N   . PRO A 1 54  ? -8.565  14.404  -10.645 1.00 18.76 ? 554 PRO A N   1 
ATOM   432  C  CA  . PRO A 1 54  ? -9.388  15.014  -11.703 1.00 18.67 ? 554 PRO A CA  1 
ATOM   433  C  C   . PRO A 1 54  ? -9.572  16.534  -11.515 1.00 17.94 ? 554 PRO A C   1 
ATOM   434  O  O   . PRO A 1 54  ? -10.688 17.013  -11.294 1.00 17.59 ? 554 PRO A O   1 
ATOM   435  C  CB  . PRO A 1 54  ? -10.724 14.270  -11.579 1.00 17.62 ? 554 PRO A CB  1 
ATOM   436  C  CG  . PRO A 1 54  ? -10.828 13.882  -10.184 1.00 20.21 ? 554 PRO A CG  1 
ATOM   437  C  CD  . PRO A 1 54  ? -9.385  13.557  -9.758  1.00 18.56 ? 554 PRO A CD  1 
ATOM   438  N  N   . THR A 1 55  ? -8.479  17.275  -11.642 1.00 18.68 ? 555 THR A N   1 
ATOM   439  C  CA  . THR A 1 55  ? -8.475  18.713  -11.343 1.00 18.41 ? 555 THR A CA  1 
ATOM   440  C  C   . THR A 1 55  ? -9.569  19.465  -12.102 1.00 19.18 ? 555 THR A C   1 
ATOM   441  O  O   . THR A 1 55  ? -10.406 20.123  -11.486 1.00 18.54 ? 555 THR A O   1 
ATOM   442  C  CB  . THR A 1 55  ? -7.091  19.339  -11.645 1.00 19.37 ? 555 THR A CB  1 
ATOM   443  O  OG1 . THR A 1 55  ? -6.114  18.726  -10.796 1.00 17.37 ? 555 THR A OG1 1 
ATOM   444  C  CG2 . THR A 1 55  ? -7.091  20.861  -11.425 1.00 19.13 ? 555 THR A CG2 1 
ATOM   445  N  N   . GLU A 1 56  ? -9.572  19.350  -13.429 1.00 20.13 ? 556 GLU A N   1 
ATOM   446  C  CA  . GLU A 1 56  ? -10.517 20.113  -14.259 1.00 21.21 ? 556 GLU A CA  1 
ATOM   447  C  C   . GLU A 1 56  ? -11.986 19.768  -13.953 1.00 20.90 ? 556 GLU A C   1 
ATOM   448  O  O   . GLU A 1 56  ? -12.817 20.648  -13.823 1.00 19.63 ? 556 GLU A O   1 
ATOM   449  C  CB  . GLU A 1 56  ? -10.214 19.899  -15.754 1.00 22.05 ? 556 GLU A CB  1 
ATOM   450  C  CG  . GLU A 1 56  ? -11.120 20.733  -16.664 1.00 25.00 ? 556 GLU A CG  1 
ATOM   451  C  CD  . GLU A 1 56  ? -10.740 20.651  -18.139 1.00 29.54 ? 556 GLU A CD  1 
ATOM   452  O  OE1 . GLU A 1 56  ? -10.226 19.599  -18.580 1.00 31.18 ? 556 GLU A OE1 1 
ATOM   453  O  OE2 . GLU A 1 56  ? -10.976 21.653  -18.857 1.00 32.07 ? 556 GLU A OE2 1 
ATOM   454  N  N   . PHE A 1 57  ? -12.280 18.481  -13.830 1.00 20.61 ? 557 PHE A N   1 
ATOM   455  C  CA  . PHE A 1 57  ? -13.630 18.003  -13.566 1.00 21.07 ? 557 PHE A CA  1 
ATOM   456  C  C   . PHE A 1 57  ? -14.149 18.513  -12.226 1.00 21.36 ? 557 PHE A C   1 
ATOM   457  O  O   . PHE A 1 57  ? -15.295 18.973  -12.127 1.00 20.26 ? 557 PHE A O   1 
ATOM   458  C  CB  . PHE A 1 57  ? -13.699 16.460  -13.620 1.00 21.15 ? 557 PHE A CB  1 
ATOM   459  C  CG  . PHE A 1 57  ? -15.092 15.897  -13.374 1.00 23.42 ? 557 PHE A CG  1 
ATOM   460  C  CD1 . PHE A 1 57  ? -15.951 15.599  -14.440 1.00 26.92 ? 557 PHE A CD1 1 
ATOM   461  C  CD2 . PHE A 1 57  ? -15.531 15.645  -12.083 1.00 22.87 ? 557 PHE A CD2 1 
ATOM   462  C  CE1 . PHE A 1 57  ? -17.266 15.080  -14.194 1.00 28.30 ? 557 PHE A CE1 1 
ATOM   463  C  CE2 . PHE A 1 57  ? -16.818 15.150  -11.827 1.00 23.82 ? 557 PHE A CE2 1 
ATOM   464  C  CZ  . PHE A 1 57  ? -17.686 14.862  -12.860 1.00 25.18 ? 557 PHE A CZ  1 
ATOM   465  N  N   . VAL A 1 58  ? -13.316 18.405  -11.196 1.00 21.16 ? 558 VAL A N   1 
ATOM   466  C  CA  . VAL A 1 58  ? -13.712 18.821  -9.858  1.00 21.06 ? 558 VAL A CA  1 
ATOM   467  C  C   . VAL A 1 58  ? -13.856 20.327  -9.855  1.00 21.82 ? 558 VAL A C   1 
ATOM   468  O  O   . VAL A 1 58  ? -14.843 20.870  -9.344  1.00 21.82 ? 558 VAL A O   1 
ATOM   469  C  CB  . VAL A 1 58  ? -12.741 18.343  -8.800  1.00 20.72 ? 558 VAL A CB  1 
ATOM   470  C  CG1 . VAL A 1 58  ? -13.080 18.953  -7.430  1.00 20.51 ? 558 VAL A CG1 1 
ATOM   471  C  CG2 . VAL A 1 58  ? -12.792 16.801  -8.738  1.00 19.64 ? 558 VAL A CG2 1 
ATOM   472  N  N   . LYS A 1 59  ? -12.883 20.996  -10.454 1.00 22.17 ? 559 LYS A N   1 
ATOM   473  C  CA  . LYS A 1 59  ? -12.924 22.448  -10.517 1.00 23.24 ? 559 LYS A CA  1 
ATOM   474  C  C   . LYS A 1 59  ? -14.229 22.939  -11.170 1.00 22.78 ? 559 LYS A C   1 
ATOM   475  O  O   . LYS A 1 59  ? -14.866 23.832  -10.630 1.00 22.74 ? 559 LYS A O   1 
ATOM   476  C  CB  . LYS A 1 59  ? -11.669 23.016  -11.220 1.00 23.13 ? 559 LYS A CB  1 
ATOM   477  C  CG  . LYS A 1 59  ? -11.261 24.422  -10.806 1.00 25.53 ? 559 LYS A CG  1 
ATOM   478  C  CD  . LYS A 1 59  ? -9.925  24.814  -11.424 1.00 27.08 ? 559 LYS A CD  1 
ATOM   479  C  CE  . LYS A 1 59  ? -9.740  26.312  -11.380 1.00 31.49 ? 559 LYS A CE  1 
ATOM   480  N  NZ  . LYS A 1 59  ? -8.344  26.644  -11.801 1.00 33.22 ? 559 LYS A NZ  1 
ATOM   481  N  N   A ASN A 1 60  ? -14.625 22.364  -12.301 0.50 22.82 ? 560 ASN A N   1 
ATOM   482  N  N   B ASN A 1 60  ? -14.595 22.372  -12.325 0.50 22.77 ? 560 ASN A N   1 
ATOM   483  C  CA  A ASN A 1 60  ? -15.842 22.834  -12.995 0.50 23.10 ? 560 ASN A CA  1 
ATOM   484  C  CA  B ASN A 1 60  ? -15.864 22.716  -13.010 0.50 23.04 ? 560 ASN A CA  1 
ATOM   485  C  C   A ASN A 1 60  ? -17.175 22.429  -12.328 0.50 22.27 ? 560 ASN A C   1 
ATOM   486  C  C   B ASN A 1 60  ? -17.049 22.565  -12.084 0.50 22.31 ? 560 ASN A C   1 
ATOM   487  O  O   A ASN A 1 60  ? -18.191 23.081  -12.528 0.50 22.15 ? 560 ASN A O   1 
ATOM   488  O  O   B ASN A 1 60  ? -17.823 23.504  -11.860 0.50 21.97 ? 560 ASN A O   1 
ATOM   489  C  CB  A ASN A 1 60  ? -15.821 22.427  -14.474 0.50 23.64 ? 560 ASN A CB  1 
ATOM   490  C  CB  B ASN A 1 60  ? -16.110 21.797  -14.220 0.50 23.51 ? 560 ASN A CB  1 
ATOM   491  C  CG  A ASN A 1 60  ? -14.558 22.881  -15.192 0.50 25.01 ? 560 ASN A CG  1 
ATOM   492  C  CG  B ASN A 1 60  ? -17.487 22.024  -14.866 0.50 24.23 ? 560 ASN A CG  1 
ATOM   493  O  OD1 A ASN A 1 60  ? -13.941 23.890  -14.827 0.50 27.15 ? 560 ASN A OD1 1 
ATOM   494  O  OD1 B ASN A 1 60  ? -17.627 22.850  -15.759 0.50 26.65 ? 560 ASN A OD1 1 
ATOM   495  N  ND2 A ASN A 1 60  ? -14.168 22.138  -16.225 0.50 25.58 ? 560 ASN A ND2 1 
ATOM   496  N  ND2 B ASN A 1 60  ? -18.493 21.268  -14.434 0.50 25.45 ? 560 ASN A ND2 1 
ATOM   497  N  N   . VAL A 1 61  ? -17.177 21.364  -11.531 1.00 21.52 ? 561 VAL A N   1 
ATOM   498  C  CA  . VAL A 1 61  ? -18.343 21.056  -10.700 1.00 20.89 ? 561 VAL A CA  1 
ATOM   499  C  C   . VAL A 1 61  ? -18.466 22.030  -9.532  1.00 20.00 ? 561 VAL A C   1 
ATOM   500  O  O   . VAL A 1 61  ? -19.524 22.571  -9.288  1.00 19.22 ? 561 VAL A O   1 
ATOM   501  C  CB  . VAL A 1 61  ? -18.358 19.589  -10.196 1.00 20.93 ? 561 VAL A CB  1 
ATOM   502  C  CG1 . VAL A 1 61  ? -19.444 19.405  -9.112  1.00 21.95 ? 561 VAL A CG1 1 
ATOM   503  C  CG2 . VAL A 1 61  ? -18.559 18.635  -11.356 1.00 20.03 ? 561 VAL A CG2 1 
ATOM   504  N  N   . LEU A 1 62  ? -17.377 22.284  -8.828  1.00 19.79 ? 562 LEU A N   1 
ATOM   505  C  CA  . LEU A 1 62  ? -17.481 23.034  -7.582  1.00 20.02 ? 562 LEU A CA  1 
ATOM   506  C  C   . LEU A 1 62  ? -17.573 24.531  -7.856  1.00 21.35 ? 562 LEU A C   1 
ATOM   507  O  O   . LEU A 1 62  ? -18.194 25.295  -7.082  1.00 21.48 ? 562 LEU A O   1 
ATOM   508  C  CB  . LEU A 1 62  ? -16.312 22.712  -6.654  1.00 21.78 ? 562 LEU A CB  1 
ATOM   509  C  CG  . LEU A 1 62  ? -16.241 21.277  -6.104  1.00 21.71 ? 562 LEU A CG  1 
ATOM   510  C  CD1 . LEU A 1 62  ? -15.130 21.182  -5.111  1.00 23.75 ? 562 LEU A CD1 1 
ATOM   511  C  CD2 . LEU A 1 62  ? -17.553 20.807  -5.467  1.00 23.17 ? 562 LEU A CD2 1 
ATOM   512  N  N   . SER A 1 63  ? -17.024 24.945  -8.999  1.00 21.01 ? 563 SER A N   1 
ATOM   513  C  CA  . SER A 1 63  ? -16.955 26.358  -9.336  1.00 21.59 ? 563 SER A CA  1 
ATOM   514  C  C   . SER A 1 63  ? -18.355 26.969  -9.536  1.00 22.07 ? 563 SER A C   1 
ATOM   515  O  O   . SER A 1 63  ? -18.550 28.176  -9.325  1.00 22.15 ? 563 SER A O   1 
ATOM   516  C  CB  . SER A 1 63  ? -16.104 26.541  -10.596 1.00 21.51 ? 563 SER A CB  1 
ATOM   517  O  OG  . SER A 1 63  ? -16.855 26.173  -11.750 1.00 22.38 ? 563 SER A OG  1 
ATOM   518  N  N   . SER A 1 64  ? -19.319 26.148  -9.968  1.00 22.91 ? 564 SER A N   1 
ATOM   519  C  CA  . SER A 1 64  ? -20.699 26.630  -10.198 1.00 23.60 ? 564 SER A CA  1 
ATOM   520  C  C   . SER A 1 64  ? -21.714 26.196  -9.127  1.00 22.61 ? 564 SER A C   1 
ATOM   521  O  O   . SER A 1 64  ? -22.902 26.511  -9.223  1.00 21.28 ? 564 SER A O   1 
ATOM   522  C  CB  . SER A 1 64  ? -21.198 26.246  -11.608 1.00 24.74 ? 564 SER A CB  1 
ATOM   523  O  OG  . SER A 1 64  ? -20.810 24.915  -11.946 1.00 27.12 ? 564 SER A OG  1 
ATOM   524  N  N   . ALA A 1 65  ? -21.240 25.508  -8.092  1.00 22.18 ? 565 ALA A N   1 
ATOM   525  C  CA  . ALA A 1 65  ? -22.134 25.054  -7.022  1.00 21.89 ? 565 ALA A CA  1 
ATOM   526  C  C   . ALA A 1 65  ? -22.663 26.192  -6.130  1.00 21.82 ? 565 ALA A C   1 
ATOM   527  O  O   . ALA A 1 65  ? -21.927 27.114  -5.797  1.00 22.35 ? 565 ALA A O   1 
ATOM   528  C  CB  . ALA A 1 65  ? -21.493 23.974  -6.176  1.00 21.34 ? 565 ALA A CB  1 
ATOM   529  N  N   . ASN A 1 66  ? -23.944 26.120  -5.746  1.00 21.07 ? 566 ASN A N   1 
ATOM   530  C  CA  . ASN A 1 66  ? -24.496 27.066  -4.752  1.00 21.39 ? 566 ASN A CA  1 
ATOM   531  C  C   . ASN A 1 66  ? -23.810 26.957  -3.414  1.00 20.52 ? 566 ASN A C   1 
ATOM   532  O  O   . ASN A 1 66  ? -23.503 27.959  -2.783  1.00 20.90 ? 566 ASN A O   1 
ATOM   533  C  CB  . ASN A 1 66  ? -26.001 26.853  -4.519  1.00 20.96 ? 566 ASN A CB  1 
ATOM   534  C  CG  . ASN A 1 66  ? -26.815 27.198  -5.704  1.00 21.47 ? 566 ASN A CG  1 
ATOM   535  O  OD1 . ASN A 1 66  ? -26.492 28.131  -6.446  1.00 23.96 ? 566 ASN A OD1 1 
ATOM   536  N  ND2 . ASN A 1 66  ? -27.905 26.480  -5.892  1.00 22.11 ? 566 ASN A ND2 1 
ATOM   537  N  N   . LEU A 1 67  ? -23.618 25.725  -2.962  1.00 20.59 ? 567 LEU A N   1 
ATOM   538  C  CA  . LEU A 1 67  ? -23.160 25.467  -1.593  1.00 19.30 ? 567 LEU A CA  1 
ATOM   539  C  C   . LEU A 1 67  ? -22.502 24.103  -1.526  1.00 19.03 ? 567 LEU A C   1 
ATOM   540  O  O   . LEU A 1 67  ? -23.124 23.111  -1.892  1.00 17.90 ? 567 LEU A O   1 
ATOM   541  C  CB  . LEU A 1 67  ? -24.350 25.499  -0.642  1.00 19.41 ? 567 LEU A CB  1 
ATOM   542  C  CG  . LEU A 1 67  ? -24.241 24.879  0.748   1.00 20.63 ? 567 LEU A CG  1 
ATOM   543  C  CD1 . LEU A 1 67  ? -23.204 25.615  1.517   1.00 22.18 ? 567 LEU A CD1 1 
ATOM   544  C  CD2 . LEU A 1 67  ? -25.600 25.009  1.445   1.00 21.70 ? 567 LEU A CD2 1 
ATOM   545  N  N   . VAL A 1 68  ? -21.254 24.053  -1.053  1.00 18.52 ? 568 VAL A N   1 
ATOM   546  C  CA  . VAL A 1 68  ? -20.502 22.807  -1.048  1.00 19.04 ? 568 VAL A CA  1 
ATOM   547  C  C   . VAL A 1 68  ? -20.280 22.384  0.403   1.00 19.48 ? 568 VAL A C   1 
ATOM   548  O  O   . VAL A 1 68  ? -19.905 23.223  1.245   1.00 20.04 ? 568 VAL A O   1 
ATOM   549  C  CB  . VAL A 1 68  ? -19.149 22.975  -1.750  1.00 19.30 ? 568 VAL A CB  1 
ATOM   550  C  CG1 . VAL A 1 68  ? -18.362 21.639  -1.794  1.00 18.47 ? 568 VAL A CG1 1 
ATOM   551  C  CG2 . VAL A 1 68  ? -19.319 23.529  -3.185  1.00 19.24 ? 568 VAL A CG2 1 
ATOM   552  N  N   . ILE A 1 69  ? -20.512 21.108  0.700   1.00 19.03 ? 569 ILE A N   1 
ATOM   553  C  CA  . ILE A 1 69  ? -20.269 20.561  2.026   1.00 19.82 ? 569 ILE A CA  1 
ATOM   554  C  C   . ILE A 1 69  ? -19.367 19.318  1.892   1.00 20.46 ? 569 ILE A C   1 
ATOM   555  O  O   . ILE A 1 69  ? -19.791 18.280  1.344   1.00 20.37 ? 569 ILE A O   1 
ATOM   556  C  CB  . ILE A 1 69  ? -21.567 20.146  2.715   1.00 20.24 ? 569 ILE A CB  1 
ATOM   557  C  CG1 . ILE A 1 69  ? -22.606 21.304  2.717   1.00 19.17 ? 569 ILE A CG1 1 
ATOM   558  C  CG2 . ILE A 1 69  ? -21.253 19.624  4.110   1.00 21.58 ? 569 ILE A CG2 1 
ATOM   559  C  CD1 . ILE A 1 69  ? -23.959 20.971  3.422   1.00 15.79 ? 569 ILE A CD1 1 
ATOM   560  N  N   . ASP A 1 70  ? -18.125 19.445  2.364   1.00 19.83 ? 570 ASP A N   1 
ATOM   561  C  CA  . ASP A 1 70  ? -17.192 18.297  2.363   1.00 20.76 ? 570 ASP A CA  1 
ATOM   562  C  C   . ASP A 1 70  ? -17.509 17.402  3.544   1.00 20.30 ? 570 ASP A C   1 
ATOM   563  O  O   . ASP A 1 70  ? -17.701 17.881  4.703   1.00 21.67 ? 570 ASP A O   1 
ATOM   564  C  CB  . ASP A 1 70  ? -15.740 18.789  2.434   1.00 21.15 ? 570 ASP A CB  1 
ATOM   565  C  CG  . ASP A 1 70  ? -14.716 17.648  2.360   1.00 23.58 ? 570 ASP A CG  1 
ATOM   566  O  OD1 . ASP A 1 70  ? -14.868 16.708  1.512   1.00 25.39 ? 570 ASP A OD1 1 
ATOM   567  O  OD2 . ASP A 1 70  ? -13.756 17.691  3.166   1.00 24.78 ? 570 ASP A OD2 1 
ATOM   568  N  N   . VAL A 1 71  ? -17.564 16.109  3.285   1.00 20.10 ? 571 VAL A N   1 
ATOM   569  C  CA  . VAL A 1 71  ? -17.994 15.131  4.291   1.00 19.45 ? 571 VAL A CA  1 
ATOM   570  C  C   . VAL A 1 71  ? -16.772 14.243  4.610   1.00 19.83 ? 571 VAL A C   1 
ATOM   571  O  O   . VAL A 1 71  ? -16.302 13.487  3.761   1.00 20.17 ? 571 VAL A O   1 
ATOM   572  C  CB  . VAL A 1 71  ? -19.173 14.249  3.786   1.00 18.40 ? 571 VAL A CB  1 
ATOM   573  C  CG1 . VAL A 1 71  ? -19.516 13.170  4.792   1.00 20.96 ? 571 VAL A CG1 1 
ATOM   574  C  CG2 . VAL A 1 71  ? -20.479 15.098  3.491   1.00 18.84 ? 571 VAL A CG2 1 
ATOM   575  N  N   . GLU A 1 72  ? -16.248 14.375  5.810   1.00 19.54 ? 572 GLU A N   1 
ATOM   576  C  CA  . GLU A 1 72  ? -15.054 13.642  6.229   1.00 19.00 ? 572 GLU A CA  1 
ATOM   577  C  C   . GLU A 1 72  ? -15.311 12.160  6.057   1.00 18.50 ? 572 GLU A C   1 
ATOM   578  O  O   . GLU A 1 72  ? -16.404 11.705  6.375   1.00 18.83 ? 572 GLU A O   1 
ATOM   579  C  CB  . GLU A 1 72  ? -14.777 13.948  7.699   1.00 18.93 ? 572 GLU A CB  1 
ATOM   580  C  CG  . GLU A 1 72  ? -13.569 13.154  8.213   1.00 20.50 ? 572 GLU A CG  1 
ATOM   581  C  CD  . GLU A 1 72  ? -13.273 13.335  9.701   1.00 24.21 ? 572 GLU A CD  1 
ATOM   582  O  OE1 . GLU A 1 72  ? -13.807 14.256  10.329  1.00 23.10 ? 572 GLU A OE1 1 
ATOM   583  O  OE2 . GLU A 1 72  ? -12.491 12.532  10.241  1.00 27.15 ? 572 GLU A OE2 1 
ATOM   584  N  N   . SER A 1 73  ? -14.352 11.393  5.541   1.00 18.45 ? 573 SER A N   1 
ATOM   585  C  CA  . SER A 1 73  ? -14.646 9.984   5.337   1.00 18.29 ? 573 SER A CA  1 
ATOM   586  C  C   . SER A 1 73  ? -13.419 9.076   5.627   1.00 20.19 ? 573 SER A C   1 
ATOM   587  O  O   . SER A 1 73  ? -12.401 9.546   6.152   1.00 19.74 ? 573 SER A O   1 
ATOM   588  C  CB  . SER A 1 73  ? -15.250 9.772   3.937   1.00 18.33 ? 573 SER A CB  1 
ATOM   589  O  OG  . SER A 1 73  ? -15.690 8.428   3.724   1.00 20.07 ? 573 SER A OG  1 
ATOM   590  N  N   . ASN A 1 74  ? -13.548 7.769   5.372   1.00 19.41 ? 574 ASN A N   1 
ATOM   591  C  CA  . ASN A 1 74  ? -12.445 6.842   5.638   1.00 20.38 ? 574 ASN A CA  1 
ATOM   592  C  C   . ASN A 1 74  ? -12.583 5.594   4.794   1.00 20.13 ? 574 ASN A C   1 
ATOM   593  O  O   . ASN A 1 74  ? -13.600 5.399   4.117   1.00 19.28 ? 574 ASN A O   1 
ATOM   594  C  CB  . ASN A 1 74  ? -12.377 6.449   7.117   1.00 20.48 ? 574 ASN A CB  1 
ATOM   595  C  CG  . ASN A 1 74  ? -13.455 5.459   7.480   1.00 22.73 ? 574 ASN A CG  1 
ATOM   596  O  OD1 . ASN A 1 74  ? -14.630 5.786   7.459   1.00 24.43 ? 574 ASN A OD1 1 
ATOM   597  N  ND2 . ASN A 1 74  ? -13.060 4.220   7.763   1.00 27.67 ? 574 ASN A ND2 1 
ATOM   598  N  N   . TYR A 1 75  ? -11.554 4.748   4.812   1.00 21.35 ? 575 TYR A N   1 
ATOM   599  C  CA  . TYR A 1 75  ? -11.645 3.477   4.089   1.00 22.51 ? 575 TYR A CA  1 
ATOM   600  C  C   . TYR A 1 75  ? -10.662 2.514   4.727   1.00 22.76 ? 575 TYR A C   1 
ATOM   601  O  O   . TYR A 1 75  ? -9.586  2.934   5.160   1.00 22.12 ? 575 TYR A O   1 
ATOM   602  C  CB  . TYR A 1 75  ? -11.418 3.690   2.573   1.00 22.53 ? 575 TYR A CB  1 
ATOM   603  C  CG  . TYR A 1 75  ? -11.759 2.505   1.698   1.00 24.18 ? 575 TYR A CG  1 
ATOM   604  C  CD1 . TYR A 1 75  ? -13.095 2.157   1.409   1.00 27.21 ? 575 TYR A CD1 1 
ATOM   605  C  CD2 . TYR A 1 75  ? -10.745 1.721   1.157   1.00 26.79 ? 575 TYR A CD2 1 
ATOM   606  C  CE1 . TYR A 1 75  ? -13.399 1.044   0.603   1.00 26.46 ? 575 TYR A CE1 1 
ATOM   607  C  CE2 . TYR A 1 75  ? -11.038 0.614   0.368   1.00 28.46 ? 575 TYR A CE2 1 
ATOM   608  C  CZ  . TYR A 1 75  ? -12.361 0.280   0.098   1.00 28.26 ? 575 TYR A CZ  1 
ATOM   609  O  OH  . TYR A 1 75  ? -12.591 -0.812  -0.714  1.00 30.82 ? 575 TYR A OH  1 
ATOM   610  N  N   . THR A 1 76  ? -11.071 1.253   4.866   1.00 23.65 ? 576 THR A N   1 
ATOM   611  C  CA  . THR A 1 76  ? -10.166 0.166   5.337   1.00 24.03 ? 576 THR A CA  1 
ATOM   612  C  C   . THR A 1 76  ? -10.208 -0.984  4.329   1.00 25.19 ? 576 THR A C   1 
ATOM   613  O  O   . THR A 1 76  ? -11.291 -1.379  3.915   1.00 25.51 ? 576 THR A O   1 
ATOM   614  C  CB  . THR A 1 76  ? -10.566 -0.373  6.735   1.00 23.82 ? 576 THR A CB  1 
ATOM   615  O  OG1 . THR A 1 76  ? -10.566 0.686   7.692   1.00 23.65 ? 576 THR A OG1 1 
ATOM   616  C  CG2 . THR A 1 76  ? -9.575  -1.427  7.218   1.00 23.28 ? 576 THR A CG2 1 
ATOM   617  N  N   . ALA A 1 77  ? -9.047  -1.513  3.916   1.00 26.54 ? 577 ALA A N   1 
ATOM   618  C  CA  . ALA A 1 77  ? -9.035  -2.610  2.931   1.00 25.96 ? 577 ALA A CA  1 
ATOM   619  C  C   . ALA A 1 77  ? -7.648  -3.259  2.831   1.00 25.59 ? 577 ALA A C   1 
ATOM   620  O  O   . ALA A 1 77  ? -6.597  -2.624  3.167   1.00 25.31 ? 577 ALA A O   1 
ATOM   621  C  CB  . ALA A 1 77  ? -9.448  -2.129  1.557   1.00 26.99 ? 577 ALA A CB  1 
ATOM   622  N  N   . GLN A 1 78  ? -7.713  -4.516  2.409   1.00 22.06 ? 578 GLN A N   1 
ATOM   623  C  CA  . GLN A 1 78  ? -6.624  -5.293  1.886   1.00 19.88 ? 578 GLN A CA  1 
ATOM   624  C  C   . GLN A 1 78  ? -6.681  -5.019  0.390   1.00 18.89 ? 578 GLN A C   1 
ATOM   625  O  O   . GLN A 1 78  ? -7.722  -5.257  -0.229  1.00 18.79 ? 578 GLN A O   1 
ATOM   626  C  CB  . GLN A 1 78  ? -6.918  -6.792  2.162   1.00 20.03 ? 578 GLN A CB  1 
ATOM   627  C  CG  . GLN A 1 78  ? -6.959  -7.153  3.650   1.00 18.82 ? 578 GLN A CG  1 
ATOM   628  C  CD  . GLN A 1 78  ? -7.575  -8.524  3.970   1.00 21.63 ? 578 GLN A CD  1 
ATOM   629  O  OE1 . GLN A 1 78  ? -7.384  -9.508  3.250   1.00 20.78 ? 578 GLN A OE1 1 
ATOM   630  N  NE2 . GLN A 1 78  ? -8.302  -8.587  5.077   1.00 21.36 ? 578 GLN A NE2 1 
ATOM   631  N  N   . ALA A 1 79  ? -5.599  -4.495  -0.197  1.00 16.75 ? 579 ALA A N   1 
ATOM   632  C  CA  . ALA A 1 79  ? -5.553  -4.313  -1.645  1.00 15.33 ? 579 ALA A CA  1 
ATOM   633  C  C   . ALA A 1 79  ? -5.722  -5.619  -2.433  1.00 15.33 ? 579 ALA A C   1 
ATOM   634  O  O   . ALA A 1 79  ? -5.931  -5.557  -3.640  1.00 14.14 ? 579 ALA A O   1 
ATOM   635  C  CB  . ALA A 1 79  ? -4.296  -3.586  -2.090  1.00 14.81 ? 579 ALA A CB  1 
ATOM   636  N  N   . ALA A 1 80  ? -5.650  -6.789  -1.758  1.00 15.01 ? 580 ALA A N   1 
ATOM   637  C  CA  . ALA A 1 80  ? -5.717  -8.072  -2.450  1.00 14.71 ? 580 ALA A CA  1 
ATOM   638  C  C   . ALA A 1 80  ? -7.045  -8.256  -3.158  1.00 14.09 ? 580 ALA A C   1 
ATOM   639  O  O   . ALA A 1 80  ? -7.104  -8.859  -4.235  1.00 14.24 ? 580 ALA A O   1 
ATOM   640  C  CB  . ALA A 1 80  ? -5.475  -9.278  -1.477  1.00 15.48 ? 580 ALA A CB  1 
ATOM   641  N  N   . GLN A 1 81  ? -8.124  -7.795  -2.533  1.00 13.70 ? 581 GLN A N   1 
ATOM   642  C  CA  . GLN A 1 81  ? -9.435  -8.011  -3.109  1.00 13.80 ? 581 GLN A CA  1 
ATOM   643  C  C   . GLN A 1 81  ? -9.534  -7.335  -4.475  1.00 12.34 ? 581 GLN A C   1 
ATOM   644  O  O   . GLN A 1 81  ? -9.916  -7.972  -5.475  1.00 12.69 ? 581 GLN A O   1 
ATOM   645  C  CB  . GLN A 1 81  ? -10.555 -7.558  -2.173  1.00 14.65 ? 581 GLN A CB  1 
ATOM   646  C  CG  . GLN A 1 81  ? -11.261 -8.720  -1.474  1.00 19.35 ? 581 GLN A CG  1 
ATOM   647  C  CD  . GLN A 1 81  ? -12.222 -8.238  -0.394  1.00 24.65 ? 581 GLN A CD  1 
ATOM   648  O  OE1 . GLN A 1 81  ? -11.791 -7.659  0.607   1.00 27.16 ? 581 GLN A OE1 1 
ATOM   649  N  NE2 . GLN A 1 81  ? -13.523 -8.481  -0.586  1.00 26.04 ? 581 GLN A NE2 1 
HETATM 650  N  N   . MSE A 1 82  ? -9.169  -6.078  -4.535  1.00 9.93  ? 582 MSE A N   1 
HETATM 651  C  CA  . MSE A 1 82  ? -9.349  -5.361  -5.794  1.00 9.95  ? 582 MSE A CA  1 
HETATM 652  C  C   . MSE A 1 82  ? -8.314  -5.784  -6.848  1.00 8.43  ? 582 MSE A C   1 
HETATM 653  O  O   . MSE A 1 82  ? -8.604  -5.745  -8.027  1.00 9.03  ? 582 MSE A O   1 
HETATM 654  C  CB  . MSE A 1 82  ? -9.411  -3.848  -5.559  1.00 11.05 ? 582 MSE A CB  1 
HETATM 655  C  CG  . MSE A 1 82  ? -8.137  -3.122  -5.769  1.00 14.40 ? 582 MSE A CG  1 
HETATM 656  SE SE  . MSE A 1 82  ? -8.295  -1.249  -5.253  0.75 20.38 ? 582 MSE A SE  1 
HETATM 657  C  CE  . MSE A 1 82  ? -7.046  -1.313  -3.770  1.00 17.39 ? 582 MSE A CE  1 
ATOM   658  N  N   . ILE A 1 83  ? -7.126  -6.201  -6.411  1.00 6.99  ? 583 ILE A N   1 
ATOM   659  C  CA  . ILE A 1 83  ? -6.071  -6.696  -7.299  1.00 6.84  ? 583 ILE A CA  1 
ATOM   660  C  C   . ILE A 1 83  ? -6.545  -7.976  -7.975  1.00 7.96  ? 583 ILE A C   1 
ATOM   661  O  O   . ILE A 1 83  ? -6.345  -8.151  -9.182  1.00 9.18  ? 583 ILE A O   1 
ATOM   662  C  CB  . ILE A 1 83  ? -4.758  -6.938  -6.536  1.00 6.26  ? 583 ILE A CB  1 
ATOM   663  C  CG1 . ILE A 1 83  ? -4.162  -5.596  -6.089  1.00 7.88  ? 583 ILE A CG1 1 
ATOM   664  C  CG2 . ILE A 1 83  ? -3.713  -7.740  -7.388  1.00 6.25  ? 583 ILE A CG2 1 
ATOM   665  C  CD1 . ILE A 1 83  ? -2.924  -5.718  -5.194  1.00 6.73  ? 583 ILE A CD1 1 
ATOM   666  N  N   . LYS A 1 84  ? -7.145  -8.867  -7.193  1.00 7.34  ? 584 LYS A N   1 
ATOM   667  C  CA  . LYS A 1 84  ? -7.720  -10.085 -7.719  1.00 9.54  ? 584 LYS A CA  1 
ATOM   668  C  C   . LYS A 1 84  ? -8.827  -9.794  -8.720  1.00 9.37  ? 584 LYS A C   1 
ATOM   669  O  O   . LYS A 1 84  ? -8.895  -10.455 -9.761  1.00 9.47  ? 584 LYS A O   1 
ATOM   670  C  CB  . LYS A 1 84  ? -8.264  -10.991 -6.596  1.00 8.71  ? 584 LYS A CB  1 
ATOM   671  C  CG  . LYS A 1 84  ? -8.812  -12.309 -7.140  1.00 11.64 ? 584 LYS A CG  1 
ATOM   672  C  CD  . LYS A 1 84  ? -8.987  -13.343 -6.048  1.00 16.44 ? 584 LYS A CD  1 
ATOM   673  C  CE  . LYS A 1 84  ? -10.373 -13.297 -5.432  1.00 16.94 ? 584 LYS A CE  1 
ATOM   674  N  NZ  . LYS A 1 84  ? -10.486 -14.293 -4.333  1.00 17.60 ? 584 LYS A NZ  1 
ATOM   675  N  N   . LEU A 1 85  ? -9.681  -8.822  -8.384  1.00 10.47 ? 585 LEU A N   1 
ATOM   676  C  CA  . LEU A 1 85  ? -10.823 -8.452  -9.213  1.00 10.28 ? 585 LEU A CA  1 
ATOM   677  C  C   . LEU A 1 85  ? -10.297 -8.041  -10.576 1.00 10.72 ? 585 LEU A C   1 
ATOM   678  O  O   . LEU A 1 85  ? -10.744 -8.559  -11.598 1.00 9.66  ? 585 LEU A O   1 
ATOM   679  C  CB  . LEU A 1 85  ? -11.603 -7.278  -8.598  1.00 11.00 ? 585 LEU A CB  1 
ATOM   680  C  CG  . LEU A 1 85  ? -12.657 -6.650  -9.525  1.00 10.12 ? 585 LEU A CG  1 
ATOM   681  C  CD1 . LEU A 1 85  ? -13.814 -7.637  -9.719  1.00 10.57 ? 585 LEU A CD1 1 
ATOM   682  C  CD2 . LEU A 1 85  ? -13.179 -5.284  -9.028  1.00 9.30  ? 585 LEU A CD2 1 
ATOM   683  N  N   . TYR A 1 86  ? -9.342  -7.108  -10.579 1.00 10.38 ? 586 TYR A N   1 
ATOM   684  C  CA  . TYR A 1 86  ? -8.870  -6.555  -11.828 1.00 11.03 ? 586 TYR A CA  1 
ATOM   685  C  C   . TYR A 1 86  ? -7.894  -7.393  -12.627 1.00 12.19 ? 586 TYR A C   1 
ATOM   686  O  O   . TYR A 1 86  ? -7.963  -7.377  -13.854 1.00 13.34 ? 586 TYR A O   1 
ATOM   687  C  CB  . TYR A 1 86  ? -8.315  -5.152  -11.664 1.00 9.81  ? 586 TYR A CB  1 
ATOM   688  C  CG  . TYR A 1 86  ? -9.328  -4.122  -11.328 1.00 7.48  ? 586 TYR A CG  1 
ATOM   689  C  CD1 . TYR A 1 86  ? -10.242 -3.669  -12.286 1.00 5.51  ? 586 TYR A CD1 1 
ATOM   690  C  CD2 . TYR A 1 86  ? -9.373  -3.568  -10.059 1.00 6.28  ? 586 TYR A CD2 1 
ATOM   691  C  CE1 . TYR A 1 86  ? -11.167 -2.661  -11.975 1.00 4.36  ? 586 TYR A CE1 1 
ATOM   692  C  CE2 . TYR A 1 86  ? -10.311 -2.548  -9.728  1.00 6.56  ? 586 TYR A CE2 1 
ATOM   693  C  CZ  . TYR A 1 86  ? -11.209 -2.118  -10.694 1.00 5.21  ? 586 TYR A CZ  1 
ATOM   694  O  OH  . TYR A 1 86  ? -12.131 -1.139  -10.384 1.00 4.07  ? 586 TYR A OH  1 
ATOM   695  N  N   . THR A 1 87  ? -6.977  -8.095  -11.951 1.00 12.71 ? 587 THR A N   1 
ATOM   696  C  CA  . THR A 1 87  ? -5.857  -8.768  -12.616 1.00 12.12 ? 587 THR A CA  1 
ATOM   697  C  C   . THR A 1 87  ? -5.918  -10.279 -12.575 1.00 13.44 ? 587 THR A C   1 
ATOM   698  O  O   . THR A 1 87  ? -5.180  -10.940 -13.303 1.00 13.27 ? 587 THR A O   1 
ATOM   699  C  CB  . THR A 1 87  ? -4.516  -8.440  -11.943 1.00 12.90 ? 587 THR A CB  1 
ATOM   700  O  OG1 . THR A 1 87  ? -4.502  -9.049  -10.640 1.00 11.01 ? 587 THR A OG1 1 
ATOM   701  C  CG2 . THR A 1 87  ? -4.285  -6.924  -11.863 1.00 11.02 ? 587 THR A CG2 1 
ATOM   702  N  N   . GLY A 1 88  ? -6.759  -10.828 -11.705 1.00 13.49 ? 588 GLY A N   1 
ATOM   703  C  CA  . GLY A 1 88  ? -6.847  -12.255 -11.548 1.00 14.06 ? 588 GLY A CA  1 
ATOM   704  C  C   . GLY A 1 88  ? -5.766  -12.869 -10.684 1.00 14.56 ? 588 GLY A C   1 
ATOM   705  O  O   . GLY A 1 88  ? -5.800  -14.068 -10.443 1.00 15.21 ? 588 GLY A O   1 
ATOM   706  N  N   . ILE A 1 89  ? -4.801  -12.071 -10.218 1.00 14.67 ? 589 ILE A N   1 
ATOM   707  C  CA  . ILE A 1 89  ? -3.785  -12.589 -9.290  1.00 14.75 ? 589 ILE A CA  1 
ATOM   708  C  C   . ILE A 1 89  ? -4.359  -12.652 -7.884  1.00 14.81 ? 589 ILE A C   1 
ATOM   709  O  O   . ILE A 1 89  ? -4.915  -11.680 -7.399  1.00 14.74 ? 589 ILE A O   1 
ATOM   710  C  CB  . ILE A 1 89  ? -2.505  -11.749 -9.324  1.00 14.38 ? 589 ILE A CB  1 
ATOM   711  C  CG1 . ILE A 1 89  ? -1.818  -11.944 -10.666 1.00 15.22 ? 589 ILE A CG1 1 
ATOM   712  C  CG2 . ILE A 1 89  ? -1.553  -12.112 -8.170  1.00 13.73 ? 589 ILE A CG2 1 
ATOM   713  C  CD1 . ILE A 1 89  ? -1.112  -10.715 -11.139 1.00 9.89  ? 589 ILE A CD1 1 
ATOM   714  N  N   . ASP A 1 90  ? -4.260  -13.811 -7.247  1.00 16.07 ? 590 ASP A N   1 
ATOM   715  C  CA  . ASP A 1 90  ? -4.651  -13.917 -5.850  1.00 17.43 ? 590 ASP A CA  1 
ATOM   716  C  C   . ASP A 1 90  ? -3.431  -14.055 -4.936  1.00 17.58 ? 590 ASP A C   1 
ATOM   717  O  O   . ASP A 1 90  ? -2.857  -15.148 -4.771  1.00 18.85 ? 590 ASP A O   1 
ATOM   718  C  CB  . ASP A 1 90  ? -5.672  -15.042 -5.597  1.00 18.52 ? 590 ASP A CB  1 
ATOM   719  C  CG  . ASP A 1 90  ? -6.416  -14.868 -4.259  1.00 19.92 ? 590 ASP A CG  1 
ATOM   720  O  OD1 . ASP A 1 90  ? -6.398  -13.732 -3.713  1.00 25.24 ? 590 ASP A OD1 1 
ATOM   721  O  OD2 . ASP A 1 90  ? -6.999  -15.845 -3.748  1.00 18.77 ? 590 ASP A OD2 1 
ATOM   722  N  N   . ILE A 1 91  ? -3.056  -12.930 -4.350  1.00 17.10 ? 591 ILE A N   1 
ATOM   723  C  CA  . ILE A 1 91  ? -2.023  -12.862 -3.327  1.00 16.52 ? 591 ILE A CA  1 
ATOM   724  C  C   . ILE A 1 91  ? -2.448  -13.689 -2.126  1.00 17.11 ? 591 ILE A C   1 
ATOM   725  O  O   . ILE A 1 91  ? -3.405  -13.327 -1.425  1.00 16.41 ? 591 ILE A O   1 
ATOM   726  C  CB  . ILE A 1 91  ? -1.781  -11.395 -2.890  1.00 16.00 ? 591 ILE A CB  1 
ATOM   727  C  CG1 . ILE A 1 91  ? -1.429  -10.545 -4.117  1.00 14.32 ? 591 ILE A CG1 1 
ATOM   728  C  CG2 . ILE A 1 91  ? -0.752  -11.327 -1.743  1.00 14.08 ? 591 ILE A CG2 1 
ATOM   729  C  CD1 . ILE A 1 91  ? -1.593  -9.044  -3.922  1.00 14.44 ? 591 ILE A CD1 1 
ATOM   730  N  N   . LYS A 1 92  ? -1.725  -14.781 -1.876  1.00 17.70 ? 592 LYS A N   1 
ATOM   731  C  CA  . LYS A 1 92  ? -2.078  -15.628 -0.727  1.00 18.68 ? 592 LYS A CA  1 
ATOM   732  C  C   . LYS A 1 92  ? -1.555  -15.185 0.641   1.00 19.35 ? 592 LYS A C   1 
ATOM   733  O  O   . LYS A 1 92  ? -2.160  -15.509 1.670   1.00 19.05 ? 592 LYS A O   1 
ATOM   734  C  CB  . LYS A 1 92  ? -1.840  -17.116 -1.003  1.00 19.05 ? 592 LYS A CB  1 
ATOM   735  C  CG  . LYS A 1 92  ? -2.998  -17.728 -1.775  1.00 19.20 ? 592 LYS A CG  1 
ATOM   736  C  CD  . LYS A 1 92  ? -2.713  -19.145 -2.207  1.00 20.11 ? 592 LYS A CD  1 
ATOM   737  C  CE  . LYS A 1 92  ? -3.461  -19.468 -3.479  1.00 19.90 ? 592 LYS A CE  1 
ATOM   738  N  NZ  . LYS A 1 92  ? -3.334  -20.911 -3.823  1.00 19.98 ? 592 LYS A NZ  1 
ATOM   739  N  N   . ASN A 1 93  ? -0.468  -14.416 0.663   1.00 19.31 ? 593 ASN A N   1 
ATOM   740  C  CA  . ASN A 1 93  ? 0.094   -13.995 1.943   1.00 20.50 ? 593 ASN A CA  1 
ATOM   741  C  C   . ASN A 1 93  ? -0.319  -12.601 2.315   1.00 21.44 ? 593 ASN A C   1 
ATOM   742  O  O   . ASN A 1 93  ? -0.322  -11.698 1.474   1.00 21.88 ? 593 ASN A O   1 
ATOM   743  C  CB  . ASN A 1 93  ? 1.614   -14.095 1.942   1.00 19.79 ? 593 ASN A CB  1 
ATOM   744  C  CG  . ASN A 1 93  ? 2.097   -15.463 1.585   1.00 20.34 ? 593 ASN A CG  1 
ATOM   745  O  OD1 . ASN A 1 93  ? 1.970   -16.403 2.373   1.00 19.05 ? 593 ASN A OD1 1 
ATOM   746  N  ND2 . ASN A 1 93  ? 2.657   -15.594 0.384   1.00 20.70 ? 593 ASN A ND2 1 
ATOM   747  N  N   . LYS A 1 94  ? -0.640  -12.392 3.582   1.00 22.57 ? 594 LYS A N   1 
ATOM   748  C  CA  . LYS A 1 94  ? -1.108  -11.063 3.974   1.00 24.56 ? 594 LYS A CA  1 
ATOM   749  C  C   . LYS A 1 94  ? -0.673  -10.713 5.384   1.00 24.64 ? 594 LYS A C   1 
ATOM   750  O  O   . LYS A 1 94  ? -0.421  -11.595 6.204   1.00 25.23 ? 594 LYS A O   1 
ATOM   751  C  CB  . LYS A 1 94  ? -2.643  -10.938 3.779   1.00 24.43 ? 594 LYS A CB  1 
ATOM   752  C  CG  . LYS A 1 94  ? -3.459  -11.806 4.725   1.00 27.56 ? 594 LYS A CG  1 
ATOM   753  C  CD  . LYS A 1 94  ? -4.843  -12.122 4.155   1.00 30.09 ? 594 LYS A CD  1 
ATOM   754  C  CE  . LYS A 1 94  ? -5.599  -13.111 5.053   1.00 32.19 ? 594 LYS A CE  1 
ATOM   755  N  NZ  . LYS A 1 94  ? -4.892  -14.424 5.198   1.00 32.90 ? 594 LYS A NZ  1 
ATOM   756  N  N   . ILE A 1 95  ? -0.532  -9.425  5.640   1.00 25.27 ? 595 ILE A N   1 
ATOM   757  C  CA  . ILE A 1 95  ? -0.272  -8.929  6.967   1.00 25.36 ? 595 ILE A CA  1 
ATOM   758  C  C   . ILE A 1 95  ? -1.485  -8.079  7.306   1.00 26.60 ? 595 ILE A C   1 
ATOM   759  O  O   . ILE A 1 95  ? -1.692  -7.015  6.715   1.00 25.55 ? 595 ILE A O   1 
ATOM   760  C  CB  . ILE A 1 95  ? 1.059   -8.135  6.993   1.00 25.92 ? 595 ILE A CB  1 
ATOM   761  C  CG1 . ILE A 1 95  ? 2.238   -9.103  6.812   1.00 25.60 ? 595 ILE A CG1 1 
ATOM   762  C  CG2 . ILE A 1 95  ? 1.197   -7.246  8.271   1.00 25.55 ? 595 ILE A CG2 1 
ATOM   763  C  CD1 . ILE A 1 95  ? 3.593   -8.483  6.841   1.00 25.67 ? 595 ILE A CD1 1 
ATOM   764  N  N   . LEU A 1 96  ? -2.318  -8.588  8.215   1.00 27.63 ? 596 LEU A N   1 
ATOM   765  C  CA  . LEU A 1 96  ? -3.551  -7.917  8.675   1.00 29.89 ? 596 LEU A CA  1 
ATOM   766  C  C   . LEU A 1 96  ? -3.298  -7.127  9.954   1.00 30.98 ? 596 LEU A C   1 
ATOM   767  O  O   . LEU A 1 96  ? -2.251  -7.293  10.581  1.00 30.54 ? 596 LEU A O   1 
ATOM   768  C  CB  . LEU A 1 96  ? -4.629  -8.969  8.994   1.00 30.07 ? 596 LEU A CB  1 
ATOM   769  C  CG  . LEU A 1 96  ? -4.997  -9.994  7.917   1.00 31.68 ? 596 LEU A CG  1 
ATOM   770  C  CD1 . LEU A 1 96  ? -6.207  -10.852 8.343   1.00 31.49 ? 596 LEU A CD1 1 
ATOM   771  C  CD2 . LEU A 1 96  ? -5.254  -9.298  6.581   1.00 33.97 ? 596 LEU A CD2 1 
ATOM   772  N  N   . LYS A 1 97  ? -4.263  -6.297  10.362  1.00 32.29 ? 597 LYS A N   1 
ATOM   773  C  CA  . LYS A 1 97  ? -4.213  -5.639  11.678  1.00 34.75 ? 597 LYS A CA  1 
ATOM   774  C  C   . LYS A 1 97  ? -4.238  -6.670  12.816  1.00 36.70 ? 597 LYS A C   1 
ATOM   775  O  O   . LYS A 1 97  ? -4.968  -7.672  12.749  1.00 36.47 ? 597 LYS A O   1 
ATOM   776  C  CB  . LYS A 1 97  ? -5.351  -4.637  11.845  1.00 34.58 ? 597 LYS A CB  1 
ATOM   777  N  N   . TYR A 1 98  ? -3.436  -6.406  13.852  1.00 39.27 ? 598 TYR A N   1 
ATOM   778  C  CA  . TYR A 1 98  ? -3.241  -7.336  14.974  1.00 41.90 ? 598 TYR A CA  1 
ATOM   779  C  C   . TYR A 1 98  ? -3.741  -6.775  16.299  1.00 43.61 ? 598 TYR A C   1 
ATOM   780  O  O   . TYR A 1 98  ? -3.179  -5.822  16.848  1.00 43.79 ? 598 TYR A O   1 
ATOM   781  C  CB  . TYR A 1 98  ? -1.757  -7.759  15.087  1.00 41.88 ? 598 TYR A CB  1 
ATOM   782  N  N   . ASN A 1 99  ? -4.799  -7.408  16.801  1.00 46.11 ? 599 ASN A N   1 
ATOM   783  C  CA  . ASN A 1 99  ? -5.493  -7.028  18.036  1.00 47.80 ? 599 ASN A CA  1 
ATOM   784  C  C   . ASN A 1 99  ? -5.820  -5.526  18.223  1.00 47.29 ? 599 ASN A C   1 
ATOM   785  O  O   . ASN A 1 99  ? -5.541  -4.919  19.281  1.00 48.02 ? 599 ASN A O   1 
ATOM   786  C  CB  . ASN A 1 99  ? -4.811  -7.664  19.264  1.00 49.24 ? 599 ASN A CB  1 
ATOM   787  C  CG  . ASN A 1 99  ? -5.501  -8.948  19.719  1.00 52.21 ? 599 ASN A CG  1 
ATOM   788  O  OD1 . ASN A 1 99  ? -6.315  -9.538  18.984  1.00 56.56 ? 599 ASN A OD1 1 
ATOM   789  N  ND2 . ASN A 1 99  ? -5.194  -9.379  20.944  1.00 55.77 ? 599 ASN A ND2 1 
ATOM   790  N  N   . GLY A 1 100 ? -6.443  -4.953  17.191  1.00 46.18 ? 600 GLY A N   1 
ATOM   791  C  CA  . GLY A 1 100 ? -7.113  -3.662  17.301  1.00 43.89 ? 600 GLY A CA  1 
ATOM   792  C  C   . GLY A 1 100 ? -6.292  -2.477  16.841  1.00 43.09 ? 600 GLY A C   1 
ATOM   793  O  O   . GLY A 1 100 ? -6.775  -1.331  16.873  1.00 40.50 ? 600 GLY A O   1 
ATOM   794  N  N   . ARG A 1 101 ? -5.038  -2.776  16.444  1.00 42.50 ? 601 ARG A N   1 
ATOM   795  C  CA  . ARG A 1 101 ? -4.087  -1.790  15.913  1.00 41.27 ? 601 ARG A CA  1 
ATOM   796  C  C   . ARG A 1 101 ? -3.320  -2.377  14.695  1.00 40.62 ? 601 ARG A C   1 
ATOM   797  O  O   . ARG A 1 101 ? -3.277  -3.616  14.520  1.00 40.57 ? 601 ARG A O   1 
ATOM   798  C  CB  . ARG A 1 101 ? -3.076  -1.423  17.001  1.00 42.06 ? 601 ARG A CB  1 
ATOM   799  C  CG  . ARG A 1 101 ? -2.435  -2.633  17.679  1.00 41.76 ? 601 ARG A CG  1 
ATOM   800  C  CD  . ARG A 1 101 ? -1.205  -2.230  18.485  1.00 47.41 ? 601 ARG A CD  1 
ATOM   801  N  NE  . ARG A 1 101 ? -0.559  -3.373  19.142  1.00 49.24 ? 601 ARG A NE  1 
ATOM   802  C  CZ  . ARG A 1 101 ? 0.288   -4.206  18.534  1.00 51.27 ? 601 ARG A CZ  1 
ATOM   803  N  NH1 . ARG A 1 101 ? 0.589   -4.027  17.246  1.00 50.32 ? 601 ARG A NH1 1 
ATOM   804  N  NH2 . ARG A 1 101 ? 0.829   -5.224  19.206  1.00 49.31 ? 601 ARG A NH2 1 
ATOM   805  N  N   . HIS A 1 102 ? -2.727  -1.509  13.875  1.00 37.86 ? 602 HIS A N   1 
ATOM   806  C  CA  . HIS A 1 102 ? -1.737  -1.959  12.894  1.00 36.20 ? 602 HIS A CA  1 
ATOM   807  C  C   . HIS A 1 102 ? -0.590  -2.606  13.664  1.00 34.52 ? 602 HIS A C   1 
ATOM   808  O  O   . HIS A 1 102 ? -0.373  -2.279  14.842  1.00 34.76 ? 602 HIS A O   1 
ATOM   809  C  CB  . HIS A 1 102 ? -1.210  -0.790  12.055  1.00 36.17 ? 602 HIS A CB  1 
ATOM   810  C  CG  . HIS A 1 102 ? -2.261  -0.116  11.231  1.00 36.57 ? 602 HIS A CG  1 
ATOM   811  N  ND1 . HIS A 1 102 ? -2.860  -0.722  10.147  1.00 36.33 ? 602 HIS A ND1 1 
ATOM   812  C  CD2 . HIS A 1 102 ? -2.827  1.110   11.338  1.00 37.07 ? 602 HIS A CD2 1 
ATOM   813  C  CE1 . HIS A 1 102 ? -3.745  0.103   9.619   1.00 36.69 ? 602 HIS A CE1 1 
ATOM   814  N  NE2 . HIS A 1 102 ? -3.745  1.222   10.320  1.00 36.79 ? 602 HIS A NE2 1 
HETATM 815  N  N   . MSE A 1 103 ? 0.117   -3.539  13.032  1.00 32.20 ? 603 MSE A N   1 
HETATM 816  C  CA  . MSE A 1 103 ? 1.286   -4.141  13.655  1.00 29.94 ? 603 MSE A CA  1 
HETATM 817  C  C   . MSE A 1 103 ? 2.415   -3.114  13.755  1.00 28.59 ? 603 MSE A C   1 
HETATM 818  O  O   . MSE A 1 103 ? 2.448   -2.148  12.983  1.00 28.03 ? 603 MSE A O   1 
HETATM 819  C  CB  . MSE A 1 103 ? 1.769   -5.319  12.829  1.00 30.34 ? 603 MSE A CB  1 
HETATM 820  C  CG  . MSE A 1 103 ? 1.048   -6.621  13.056  1.00 29.75 ? 603 MSE A CG  1 
HETATM 821  SE SE  . MSE A 1 103 ? 1.934   -7.955  11.912  0.75 31.64 ? 603 MSE A SE  1 
HETATM 822  C  CE  . MSE A 1 103 ? 0.550   -9.337  12.029  1.00 28.38 ? 603 MSE A CE  1 
ATOM   823  N  N   . THR A 1 104 ? 3.334   -3.326  14.700  1.00 26.62 ? 604 THR A N   1 
ATOM   824  C  CA  . THR A 1 104 ? 4.578   -2.551  14.751  1.00 24.99 ? 604 THR A CA  1 
ATOM   825  C  C   . THR A 1 104 ? 5.574   -2.996  13.640  1.00 24.11 ? 604 THR A C   1 
ATOM   826  O  O   . THR A 1 104 ? 5.421   -4.075  13.055  1.00 23.65 ? 604 THR A O   1 
ATOM   827  C  CB  . THR A 1 104 ? 5.247   -2.646  16.136  1.00 25.11 ? 604 THR A CB  1 
ATOM   828  O  OG1 . THR A 1 104 ? 5.660   -3.996  16.373  1.00 25.69 ? 604 THR A OG1 1 
ATOM   829  C  CG2 . THR A 1 104 ? 4.275   -2.203  17.248  1.00 24.58 ? 604 THR A CG2 1 
ATOM   830  N  N   . GLU A 1 105 ? 6.574   -2.157  13.350  1.00 22.29 ? 605 GLU A N   1 
ATOM   831  C  CA  . GLU A 1 105 ? 7.613   -2.498  12.376  1.00 21.38 ? 605 GLU A CA  1 
ATOM   832  C  C   . GLU A 1 105 ? 8.309   -3.810  12.691  1.00 20.38 ? 605 GLU A C   1 
ATOM   833  O  O   . GLU A 1 105 ? 8.611   -4.589  11.787  1.00 20.14 ? 605 GLU A O   1 
ATOM   834  C  CB  . GLU A 1 105 ? 8.645   -1.381  12.234  1.00 21.02 ? 605 GLU A CB  1 
ATOM   835  C  CG  . GLU A 1 105 ? 8.356   -0.460  11.063  1.00 21.45 ? 605 GLU A CG  1 
ATOM   836  C  CD  . GLU A 1 105 ? 7.652   0.816   11.482  1.00 23.29 ? 605 GLU A CD  1 
ATOM   837  O  OE1 . GLU A 1 105 ? 8.133   1.909   11.104  1.00 23.39 ? 605 GLU A OE1 1 
ATOM   838  O  OE2 . GLU A 1 105 ? 6.626   0.742   12.207  1.00 23.52 ? 605 GLU A OE2 1 
ATOM   839  N  N   . ASP A 1 106 ? 8.571   -4.036  13.972  1.00 18.87 ? 606 ASP A N   1 
ATOM   840  C  CA  . ASP A 1 106 ? 9.149   -5.288  14.432  1.00 18.08 ? 606 ASP A CA  1 
ATOM   841  C  C   . ASP A 1 106 ? 8.201   -6.464  14.200  1.00 17.12 ? 606 ASP A C   1 
ATOM   842  O  O   . ASP A 1 106 ? 8.647   -7.548  13.837  1.00 17.07 ? 606 ASP A O   1 
ATOM   843  C  CB  . ASP A 1 106 ? 9.550   -5.190  15.911  1.00 18.07 ? 606 ASP A CB  1 
ATOM   844  C  CG  . ASP A 1 106 ? 10.563  -4.075  16.177  1.00 19.03 ? 606 ASP A CG  1 
ATOM   845  O  OD1 . ASP A 1 106 ? 11.147  -3.536  15.205  1.00 19.81 ? 606 ASP A OD1 1 
ATOM   846  O  OD2 . ASP A 1 106 ? 10.781  -3.742  17.366  1.00 20.21 ? 606 ASP A OD2 1 
ATOM   847  N  N   . GLU A 1 107 ? 6.900   -6.247  14.408  1.00 16.16 ? 607 GLU A N   1 
ATOM   848  C  CA  . GLU A 1 107 ? 5.903   -7.288  14.158  1.00 14.77 ? 607 GLU A CA  1 
ATOM   849  C  C   . GLU A 1 107 ? 5.742   -7.565  12.682  1.00 13.77 ? 607 GLU A C   1 
ATOM   850  O  O   . GLU A 1 107 ? 5.583   -8.721  12.277  1.00 12.97 ? 607 GLU A O   1 
ATOM   851  C  CB  . GLU A 1 107 ? 4.553   -6.938  14.779  1.00 15.42 ? 607 GLU A CB  1 
ATOM   852  C  CG  . GLU A 1 107 ? 4.484   -7.197  16.276  1.00 15.15 ? 607 GLU A CG  1 
ATOM   853  C  CD  . GLU A 1 107 ? 3.221   -6.649  16.913  1.00 16.83 ? 607 GLU A CD  1 
ATOM   854  O  OE1 . GLU A 1 107 ? 2.404   -6.029  16.190  1.00 17.52 ? 607 GLU A OE1 1 
ATOM   855  O  OE2 . GLU A 1 107 ? 3.045   -6.841  18.135  1.00 16.17 ? 607 GLU A OE2 1 
ATOM   856  N  N   . ILE A 1 108 ? 5.787   -6.505  11.880  1.00 12.16 ? 608 ILE A N   1 
ATOM   857  C  CA  . ILE A 1 108 ? 5.680   -6.637  10.444  1.00 11.77 ? 608 ILE A CA  1 
ATOM   858  C  C   . ILE A 1 108 ? 6.915   -7.395  9.931   1.00 11.67 ? 608 ILE A C   1 
ATOM   859  O  O   . ILE A 1 108 ? 6.797   -8.337  9.136   1.00 11.85 ? 608 ILE A O   1 
ATOM   860  C  CB  . ILE A 1 108 ? 5.557   -5.244  9.715   1.00 11.38 ? 608 ILE A CB  1 
ATOM   861  C  CG1 . ILE A 1 108 ? 4.253   -4.535  10.098  1.00 12.12 ? 608 ILE A CG1 1 
ATOM   862  C  CG2 . ILE A 1 108 ? 5.645   -5.416  8.176   1.00 11.13 ? 608 ILE A CG2 1 
ATOM   863  C  CD1 . ILE A 1 108 ? 4.140   -3.139  9.514   1.00 14.65 ? 608 ILE A CD1 1 
ATOM   864  N  N   . LEU A 1 109 ? 8.089   -6.968  10.396  1.00 11.10 ? 609 LEU A N   1 
ATOM   865  C  CA  . LEU A 1 109 ? 9.362   -7.619  10.052  1.00 10.91 ? 609 LEU A CA  1 
ATOM   866  C  C   . LEU A 1 109 ? 9.261   -9.122  10.362  1.00 10.86 ? 609 LEU A C   1 
ATOM   867  O  O   . LEU A 1 109 ? 9.544   -9.977  9.496   1.00 10.78 ? 609 LEU A O   1 
ATOM   868  C  CB  . LEU A 1 109 ? 10.510  -6.951  10.824  1.00 10.28 ? 609 LEU A CB  1 
ATOM   869  C  CG  . LEU A 1 109 ? 11.971  -7.314  10.586  1.00 10.80 ? 609 LEU A CG  1 
ATOM   870  C  CD1 . LEU A 1 109 ? 12.265  -7.265  9.116   1.00 8.00  ? 609 LEU A CD1 1 
ATOM   871  C  CD2 . LEU A 1 109 ? 12.874  -6.319  11.307  1.00 11.56 ? 609 LEU A CD2 1 
ATOM   872  N  N   . LYS A 1 110 ? 8.789   -9.418  11.566  1.00 10.83 ? 610 LYS A N   1 
ATOM   873  C  CA  . LYS A 1 110 ? 8.616   -10.785 12.025  1.00 12.16 ? 610 LYS A CA  1 
ATOM   874  C  C   . LYS A 1 110 ? 7.762   -11.602 11.068  1.00 13.02 ? 610 LYS A C   1 
ATOM   875  O  O   . LYS A 1 110 ? 8.206   -12.676 10.634  1.00 13.82 ? 610 LYS A O   1 
ATOM   876  C  CB  . LYS A 1 110 ? 8.021   -10.836 13.443  1.00 12.06 ? 610 LYS A CB  1 
ATOM   877  C  CG  . LYS A 1 110 ? 8.273   -12.162 14.166  1.00 12.63 ? 610 LYS A CG  1 
ATOM   878  C  CD  . LYS A 1 110 ? 7.856   -12.096 15.608  1.00 12.94 ? 610 LYS A CD  1 
ATOM   879  C  CE  . LYS A 1 110 ? 7.826   -13.489 16.191  1.00 15.07 ? 610 LYS A CE  1 
ATOM   880  N  NZ  . LYS A 1 110 ? 6.648   -14.233 15.660  1.00 18.82 ? 610 LYS A NZ  1 
ATOM   881  N  N   . SER A 1 111 ? 6.554   -11.103 10.751  1.00 13.00 ? 611 SER A N   1 
ATOM   882  C  CA  . SER A 1 111 ? 5.610   -11.824 9.886   1.00 13.37 ? 611 SER A CA  1 
ATOM   883  C  C   . SER A 1 111 ? 6.169   -12.025 8.508   1.00 12.24 ? 611 SER A C   1 
ATOM   884  O  O   . SER A 1 111 ? 5.941   -13.072 7.879   1.00 11.94 ? 611 SER A O   1 
ATOM   885  C  CB  . SER A 1 111 ? 4.301   -11.060 9.706   1.00 13.20 ? 611 SER A CB  1 
ATOM   886  O  OG  . SER A 1 111 ? 3.781   -10.630 10.931  1.00 15.00 ? 611 SER A OG  1 
ATOM   887  N  N   . ALA A 1 112 ? 6.818   -10.974 8.020   1.00 12.05 ? 612 ALA A N   1 
ATOM   888  C  CA  . ALA A 1 112 ? 7.447   -10.952 6.706   1.00 12.23 ? 612 ALA A CA  1 
ATOM   889  C  C   . ALA A 1 112 ? 8.497   -12.081 6.533   1.00 13.04 ? 612 ALA A C   1 
ATOM   890  O  O   . ALA A 1 112 ? 8.512   -12.805 5.522   1.00 12.66 ? 612 ALA A O   1 
ATOM   891  C  CB  . ALA A 1 112 ? 8.079   -9.566  6.438   1.00 11.84 ? 612 ALA A CB  1 
ATOM   892  N  N   . LYS A 1 113 ? 9.352   -12.231 7.535   1.00 14.23 ? 613 LYS A N   1 
ATOM   893  C  CA  . LYS A 1 113 ? 10.358  -13.306 7.541   1.00 14.80 ? 613 LYS A CA  1 
ATOM   894  C  C   . LYS A 1 113 ? 9.703   -14.690 7.642   1.00 15.24 ? 613 LYS A C   1 
ATOM   895  O  O   . LYS A 1 113 ? 10.085  -15.606 6.898   1.00 15.32 ? 613 LYS A O   1 
ATOM   896  C  CB  . LYS A 1 113 ? 11.403  -13.058 8.621   1.00 13.98 ? 613 LYS A CB  1 
ATOM   897  C  CG  . LYS A 1 113 ? 12.293  -11.895 8.261   1.00 14.53 ? 613 LYS A CG  1 
ATOM   898  C  CD  . LYS A 1 113 ? 13.507  -11.787 9.162   1.00 16.62 ? 613 LYS A CD  1 
ATOM   899  C  CE  . LYS A 1 113 ? 13.174  -11.011 10.409  1.00 17.95 ? 613 LYS A CE  1 
ATOM   900  N  NZ  . LYS A 1 113 ? 14.319  -10.914 11.367  1.00 19.06 ? 613 LYS A NZ  1 
ATOM   901  N  N   A GLU A 1 114 ? 8.720   -14.823 8.533   0.50 15.02 ? 614 GLU A N   1 
ATOM   902  N  N   B GLU A 1 114 ? 8.706   -14.807 8.518   0.50 15.07 ? 614 GLU A N   1 
ATOM   903  C  CA  A GLU A 1 114 ? 7.921   -16.036 8.618   0.50 15.47 ? 614 GLU A CA  1 
ATOM   904  C  CA  B GLU A 1 114 ? 7.891   -16.011 8.648   0.50 15.51 ? 614 GLU A CA  1 
ATOM   905  C  C   A GLU A 1 114 ? 7.366   -16.434 7.254   0.50 16.11 ? 614 GLU A C   1 
ATOM   906  C  C   B GLU A 1 114 ? 7.170   -16.421 7.362   0.50 16.22 ? 614 GLU A C   1 
ATOM   907  O  O   A GLU A 1 114 ? 7.400   -17.608 6.893   0.50 15.40 ? 614 GLU A O   1 
ATOM   908  O  O   B GLU A 1 114 ? 6.881   -17.600 7.167   0.50 15.70 ? 614 GLU A O   1 
ATOM   909  C  CB  A GLU A 1 114 ? 6.772   -15.878 9.619   0.50 15.50 ? 614 GLU A CB  1 
ATOM   910  C  CB  B GLU A 1 114 ? 6.883   -15.855 9.794   0.50 15.59 ? 614 GLU A CB  1 
ATOM   911  C  CG  A GLU A 1 114 ? 6.012   -17.172 9.890   0.50 14.78 ? 614 GLU A CG  1 
ATOM   912  C  CG  B GLU A 1 114 ? 7.521   -15.989 11.161  0.50 14.43 ? 614 GLU A CG  1 
ATOM   913  C  CD  A GLU A 1 114 ? 4.814   -16.979 10.812  0.50 14.22 ? 614 GLU A CD  1 
ATOM   914  C  CD  B GLU A 1 114 ? 6.638   -15.516 12.313  0.50 14.95 ? 614 GLU A CD  1 
ATOM   915  O  OE1 A GLU A 1 114 ? 4.034   -16.027 10.583  0.50 12.20 ? 614 GLU A OE1 1 
ATOM   916  O  OE1 B GLU A 1 114 ? 5.421   -15.303 12.104  0.50 14.76 ? 614 GLU A OE1 1 
ATOM   917  O  OE2 A GLU A 1 114 ? 4.654   -17.788 11.762  0.50 13.46 ? 614 GLU A OE2 1 
ATOM   918  O  OE2 B GLU A 1 114 ? 7.176   -15.369 13.434  0.50 12.09 ? 614 GLU A OE2 1 
ATOM   919  N  N   . ILE A 1 115 ? 6.877   -15.451 6.493   1.00 16.54 ? 615 ILE A N   1 
ATOM   920  C  CA  . ILE A 1 115 ? 6.232   -15.720 5.225   1.00 19.24 ? 615 ILE A CA  1 
ATOM   921  C  C   . ILE A 1 115 ? 7.292   -16.140 4.192   1.00 22.20 ? 615 ILE A C   1 
ATOM   922  O  O   . ILE A 1 115 ? 7.087   -17.063 3.385   1.00 21.57 ? 615 ILE A O   1 
ATOM   923  C  CB  . ILE A 1 115 ? 5.419   -14.446 4.716   1.00 19.03 ? 615 ILE A CB  1 
ATOM   924  C  CG1 . ILE A 1 115 ? 4.088   -14.317 5.494   1.00 20.28 ? 615 ILE A CG1 1 
ATOM   925  C  CG2 . ILE A 1 115 ? 5.175   -14.520 3.221   1.00 18.54 ? 615 ILE A CG2 1 
ATOM   926  C  CD1 . ILE A 1 115 ? 3.370   -12.948 5.382   1.00 15.73 ? 615 ILE A CD1 1 
ATOM   927  N  N   . LEU A 1 116 ? 8.414   -15.435 4.236   1.00 25.28 ? 616 LEU A N   1 
ATOM   928  C  CA  . LEU A 1 116 ? 9.600   -15.740 3.450   1.00 29.37 ? 616 LEU A CA  1 
ATOM   929  C  C   . LEU A 1 116 ? 10.067  -17.194 3.655   1.00 32.79 ? 616 LEU A C   1 
ATOM   930  O  O   . LEU A 1 116 ? 10.339  -17.916 2.687   1.00 32.17 ? 616 LEU A O   1 
ATOM   931  C  CB  . LEU A 1 116 ? 10.710  -14.754 3.821   1.00 28.28 ? 616 LEU A CB  1 
ATOM   932  C  CG  . LEU A 1 116 ? 12.039  -14.845 3.080   1.00 26.76 ? 616 LEU A CG  1 
ATOM   933  C  CD1 . LEU A 1 116 ? 11.857  -14.708 1.568   1.00 25.17 ? 616 LEU A CD1 1 
ATOM   934  C  CD2 . LEU A 1 116 ? 12.948  -13.774 3.617   1.00 25.90 ? 616 LEU A CD2 1 
ATOM   935  N  N   A ASN A 1 117 ? 10.142  -17.613 4.908   0.50 35.22 ? 617 ASN A N   1 
ATOM   936  N  N   B ASN A 1 117 ? 10.134  -17.576 4.938   0.50 35.54 ? 617 ASN A N   1 
ATOM   937  C  CA  A ASN A 1 117 ? 10.597  -18.953 5.245   0.50 37.59 ? 617 ASN A CA  1 
ATOM   938  C  CA  B ASN A 1 117 ? 10.515  -18.913 5.428   0.50 38.33 ? 617 ASN A CA  1 
ATOM   939  C  C   A ASN A 1 117 ? 9.532   -20.064 5.140   0.50 39.77 ? 617 ASN A C   1 
ATOM   940  C  C   B ASN A 1 117 ? 9.541   -20.044 5.085   0.50 40.11 ? 617 ASN A C   1 
ATOM   941  O  O   A ASN A 1 117 ? 9.859   -21.259 5.257   0.50 40.00 ? 617 ASN A O   1 
ATOM   942  O  O   B ASN A 1 117 ? 9.936   -21.221 4.980   0.50 40.27 ? 617 ASN A O   1 
ATOM   943  C  CB  A ASN A 1 117 ? 11.249  -18.913 6.624   0.50 37.77 ? 617 ASN A CB  1 
ATOM   944  C  CB  B ASN A 1 117 ? 10.775  -18.863 6.960   0.50 38.59 ? 617 ASN A CB  1 
ATOM   945  C  CG  A ASN A 1 117 ? 12.617  -18.267 6.590   0.50 36.67 ? 617 ASN A CG  1 
ATOM   946  C  CG  B ASN A 1 117 ? 9.543   -19.227 7.823   0.50 40.24 ? 617 ASN A CG  1 
ATOM   947  O  OD1 A ASN A 1 117 ? 13.582  -18.890 6.160   0.50 38.39 ? 617 ASN A OD1 1 
ATOM   948  O  OD1 B ASN A 1 117 ? 8.481   -19.599 7.324   0.50 42.33 ? 617 ASN A OD1 1 
ATOM   949  N  ND2 A ASN A 1 117 ? 12.711  -17.026 7.043   0.50 32.65 ? 617 ASN A ND2 1 
ATOM   950  N  ND2 B ASN A 1 117 ? 9.713   -19.143 9.145   0.50 40.61 ? 617 ASN A ND2 1 
ATOM   951  N  N   . LYS A 1 118 ? 8.276   -19.683 4.893   1.00 41.37 ? 618 LYS A N   1 
ATOM   952  C  CA  . LYS A 1 118 ? 7.183   -20.660 4.763   1.00 44.70 ? 618 LYS A CA  1 
ATOM   953  C  C   . LYS A 1 118 ? 7.261   -21.458 3.464   1.00 46.21 ? 618 LYS A C   1 
ATOM   954  O  O   . LYS A 1 118 ? 7.518   -22.669 3.519   1.00 47.51 ? 618 LYS A O   1 
ATOM   955  C  CB  . LYS A 1 118 ? 5.798   -19.988 4.963   1.00 45.16 ? 618 LYS A CB  1 
ATOM   956  C  CG  . LYS A 1 118 ? 4.778   -20.872 5.697   1.00 48.30 ? 618 LYS A CG  1 
ATOM   957  C  CD  . LYS A 1 118 ? 3.478   -20.145 6.101   1.00 50.81 ? 618 LYS A CD  1 
ATOM   958  C  CE  . LYS A 1 118 ? 2.750   -19.518 4.908   1.00 52.66 ? 618 LYS A CE  1 
ATOM   959  N  NZ  . LYS A 1 118 ? 3.398   -18.225 4.465   1.00 51.40 ? 618 LYS A NZ  1 
ATOM   960  O  OXT . LYS A 1 118 ? 7.107   -20.945 2.338   1.00 48.30 ? 618 LYS A OXT 1 
HETATM 961  C  C1  . EDO B 2 .   ? 1.155   4.476   10.725  1.00 58.01 ? 701 EDO A C1  1 
HETATM 962  O  O1  . EDO B 2 .   ? 0.940   4.595   9.316   1.00 55.09 ? 701 EDO A O1  1 
HETATM 963  C  C2  . EDO B 2 .   ? 2.160   5.533   11.188  1.00 58.13 ? 701 EDO A C2  1 
HETATM 964  O  O2  . EDO B 2 .   ? 2.477   6.456   10.130  1.00 58.67 ? 701 EDO A O2  1 
HETATM 965  O  O   . HOH C 3 .   ? 12.988  1.661   2.273   1.00 21.18 ? 1   HOH A O   1 
HETATM 966  O  O   . HOH C 3 .   ? -24.731 23.407  -4.689  1.00 14.48 ? 2   HOH A O   1 
HETATM 967  O  O   . HOH C 3 .   ? -2.423  5.182   -1.610  1.00 16.84 ? 3   HOH A O   1 
HETATM 968  O  O   . HOH C 3 .   ? -14.388 14.247  1.952   1.00 23.16 ? 4   HOH A O   1 
HETATM 969  O  O   . HOH C 3 .   ? -25.433 23.783  -8.011  1.00 25.79 ? 5   HOH A O   1 
HETATM 970  O  O   . HOH C 3 .   ? 15.065  -4.990  1.777   1.00 22.12 ? 6   HOH A O   1 
HETATM 971  O  O   . HOH C 3 .   ? -10.466 16.406  -14.820 1.00 21.79 ? 7   HOH A O   1 
HETATM 972  O  O   . HOH C 3 .   ? -4.949  -10.596 -4.924  1.00 10.87 ? 8   HOH A O   1 
HETATM 973  O  O   . HOH C 3 .   ? -1.669  12.962  -7.884  1.00 28.69 ? 9   HOH A O   1 
HETATM 974  O  O   . HOH C 3 .   ? 11.612  -15.036 -2.170  1.00 21.38 ? 10  HOH A O   1 
HETATM 975  O  O   . HOH C 3 .   ? 16.514  -6.823  10.499  1.00 24.39 ? 11  HOH A O   1 
HETATM 976  O  O   . HOH C 3 .   ? 16.134  -4.045  -0.626  1.00 29.07 ? 12  HOH A O   1 
HETATM 977  O  O   . HOH C 3 .   ? -15.438 28.480  -5.610  1.00 31.60 ? 13  HOH A O   1 
HETATM 978  O  O   . HOH C 3 .   ? -17.477 26.511  -4.757  1.00 24.98 ? 14  HOH A O   1 
HETATM 979  O  O   . HOH C 3 .   ? -16.917 25.880  -1.992  1.00 27.81 ? 15  HOH A O   1 
HETATM 980  O  O   . HOH C 3 .   ? -19.985 26.669  -0.750  1.00 20.03 ? 16  HOH A O   1 
HETATM 981  O  O   . HOH C 3 .   ? -2.033  8.040   -2.797  1.00 20.08 ? 17  HOH A O   1 
HETATM 982  O  O   . HOH C 3 .   ? 12.985  1.436   -0.370  1.00 28.12 ? 18  HOH A O   1 
HETATM 983  O  O   . HOH C 3 .   ? 13.318  4.181   3.002   1.00 20.32 ? 19  HOH A O   1 
HETATM 984  O  O   . HOH C 3 .   ? -6.540  6.469   -9.991  0.50 34.14 ? 20  HOH A O   1 
HETATM 985  O  O   . HOH C 3 .   ? -15.358 19.171  -16.710 1.00 37.07 ? 21  HOH A O   1 
HETATM 986  O  O   . HOH C 3 .   ? -21.966 22.038  -9.941  1.00 25.32 ? 22  HOH A O   1 
HETATM 987  O  O   . HOH C 3 .   ? 14.214  0.984   9.465   1.00 35.36 ? 23  HOH A O   1 
HETATM 988  O  O   . HOH C 3 .   ? 2.574   6.073   5.746   1.00 18.44 ? 24  HOH A O   1 
HETATM 989  O  O   . HOH C 3 .   ? -7.826  17.456  -15.149 1.00 19.77 ? 25  HOH A O   1 
HETATM 990  O  O   . HOH C 3 .   ? 2.411   -0.205  11.228  1.00 31.16 ? 26  HOH A O   1 
HETATM 991  O  O   . HOH C 3 .   ? -13.501 10.156  9.365   1.00 34.87 ? 27  HOH A O   1 
HETATM 992  O  O   . HOH C 3 .   ? 14.307  -2.204  -2.268  1.00 27.23 ? 28  HOH A O   1 
HETATM 993  O  O   . HOH C 3 .   ? 21.812  -2.590  5.700   1.00 31.74 ? 29  HOH A O   1 
HETATM 994  O  O   . HOH C 3 .   ? -12.039 -10.041 -5.520  1.00 25.38 ? 30  HOH A O   1 
HETATM 995  O  O   . HOH C 3 .   ? 16.163  -2.477  -10.132 1.00 26.57 ? 31  HOH A O   1 
HETATM 996  O  O   . HOH C 3 .   ? 0.335   6.529   1.436   1.00 36.96 ? 32  HOH A O   1 
HETATM 997  O  O   . HOH C 3 .   ? 9.123   -7.875  -7.422  1.00 27.99 ? 33  HOH A O   1 
HETATM 998  O  O   . HOH C 3 .   ? 11.925  -0.074  11.484  1.00 39.69 ? 34  HOH A O   1 
HETATM 999  O  O   . HOH C 3 .   ? 13.045  4.040   -1.547  1.00 22.70 ? 35  HOH A O   1 
HETATM 1000 O  O   . HOH C 3 .   ? -18.709 11.377  8.106   1.00 34.14 ? 36  HOH A O   1 
HETATM 1001 O  O   . HOH C 3 .   ? 11.082  -8.130  13.974  1.00 8.47  ? 37  HOH A O   1 
HETATM 1002 O  O   . HOH C 3 .   ? -2.961  9.499   -3.497  1.00 31.24 ? 38  HOH A O   1 
HETATM 1003 O  O   . HOH C 3 .   ? 7.213   2.446   -10.669 1.00 20.58 ? 39  HOH A O   1 
HETATM 1004 O  O   . HOH C 3 .   ? 8.055   -0.295  -12.618 1.00 23.56 ? 40  HOH A O   1 
HETATM 1005 O  O   . HOH C 3 .   ? 8.591   -3.313  -12.694 1.00 30.96 ? 41  HOH A O   1 
HETATM 1006 O  O   . HOH C 3 .   ? 12.758  2.973   -6.190  1.00 21.40 ? 42  HOH A O   1 
HETATM 1007 O  O   . HOH C 3 .   ? 16.076  0.989   -3.685  1.00 26.37 ? 43  HOH A O   1 
HETATM 1008 O  O   . HOH C 3 .   ? 13.834  4.367   5.871   1.00 36.78 ? 44  HOH A O   1 
HETATM 1009 O  O   . HOH C 3 .   ? -19.679 28.814  -6.610  1.00 30.09 ? 45  HOH A O   1 
HETATM 1010 O  O   . HOH C 3 .   ? -20.057 27.741  -3.747  1.00 36.66 ? 46  HOH A O   1 
HETATM 1011 O  O   . HOH C 3 .   ? -8.955  10.018  12.604  1.00 32.43 ? 47  HOH A O   1 
HETATM 1012 O  O   . HOH C 3 .   ? -9.814  0.776   10.564  0.50 15.76 ? 48  HOH A O   1 
HETATM 1013 O  O   . HOH C 3 .   ? -12.353 -4.655  -2.335  1.00 23.52 ? 49  HOH A O   1 
HETATM 1014 O  O   . HOH C 3 .   ? -7.963  -14.255 -13.869 0.50 14.42 ? 50  HOH A O   1 
HETATM 1015 O  O   . HOH C 3 .   ? 17.713  4.929   -2.711  1.00 26.53 ? 51  HOH A O   1 
HETATM 1016 O  O   . HOH C 3 .   ? 1.416   -12.304 12.883  1.00 29.25 ? 52  HOH A O   1 
HETATM 1017 O  O   . HOH C 3 .   ? 6.455   0.273   14.798  1.00 8.46  ? 53  HOH A O   1 
HETATM 1018 O  O   . HOH C 3 .   ? 12.426  -10.293 13.243  1.00 2.80  ? 54  HOH A O   1 
HETATM 1019 O  O   . HOH C 3 .   ? -10.384 24.186  -15.512 1.00 29.66 ? 55  HOH A O   1 
HETATM 1020 O  O   . HOH C 3 .   ? 10.327  -20.613 1.445   1.00 26.85 ? 56  HOH A O   1 
HETATM 1021 O  O   . HOH C 3 .   ? -8.566  -15.065 -9.037  0.50 6.13  ? 57  HOH A O   1 
HETATM 1022 O  O   . HOH C 3 .   ? -13.005 14.697  12.562  1.00 18.28 ? 58  HOH A O   1 
HETATM 1023 O  O   . HOH C 3 .   ? 0.250   -14.941 5.248   1.00 35.50 ? 59  HOH A O   1 
HETATM 1024 O  O   . HOH C 3 .   ? 10.075  -14.461 11.744  1.00 12.98 ? 60  HOH A O   1 
HETATM 1025 O  O   . HOH C 3 .   ? -17.062 18.569  -14.530 1.00 38.85 ? 61  HOH A O   1 
HETATM 1026 O  O   . HOH C 3 .   ? 19.933  0.401   8.088   1.00 40.19 ? 62  HOH A O   1 
HETATM 1027 O  O   . HOH C 3 .   ? 10.314  -17.086 -0.206  1.00 19.62 ? 63  HOH A O   1 
HETATM 1028 O  O   . HOH C 3 .   ? 18.422  -4.768  -7.103  1.00 42.17 ? 64  HOH A O   1 
HETATM 1029 O  O   . HOH C 3 .   ? 1.248   -14.359 -1.391  1.00 19.28 ? 65  HOH A O   1 
HETATM 1030 O  O   . HOH C 3 .   ? -10.791 3.339   7.961   1.00 27.96 ? 66  HOH A O   1 
HETATM 1031 O  O   . HOH C 3 .   ? -6.382  28.987  -13.097 1.00 32.24 ? 67  HOH A O   1 
HETATM 1032 O  O   . HOH C 3 .   ? -6.512  29.820  -17.600 1.00 43.52 ? 68  HOH A O   1 
HETATM 1033 O  O   . HOH C 3 .   ? 23.754  -5.828  9.056   1.00 27.35 ? 69  HOH A O   1 
HETATM 1034 O  O   . HOH C 3 .   ? -9.780  14.150  8.853   1.00 33.49 ? 70  HOH A O   1 
HETATM 1035 O  O   . HOH C 3 .   ? -14.834 17.444  6.108   1.00 31.07 ? 71  HOH A O   1 
HETATM 1036 O  O   . HOH C 3 .   ? -2.000  7.616   -14.845 1.00 35.62 ? 72  HOH A O   1 
HETATM 1037 O  O   . HOH C 3 .   ? 15.211  -0.122  -1.474  1.00 27.92 ? 73  HOH A O   1 
HETATM 1038 O  O   . HOH C 3 .   ? 17.594  -9.807  -4.228  1.00 36.13 ? 74  HOH A O   1 
HETATM 1039 O  O   . HOH C 3 .   ? 9.366   5.618   5.911   1.00 44.76 ? 75  HOH A O   1 
HETATM 1040 O  O   . HOH C 3 .   ? 0.952   -12.176 8.616   1.00 28.06 ? 76  HOH A O   1 
HETATM 1041 O  O   . HOH C 3 .   ? 18.314  1.677   -2.528  1.00 32.26 ? 77  HOH A O   1 
HETATM 1042 O  O   . HOH C 3 .   ? -12.713 -1.607  -7.578  1.00 18.83 ? 78  HOH A O   1 
HETATM 1043 O  O   . HOH C 3 .   ? -10.432 -5.653  1.727   1.00 14.27 ? 79  HOH A O   1 
HETATM 1044 O  O   . HOH C 3 .   ? 13.670  4.359   -3.870  1.00 31.76 ? 80  HOH A O   1 
HETATM 1045 O  O   . HOH C 3 .   ? 19.589  0.678   -0.308  1.00 38.26 ? 81  HOH A O   1 
HETATM 1046 O  O   . HOH C 3 .   ? 14.739  -12.067 -13.475 1.00 34.77 ? 82  HOH A O   1 
HETATM 1047 O  O   . HOH C 3 .   ? -8.120  -6.174  14.990  1.00 53.90 ? 83  HOH A O   1 
HETATM 1048 O  O   . HOH C 3 .   ? 15.723  -13.638 -6.525  1.00 30.02 ? 84  HOH A O   1 
HETATM 1049 O  O   . HOH C 3 .   ? -12.964 15.300  -16.816 1.00 52.07 ? 85  HOH A O   1 
HETATM 1050 O  O   . HOH C 3 .   ? -4.015  2.892   -15.896 1.00 24.96 ? 86  HOH A O   1 
HETATM 1051 O  O   . HOH C 3 .   ? -0.220  4.050   -13.605 1.00 36.13 ? 87  HOH A O   1 
HETATM 1052 O  O   . HOH C 3 .   ? 18.695  3.574   6.377   1.00 40.09 ? 88  HOH A O   1 
HETATM 1053 O  O   . HOH C 3 .   ? -22.993 29.609  0.100   1.00 28.86 ? 89  HOH A O   1 
# 
